data_9O8I
# 
_entry.id   9O8I 
# 
_audit_conform.dict_name       mmcif_pdbx.dic 
_audit_conform.dict_version    5.403 
_audit_conform.dict_location   http://mmcif.pdb.org/dictionaries/ascii/mmcif_pdbx.dic 
# 
loop_
_database_2.database_id 
_database_2.database_code 
_database_2.pdbx_database_accession 
_database_2.pdbx_DOI 
PDB   9O8I         pdb_00009o8i 10.2210/pdb9o8i/pdb 
WWPDB D_1000295087 ?            ?                   
# 
_pdbx_audit_revision_history.ordinal             1 
_pdbx_audit_revision_history.data_content_type   'Structure model' 
_pdbx_audit_revision_history.major_revision      1 
_pdbx_audit_revision_history.minor_revision      0 
_pdbx_audit_revision_history.revision_date       2025-05-28 
_pdbx_audit_revision_history.part_number         ? 
# 
_pdbx_audit_revision_details.ordinal             1 
_pdbx_audit_revision_details.revision_ordinal    1 
_pdbx_audit_revision_details.data_content_type   'Structure model' 
_pdbx_audit_revision_details.provider            repository 
_pdbx_audit_revision_details.type                'Initial release' 
_pdbx_audit_revision_details.description         ? 
_pdbx_audit_revision_details.details             ? 
# 
_pdbx_database_status.status_code                     REL 
_pdbx_database_status.status_code_sf                  REL 
_pdbx_database_status.status_code_mr                  ? 
_pdbx_database_status.entry_id                        9O8I 
_pdbx_database_status.recvd_initial_deposition_date   2025-04-16 
_pdbx_database_status.SG_entry                        N 
_pdbx_database_status.deposit_site                    RCSB 
_pdbx_database_status.process_site                    RCSB 
_pdbx_database_status.status_code_cs                  ? 
_pdbx_database_status.status_code_nmr_data            ? 
_pdbx_database_status.methods_development_category    ? 
_pdbx_database_status.pdb_format_compatible           Y 
# 
_pdbx_contact_author.id                 2 
_pdbx_contact_author.email              rs17@nyu.edu 
_pdbx_contact_author.name_first         Ruojie 
_pdbx_contact_author.name_last          Sha 
_pdbx_contact_author.name_mi            ? 
_pdbx_contact_author.role               'principal investigator/group leader' 
_pdbx_contact_author.identifier_ORCID   0000-0002-0807-734X 
# 
loop_
_audit_author.name 
_audit_author.pdbx_ordinal 
_audit_author.identifier_ORCID 
'Abi Rizk, J.'  1 0009-0000-0766-7631 
'Vecchioni, S.' 2 0000-0001-8243-650X 
'Horvath, A.'   3 0009-0008-5770-8014 
'Woloszyn, K.'  4 0000-0003-1200-583X 
'Ohayon, Y.P.'  5 0000-0001-7500-4282 
'Sha, R.'       6 0000-0002-0807-734X 
# 
_citation.abstract                  ? 
_citation.abstract_id_CAS           ? 
_citation.book_id_ISBN              ? 
_citation.book_publisher            ? 
_citation.book_publisher_city       ? 
_citation.book_title                ? 
_citation.coordinate_linkage        ? 
_citation.country                   ? 
_citation.database_id_Medline       ? 
_citation.details                   ? 
_citation.id                        primary 
_citation.journal_abbrev            'To Be Published' 
_citation.journal_id_ASTM           ? 
_citation.journal_id_CSD            0353 
_citation.journal_id_ISSN           ? 
_citation.journal_full              ? 
_citation.journal_issue             ? 
_citation.journal_volume            ? 
_citation.language                  ? 
_citation.page_first                ? 
_citation.page_last                 ? 
_citation.title                     'Shifted tensegrity triangles' 
_citation.year                      ? 
_citation.database_id_CSD           ? 
_citation.pdbx_database_id_DOI      ? 
_citation.pdbx_database_id_PubMed   ? 
_citation.pdbx_database_id_patent   ? 
_citation.unpublished_flag          ? 
# 
loop_
_citation_author.citation_id 
_citation_author.name 
_citation_author.ordinal 
_citation_author.identifier_ORCID 
primary 'Abi Rizk, J.'  1 0009-0000-0766-7631 
primary 'Vecchioni, S.' 2 0000-0001-8243-650X 
primary 'Horvath, A.'   3 0009-0008-5770-8014 
primary 'Woloszyn, K.'  4 0000-0003-1200-583X 
primary 'Ohayon, Y.P.'  5 0000-0001-7500-4282 
primary 'Sha, R.'       6 0000-0002-0807-734X 
# 
loop_
_entity.id 
_entity.type 
_entity.src_method 
_entity.pdbx_description 
_entity.formula_weight 
_entity.pdbx_number_of_molecules 
_entity.pdbx_ec 
_entity.pdbx_mutation 
_entity.pdbx_fragment 
_entity.details 
1 polymer syn 
;DNA (5'-D(P*CP*AP*CP*AP*CP*CP*GP*T)-3')
;
2371.582 1 ? ? ? ? 
2 polymer syn 
;DNA (5'-D(P*GP*AP*AP*GP*CP*TP*GP*TP*G)-3')
;
2795.847 1 ? ? ? ? 
3 polymer syn 
;DNA (5'-D(P*TP*CP*TP*GP*AP*CP*TP*CP*GP*TP*GP*CP*T)-3')
;
3933.558 1 ? ? ? ? 
4 polymer syn 
;DNA (5'-D(P*AP*CP*GP*GP*AP*CP*GP*AP*GP*TP*CP*A)-3')
;
3696.431 1 ? ? ? ? 
# 
loop_
_entity_poly.entity_id 
_entity_poly.type 
_entity_poly.nstd_linkage 
_entity_poly.nstd_monomer 
_entity_poly.pdbx_seq_one_letter_code 
_entity_poly.pdbx_seq_one_letter_code_can 
_entity_poly.pdbx_strand_id 
_entity_poly.pdbx_target_identifier 
1 polydeoxyribonucleotide no no '(DC)(DA)(DC)(DA)(DC)(DC)(DG)(DT)'                     CACACCGT      A ? 
2 polydeoxyribonucleotide no no '(DG)(DA)(DA)(DG)(DC)(DT)(DG)(DT)(DG)'                 GAAGCTGTG     B ? 
3 polydeoxyribonucleotide no no '(DT)(DC)(DT)(DG)(DA)(DC)(DT)(DC)(DG)(DT)(DG)(DC)(DT)' TCTGACTCGTGCT C ? 
4 polydeoxyribonucleotide no no '(DA)(DC)(DG)(DG)(DA)(DC)(DG)(DA)(DG)(DT)(DC)(DA)'     ACGGACGAGTCA  D ? 
# 
loop_
_entity_poly_seq.entity_id 
_entity_poly_seq.num 
_entity_poly_seq.mon_id 
_entity_poly_seq.hetero 
1 1  DC n 
1 2  DA n 
1 3  DC n 
1 4  DA n 
1 5  DC n 
1 6  DC n 
1 7  DG n 
1 8  DT n 
2 1  DG n 
2 2  DA n 
2 3  DA n 
2 4  DG n 
2 5  DC n 
2 6  DT n 
2 7  DG n 
2 8  DT n 
2 9  DG n 
3 1  DT n 
3 2  DC n 
3 3  DT n 
3 4  DG n 
3 5  DA n 
3 6  DC n 
3 7  DT n 
3 8  DC n 
3 9  DG n 
3 10 DT n 
3 11 DG n 
3 12 DC n 
3 13 DT n 
4 1  DA n 
4 2  DC n 
4 3  DG n 
4 4  DG n 
4 5  DA n 
4 6  DC n 
4 7  DG n 
4 8  DA n 
4 9  DG n 
4 10 DT n 
4 11 DC n 
4 12 DA n 
# 
loop_
_pdbx_entity_src_syn.entity_id 
_pdbx_entity_src_syn.pdbx_src_id 
_pdbx_entity_src_syn.pdbx_alt_source_flag 
_pdbx_entity_src_syn.pdbx_beg_seq_num 
_pdbx_entity_src_syn.pdbx_end_seq_num 
_pdbx_entity_src_syn.organism_scientific 
_pdbx_entity_src_syn.organism_common_name 
_pdbx_entity_src_syn.ncbi_taxonomy_id 
_pdbx_entity_src_syn.details 
1 1 sample 1 8  'synthetic construct' ? 32630 ? 
2 1 sample 1 9  'synthetic construct' ? 32630 ? 
3 1 sample 1 13 'synthetic construct' ? 32630 ? 
4 1 sample 1 12 'synthetic construct' ? 32630 ? 
# 
loop_
_chem_comp.id 
_chem_comp.type 
_chem_comp.mon_nstd_flag 
_chem_comp.name 
_chem_comp.pdbx_synonyms 
_chem_comp.formula 
_chem_comp.formula_weight 
DA 'DNA linking' y "2'-DEOXYADENOSINE-5'-MONOPHOSPHATE" ? 'C10 H14 N5 O6 P' 331.222 
DC 'DNA linking' y "2'-DEOXYCYTIDINE-5'-MONOPHOSPHATE"  ? 'C9 H14 N3 O7 P'  307.197 
DG 'DNA linking' y "2'-DEOXYGUANOSINE-5'-MONOPHOSPHATE" ? 'C10 H14 N5 O7 P' 347.221 
DT 'DNA linking' y "THYMIDINE-5'-MONOPHOSPHATE"         ? 'C10 H15 N2 O8 P' 322.208 
# 
loop_
_pdbx_poly_seq_scheme.asym_id 
_pdbx_poly_seq_scheme.entity_id 
_pdbx_poly_seq_scheme.seq_id 
_pdbx_poly_seq_scheme.mon_id 
_pdbx_poly_seq_scheme.ndb_seq_num 
_pdbx_poly_seq_scheme.pdb_seq_num 
_pdbx_poly_seq_scheme.auth_seq_num 
_pdbx_poly_seq_scheme.pdb_mon_id 
_pdbx_poly_seq_scheme.auth_mon_id 
_pdbx_poly_seq_scheme.pdb_strand_id 
_pdbx_poly_seq_scheme.pdb_ins_code 
_pdbx_poly_seq_scheme.hetero 
A 1 1  DC 1  14 14 DC DC A . n 
A 1 2  DA 2  15 15 DA DA A . n 
A 1 3  DC 3  16 16 DC DC A . n 
A 1 4  DA 4  17 17 DA DA A . n 
A 1 5  DC 5  18 18 DC DC A . n 
A 1 6  DC 6  19 19 DC DC A . n 
A 1 7  DG 7  20 20 DG DG A . n 
A 1 8  DT 8  21 21 DT DT A . n 
B 2 1  DG 1  2  2  DG DG B . n 
B 2 2  DA 2  3  3  DA DA B . n 
B 2 3  DA 3  4  4  DA DA B . n 
B 2 4  DG 4  5  5  DG DG B . n 
B 2 5  DC 5  6  6  DC DC B . n 
B 2 6  DT 6  7  7  DT DT B . n 
B 2 7  DG 7  8  8  DG DG B . n 
B 2 8  DT 8  9  9  DT DT B . n 
B 2 9  DG 9  10 10 DG DG B . n 
C 3 1  DT 1  0  0  DT DT C . n 
C 3 2  DC 2  1  1  DC DC C . n 
C 3 3  DT 3  2  2  DT DT C . n 
C 3 4  DG 4  3  3  DG DG C . n 
C 3 5  DA 5  4  4  DA DA C . n 
C 3 6  DC 6  5  5  DC DC C . n 
C 3 7  DT 7  6  6  DT DT C . n 
C 3 8  DC 8  7  7  DC DC C . n 
C 3 9  DG 9  8  8  DG DG C . n 
C 3 10 DT 10 9  9  DT DT C . n 
C 3 11 DG 11 10 10 DG DG C . n 
C 3 12 DC 12 11 11 DC DC C . n 
C 3 13 DT 13 12 12 DT DT C . n 
D 4 1  DA 1  11 11 DA DA D . n 
D 4 2  DC 2  12 12 DC DC D . n 
D 4 3  DG 3  13 13 DG DG D . n 
D 4 4  DG 4  14 14 DG DG D . n 
D 4 5  DA 5  15 15 DA DA D . n 
D 4 6  DC 6  16 16 DC DC D . n 
D 4 7  DG 7  17 17 DG DG D . n 
D 4 8  DA 8  18 18 DA DA D . n 
D 4 9  DG 9  19 19 DG DG D . n 
D 4 10 DT 10 20 20 DT DT D . n 
D 4 11 DC 11 21 21 DC DC D . n 
D 4 12 DA 12 22 22 DA DA D . n 
# 
loop_
_software.citation_id 
_software.classification 
_software.compiler_name 
_software.compiler_version 
_software.contact_author 
_software.contact_author_email 
_software.date 
_software.description 
_software.dependencies 
_software.hardware 
_software.language 
_software.location 
_software.mods 
_software.name 
_software.os 
_software.os_version 
_software.type 
_software.version 
_software.pdbx_reference_DOI 
_software.pdbx_ordinal 
? refinement       ? ? ? ? ? ? ? ? ? ? ? PHENIX    ? ? ? 1.21.2_5419 ? 1 
? 'data reduction' ? ? ? ? ? ? ? ? ? ? ? autoPROC  ? ? ? .           ? 2 
? 'data scaling'   ? ? ? ? ? ? ? ? ? ? ? STARANISO ? ? ? .           ? 3 
? phasing          ? ? ? ? ? ? ? ? ? ? ? PHASER    ? ? ? .           ? 4 
# 
_cell.angle_alpha                  90.000 
_cell.angle_alpha_esd              ? 
_cell.angle_beta                   90.000 
_cell.angle_beta_esd               ? 
_cell.angle_gamma                  120.000 
_cell.angle_gamma_esd              ? 
_cell.entry_id                     9O8I 
_cell.details                      ? 
_cell.formula_units_Z              ? 
_cell.length_a                     110.293 
_cell.length_a_esd                 ? 
_cell.length_b                     110.293 
_cell.length_b_esd                 ? 
_cell.length_c                     67.153 
_cell.length_c_esd                 ? 
_cell.volume                       707443.809 
_cell.volume_esd                   ? 
_cell.Z_PDB                        9 
_cell.reciprocal_angle_alpha       ? 
_cell.reciprocal_angle_beta        ? 
_cell.reciprocal_angle_gamma       ? 
_cell.reciprocal_angle_alpha_esd   ? 
_cell.reciprocal_angle_beta_esd    ? 
_cell.reciprocal_angle_gamma_esd   ? 
_cell.reciprocal_length_a          ? 
_cell.reciprocal_length_b          ? 
_cell.reciprocal_length_c          ? 
_cell.reciprocal_length_a_esd      ? 
_cell.reciprocal_length_b_esd      ? 
_cell.reciprocal_length_c_esd      ? 
_cell.pdbx_unique_axis             ? 
_cell.pdbx_esd_method              ? 
# 
_symmetry.entry_id                         9O8I 
_symmetry.cell_setting                     ? 
_symmetry.Int_Tables_number                146 
_symmetry.space_group_name_Hall            'H 3' 
_symmetry.space_group_name_H-M             'H 3' 
_symmetry.pdbx_full_space_group_name_H-M   ? 
# 
_exptl.absorpt_coefficient_mu     ? 
_exptl.absorpt_correction_T_max   ? 
_exptl.absorpt_correction_T_min   ? 
_exptl.absorpt_correction_type    ? 
_exptl.absorpt_process_details    ? 
_exptl.entry_id                   9O8I 
_exptl.crystals_number            1 
_exptl.details                    ? 
_exptl.method                     'X-RAY DIFFRACTION' 
_exptl.method_details             ? 
# 
_exptl_crystal.colour                       ? 
_exptl_crystal.density_diffrn               ? 
_exptl_crystal.density_Matthews             8.41 
_exptl_crystal.density_method               ? 
_exptl_crystal.density_percent_sol          79.97 
_exptl_crystal.description                  ? 
_exptl_crystal.F_000                        ? 
_exptl_crystal.id                           1 
_exptl_crystal.preparation                  ? 
_exptl_crystal.size_max                     ? 
_exptl_crystal.size_mid                     ? 
_exptl_crystal.size_min                     ? 
_exptl_crystal.size_rad                     ? 
_exptl_crystal.colour_lustre                ? 
_exptl_crystal.colour_modifier              ? 
_exptl_crystal.colour_primary               ? 
_exptl_crystal.density_meas                 ? 
_exptl_crystal.density_meas_esd             ? 
_exptl_crystal.density_meas_gt              ? 
_exptl_crystal.density_meas_lt              ? 
_exptl_crystal.density_meas_temp            ? 
_exptl_crystal.density_meas_temp_esd        ? 
_exptl_crystal.density_meas_temp_gt         ? 
_exptl_crystal.density_meas_temp_lt         ? 
_exptl_crystal.pdbx_crystal_image_url       ? 
_exptl_crystal.pdbx_crystal_image_format    ? 
_exptl_crystal.pdbx_mosaicity               ? 
_exptl_crystal.pdbx_mosaicity_esd           ? 
_exptl_crystal.pdbx_mosaic_method           ? 
_exptl_crystal.pdbx_mosaic_block_size       ? 
_exptl_crystal.pdbx_mosaic_block_size_esd   ? 
# 
_exptl_crystal_grow.apparatus       ? 
_exptl_crystal_grow.atmosphere      ? 
_exptl_crystal_grow.crystal_id      1 
_exptl_crystal_grow.details         ? 
_exptl_crystal_grow.method          'VAPOR DIFFUSION, HANGING DROP' 
_exptl_crystal_grow.method_ref      ? 
_exptl_crystal_grow.pH              ? 
_exptl_crystal_grow.pressure        ? 
_exptl_crystal_grow.pressure_esd    ? 
_exptl_crystal_grow.seeding         ? 
_exptl_crystal_grow.seeding_ref     ? 
_exptl_crystal_grow.temp_details    '338-293 at 0.4/hr' 
_exptl_crystal_grow.temp_esd        ? 
_exptl_crystal_grow.time            ? 
_exptl_crystal_grow.pdbx_details    '100 mM MOPS, 1.25 M magnesium sulfate' 
_exptl_crystal_grow.pdbx_pH_range   ? 
_exptl_crystal_grow.temp            293 
# 
_diffrn.ambient_environment              ? 
_diffrn.ambient_temp                     100 
_diffrn.ambient_temp_details             ? 
_diffrn.ambient_temp_esd                 ? 
_diffrn.crystal_id                       1 
_diffrn.crystal_support                  ? 
_diffrn.crystal_treatment                ? 
_diffrn.details                          ? 
_diffrn.id                               1 
_diffrn.ambient_pressure                 ? 
_diffrn.ambient_pressure_esd             ? 
_diffrn.ambient_pressure_gt              ? 
_diffrn.ambient_pressure_lt              ? 
_diffrn.ambient_temp_gt                  ? 
_diffrn.ambient_temp_lt                  ? 
_diffrn.pdbx_serial_crystal_experiment   N 
# 
_diffrn_detector.details                      ? 
_diffrn_detector.detector                     PIXEL 
_diffrn_detector.diffrn_id                    1 
_diffrn_detector.type                         'DECTRIS EIGER2 X 9M' 
_diffrn_detector.area_resol_mean              ? 
_diffrn_detector.dtime                        ? 
_diffrn_detector.pdbx_frames_total            ? 
_diffrn_detector.pdbx_collection_time_total   ? 
_diffrn_detector.pdbx_collection_date         2023-03-19 
_diffrn_detector.pdbx_frequency               ? 
_diffrn_detector.id                           ? 
_diffrn_detector.number_of_axes               ? 
# 
_diffrn_radiation.collimation                      ? 
_diffrn_radiation.diffrn_id                        1 
_diffrn_radiation.filter_edge                      ? 
_diffrn_radiation.inhomogeneity                    ? 
_diffrn_radiation.monochromator                    ? 
_diffrn_radiation.polarisn_norm                    ? 
_diffrn_radiation.polarisn_ratio                   ? 
_diffrn_radiation.probe                            ? 
_diffrn_radiation.type                             ? 
_diffrn_radiation.xray_symbol                      ? 
_diffrn_radiation.wavelength_id                    1 
_diffrn_radiation.pdbx_monochromatic_or_laue_m_l   M 
_diffrn_radiation.pdbx_wavelength_list             ? 
_diffrn_radiation.pdbx_wavelength                  ? 
_diffrn_radiation.pdbx_diffrn_protocol             'SINGLE WAVELENGTH' 
_diffrn_radiation.pdbx_analyzer                    ? 
_diffrn_radiation.pdbx_scattering_type             x-ray 
# 
_diffrn_radiation_wavelength.id           1 
_diffrn_radiation_wavelength.wavelength   0.991870 
_diffrn_radiation_wavelength.wt           1.0 
# 
_diffrn_source.current                     ? 
_diffrn_source.details                     ? 
_diffrn_source.diffrn_id                   1 
_diffrn_source.power                       ? 
_diffrn_source.size                        ? 
_diffrn_source.source                      SYNCHROTRON 
_diffrn_source.target                      ? 
_diffrn_source.type                        'APS BEAMLINE 17-ID' 
_diffrn_source.voltage                     ? 
_diffrn_source.take-off_angle              ? 
_diffrn_source.pdbx_wavelength_list        0.991870 
_diffrn_source.pdbx_wavelength             ? 
_diffrn_source.pdbx_synchrotron_beamline   17-ID 
_diffrn_source.pdbx_synchrotron_site       APS 
# 
_reflns.B_iso_Wilson_estimate                          106.04 
_reflns.entry_id                                       9O8I 
_reflns.data_reduction_details                         ? 
_reflns.data_reduction_method                          ? 
_reflns.d_resolution_high                              3.166 
_reflns.d_resolution_low                               55.147 
_reflns.details                                        ? 
_reflns.limit_h_max                                    ? 
_reflns.limit_h_min                                    ? 
_reflns.limit_k_max                                    ? 
_reflns.limit_k_min                                    ? 
_reflns.limit_l_max                                    ? 
_reflns.limit_l_min                                    ? 
_reflns.number_all                                     ? 
_reflns.number_obs                                     3450 
_reflns.observed_criterion                             ? 
_reflns.observed_criterion_F_max                       ? 
_reflns.observed_criterion_F_min                       ? 
_reflns.observed_criterion_I_max                       ? 
_reflns.observed_criterion_I_min                       ? 
_reflns.observed_criterion_sigma_F                     ? 
_reflns.observed_criterion_sigma_I                     ? 
_reflns.percent_possible_obs                           80.9 
_reflns.R_free_details                                 ? 
_reflns.Rmerge_F_all                                   ? 
_reflns.Rmerge_F_obs                                   ? 
_reflns.Friedel_coverage                               ? 
_reflns.number_gt                                      ? 
_reflns.threshold_expression                           ? 
_reflns.pdbx_redundancy                                9.0 
_reflns.pdbx_netI_over_av_sigmaI                       ? 
_reflns.pdbx_netI_over_sigmaI                          6.9 
_reflns.pdbx_res_netI_over_av_sigmaI_2                 ? 
_reflns.pdbx_res_netI_over_sigmaI_2                    ? 
_reflns.pdbx_chi_squared                               ? 
_reflns.pdbx_scaling_rejects                           ? 
_reflns.pdbx_d_res_high_opt                            ? 
_reflns.pdbx_d_res_low_opt                             ? 
_reflns.pdbx_d_res_opt_method                          ? 
_reflns.phase_calculation_details                      ? 
_reflns.pdbx_Rrim_I_all                                ? 
_reflns.pdbx_Rpim_I_all                                ? 
_reflns.pdbx_d_opt                                     ? 
_reflns.pdbx_number_measured_all                       ? 
_reflns.pdbx_diffrn_id                                 1 
_reflns.pdbx_ordinal                                   1 
_reflns.pdbx_CC_half                                   .998 
_reflns.pdbx_CC_star                                   ? 
_reflns.pdbx_R_split                                   ? 
_reflns.pdbx_Rmerge_I_obs                              ? 
_reflns.pdbx_Rmerge_I_all                              ? 
_reflns.pdbx_Rsym_value                                ? 
_reflns.pdbx_CC_split_method                           ? 
_reflns.pdbx_aniso_diffraction_limit_axis_1_ortho[1]   ? 
_reflns.pdbx_aniso_diffraction_limit_axis_1_ortho[2]   ? 
_reflns.pdbx_aniso_diffraction_limit_axis_1_ortho[3]   ? 
_reflns.pdbx_aniso_diffraction_limit_axis_2_ortho[1]   ? 
_reflns.pdbx_aniso_diffraction_limit_axis_2_ortho[2]   ? 
_reflns.pdbx_aniso_diffraction_limit_axis_2_ortho[3]   ? 
_reflns.pdbx_aniso_diffraction_limit_axis_3_ortho[1]   ? 
_reflns.pdbx_aniso_diffraction_limit_axis_3_ortho[2]   ? 
_reflns.pdbx_aniso_diffraction_limit_axis_3_ortho[3]   ? 
_reflns.pdbx_aniso_diffraction_limit_1                 ? 
_reflns.pdbx_aniso_diffraction_limit_2                 ? 
_reflns.pdbx_aniso_diffraction_limit_3                 ? 
_reflns.pdbx_aniso_B_tensor_eigenvector_1_ortho[1]     ? 
_reflns.pdbx_aniso_B_tensor_eigenvector_1_ortho[2]     ? 
_reflns.pdbx_aniso_B_tensor_eigenvector_1_ortho[3]     ? 
_reflns.pdbx_aniso_B_tensor_eigenvector_2_ortho[1]     ? 
_reflns.pdbx_aniso_B_tensor_eigenvector_2_ortho[2]     ? 
_reflns.pdbx_aniso_B_tensor_eigenvector_2_ortho[3]     ? 
_reflns.pdbx_aniso_B_tensor_eigenvector_3_ortho[1]     ? 
_reflns.pdbx_aniso_B_tensor_eigenvector_3_ortho[2]     ? 
_reflns.pdbx_aniso_B_tensor_eigenvector_3_ortho[3]     ? 
_reflns.pdbx_aniso_B_tensor_eigenvalue_1               ? 
_reflns.pdbx_aniso_B_tensor_eigenvalue_2               ? 
_reflns.pdbx_aniso_B_tensor_eigenvalue_3               ? 
_reflns.pdbx_orthogonalization_convention              ? 
_reflns.pdbx_percent_possible_ellipsoidal              ? 
_reflns.pdbx_percent_possible_spherical                ? 
_reflns.pdbx_percent_possible_ellipsoidal_anomalous    ? 
_reflns.pdbx_percent_possible_spherical_anomalous      ? 
_reflns.pdbx_redundancy_anomalous                      ? 
_reflns.pdbx_CC_half_anomalous                         ? 
_reflns.pdbx_absDiff_over_sigma_anomalous              ? 
_reflns.pdbx_percent_possible_anomalous                ? 
_reflns.pdbx_observed_signal_threshold                 ? 
_reflns.pdbx_signal_type                               ? 
_reflns.pdbx_signal_details                            ? 
_reflns.pdbx_signal_software_id                        ? 
# 
loop_
_reflns_shell.d_res_high 
_reflns_shell.d_res_low 
_reflns_shell.meanI_over_sigI_all 
_reflns_shell.meanI_over_sigI_obs 
_reflns_shell.number_measured_all 
_reflns_shell.number_measured_obs 
_reflns_shell.number_possible 
_reflns_shell.number_unique_all 
_reflns_shell.number_unique_obs 
_reflns_shell.percent_possible_obs 
_reflns_shell.Rmerge_F_all 
_reflns_shell.Rmerge_F_obs 
_reflns_shell.meanI_over_sigI_gt 
_reflns_shell.meanI_over_uI_all 
_reflns_shell.meanI_over_uI_gt 
_reflns_shell.number_measured_gt 
_reflns_shell.number_unique_gt 
_reflns_shell.percent_possible_gt 
_reflns_shell.Rmerge_F_gt 
_reflns_shell.Rmerge_I_gt 
_reflns_shell.pdbx_redundancy 
_reflns_shell.pdbx_chi_squared 
_reflns_shell.pdbx_netI_over_sigmaI_all 
_reflns_shell.pdbx_netI_over_sigmaI_obs 
_reflns_shell.pdbx_Rrim_I_all 
_reflns_shell.pdbx_Rpim_I_all 
_reflns_shell.pdbx_rejects 
_reflns_shell.pdbx_ordinal 
_reflns_shell.pdbx_diffrn_id 
_reflns_shell.pdbx_CC_half 
_reflns_shell.pdbx_CC_star 
_reflns_shell.pdbx_R_split 
_reflns_shell.percent_possible_all 
_reflns_shell.Rmerge_I_all 
_reflns_shell.Rmerge_I_obs 
_reflns_shell.pdbx_Rsym_value 
_reflns_shell.pdbx_percent_possible_ellipsoidal 
_reflns_shell.pdbx_percent_possible_spherical 
_reflns_shell.pdbx_percent_possible_ellipsoidal_anomalous 
_reflns_shell.pdbx_percent_possible_spherical_anomalous 
_reflns_shell.pdbx_redundancy_anomalous 
_reflns_shell.pdbx_CC_half_anomalous 
_reflns_shell.pdbx_absDiff_over_sigma_anomalous 
_reflns_shell.pdbx_percent_possible_anomalous 
3.166 3.485  ? ? ? ? ? ? 204 ? ? ? ? ? ? ? ? ? ? ? ? ? ? ? ? ? ? 1 1 .806 ? ? ? ? ? ? ? ? ? ? ? ? ? ? 
9.320 55.146 ? ? ? ? ? ? 203 ? ? ? ? ? ? ? ? ? ? ? ? ? ? ? ? ? ? 2 1 .998 ? ? ? ? ? ? ? ? ? ? ? ? ? ? 
# 
_refine.aniso_B[1][1]                            ? 
_refine.aniso_B[1][2]                            ? 
_refine.aniso_B[1][3]                            ? 
_refine.aniso_B[2][2]                            ? 
_refine.aniso_B[2][3]                            ? 
_refine.aniso_B[3][3]                            ? 
_refine.B_iso_max                                ? 
_refine.B_iso_mean                               203.64 
_refine.B_iso_min                                ? 
_refine.correlation_coeff_Fo_to_Fc               ? 
_refine.correlation_coeff_Fo_to_Fc_free          ? 
_refine.details                                  ? 
_refine.diff_density_max                         ? 
_refine.diff_density_max_esd                     ? 
_refine.diff_density_min                         ? 
_refine.diff_density_min_esd                     ? 
_refine.diff_density_rms                         ? 
_refine.diff_density_rms_esd                     ? 
_refine.entry_id                                 9O8I 
_refine.pdbx_refine_id                           'X-RAY DIFFRACTION' 
_refine.ls_abs_structure_details                 ? 
_refine.ls_abs_structure_Flack                   ? 
_refine.ls_abs_structure_Flack_esd               ? 
_refine.ls_abs_structure_Rogers                  ? 
_refine.ls_abs_structure_Rogers_esd              ? 
_refine.ls_d_res_high                            3.17 
_refine.ls_d_res_low                             31.84 
_refine.ls_extinction_coef                       ? 
_refine.ls_extinction_coef_esd                   ? 
_refine.ls_extinction_expression                 ? 
_refine.ls_extinction_method                     ? 
_refine.ls_goodness_of_fit_all                   ? 
_refine.ls_goodness_of_fit_all_esd               ? 
_refine.ls_goodness_of_fit_obs                   ? 
_refine.ls_goodness_of_fit_obs_esd               ? 
_refine.ls_hydrogen_treatment                    ? 
_refine.ls_matrix_type                           ? 
_refine.ls_number_constraints                    ? 
_refine.ls_number_parameters                     ? 
_refine.ls_number_reflns_all                     ? 
_refine.ls_number_reflns_obs                     3407 
_refine.ls_number_reflns_R_free                  182 
_refine.ls_number_reflns_R_work                  3225 
_refine.ls_number_restraints                     ? 
_refine.ls_percent_reflns_obs                    65.51 
_refine.ls_percent_reflns_R_free                 5.34 
_refine.ls_R_factor_all                          ? 
_refine.ls_R_factor_obs                          0.2234 
_refine.ls_R_factor_R_free                       0.2573 
_refine.ls_R_factor_R_free_error                 ? 
_refine.ls_R_factor_R_free_error_details         ? 
_refine.ls_R_factor_R_work                       0.2208 
_refine.ls_R_Fsqd_factor_obs                     ? 
_refine.ls_R_I_factor_obs                        ? 
_refine.ls_redundancy_reflns_all                 ? 
_refine.ls_redundancy_reflns_obs                 ? 
_refine.ls_restrained_S_all                      ? 
_refine.ls_restrained_S_obs                      ? 
_refine.ls_shift_over_esd_max                    ? 
_refine.ls_shift_over_esd_mean                   ? 
_refine.ls_structure_factor_coef                 ? 
_refine.ls_weighting_details                     ? 
_refine.ls_weighting_scheme                      ? 
_refine.ls_wR_factor_all                         ? 
_refine.ls_wR_factor_obs                         ? 
_refine.ls_wR_factor_R_free                      ? 
_refine.ls_wR_factor_R_work                      ? 
_refine.occupancy_max                            ? 
_refine.occupancy_min                            ? 
_refine.solvent_model_details                    'FLAT BULK SOLVENT MODEL' 
_refine.solvent_model_param_bsol                 ? 
_refine.solvent_model_param_ksol                 ? 
_refine.correlation_coeff_I_to_Fcsqd_work        ? 
_refine.correlation_coeff_I_to_Fcsqd_free        ? 
_refine.pdbx_R_complete                          ? 
_refine.ls_R_factor_gt                           ? 
_refine.ls_goodness_of_fit_gt                    ? 
_refine.ls_goodness_of_fit_ref                   ? 
_refine.ls_shift_over_su_max                     ? 
_refine.ls_shift_over_su_max_lt                  ? 
_refine.ls_shift_over_su_mean                    ? 
_refine.ls_shift_over_su_mean_lt                 ? 
_refine.pdbx_ls_sigma_I                          ? 
_refine.pdbx_ls_sigma_F                          1.96 
_refine.pdbx_ls_sigma_Fsqd                       ? 
_refine.pdbx_data_cutoff_high_absF               ? 
_refine.pdbx_data_cutoff_high_rms_absF           ? 
_refine.pdbx_data_cutoff_low_absF                ? 
_refine.pdbx_isotropic_thermal_model             ? 
_refine.pdbx_ls_cross_valid_method               'FREE R-VALUE' 
_refine.pdbx_method_to_determine_struct          'MOLECULAR REPLACEMENT' 
_refine.pdbx_starting_model                      ? 
_refine.pdbx_stereochemistry_target_values       'GeoStd + Monomer Library + CDL v1.2' 
_refine.pdbx_R_Free_selection_details            ? 
_refine.pdbx_stereochem_target_val_spec_case     ? 
_refine.pdbx_overall_ESU_R                       ? 
_refine.pdbx_overall_ESU_R_Free                  ? 
_refine.pdbx_solvent_vdw_probe_radii             1.1000 
_refine.pdbx_solvent_ion_probe_radii             ? 
_refine.pdbx_solvent_shrinkage_radii             0.9000 
_refine.pdbx_real_space_R                        ? 
_refine.pdbx_density_correlation                 ? 
_refine.pdbx_pd_number_of_powder_patterns        ? 
_refine.pdbx_pd_number_of_points                 ? 
_refine.pdbx_pd_meas_number_of_points            ? 
_refine.pdbx_pd_proc_ls_prof_R_factor            ? 
_refine.pdbx_pd_proc_ls_prof_wR_factor           ? 
_refine.pdbx_pd_Marquardt_correlation_coeff      ? 
_refine.pdbx_pd_Fsqrd_R_factor                   ? 
_refine.pdbx_pd_ls_matrix_band_width             ? 
_refine.pdbx_overall_phase_error                 34.2617 
_refine.pdbx_overall_SU_R_free_Cruickshank_DPI   ? 
_refine.pdbx_overall_SU_R_free_Blow_DPI          ? 
_refine.pdbx_overall_SU_R_Blow_DPI               ? 
_refine.pdbx_TLS_residual_ADP_flag               ? 
_refine.pdbx_diffrn_id                           1 
_refine.overall_SU_B                             ? 
_refine.overall_SU_ML                            0.0000 
_refine.overall_SU_R_Cruickshank_DPI             ? 
_refine.overall_SU_R_free                        ? 
_refine.overall_FOM_free_R_set                   ? 
_refine.overall_FOM_work_R_set                   ? 
_refine.pdbx_average_fsc_overall                 ? 
_refine.pdbx_average_fsc_work                    ? 
_refine.pdbx_average_fsc_free                    ? 
# 
_refine_hist.pdbx_refine_id                   'X-RAY DIFFRACTION' 
_refine_hist.cycle_id                         LAST 
_refine_hist.details                          ? 
_refine_hist.d_res_high                       3.17 
_refine_hist.d_res_low                        31.84 
_refine_hist.number_atoms_solvent             0 
_refine_hist.number_atoms_total               861 
_refine_hist.number_reflns_all                ? 
_refine_hist.number_reflns_obs                ? 
_refine_hist.number_reflns_R_free             ? 
_refine_hist.number_reflns_R_work             ? 
_refine_hist.R_factor_all                     ? 
_refine_hist.R_factor_obs                     ? 
_refine_hist.R_factor_R_free                  ? 
_refine_hist.R_factor_R_work                  ? 
_refine_hist.pdbx_number_residues_total       ? 
_refine_hist.pdbx_B_iso_mean_ligand           ? 
_refine_hist.pdbx_B_iso_mean_solvent          ? 
_refine_hist.pdbx_number_atoms_protein        0 
_refine_hist.pdbx_number_atoms_nucleic_acid   861 
_refine_hist.pdbx_number_atoms_ligand         0 
_refine_hist.pdbx_number_atoms_lipid          ? 
_refine_hist.pdbx_number_atoms_carb           ? 
_refine_hist.pdbx_pseudo_atom_details         ? 
# 
loop_
_refine_ls_restr.pdbx_refine_id 
_refine_ls_restr.criterion 
_refine_ls_restr.dev_ideal 
_refine_ls_restr.dev_ideal_target 
_refine_ls_restr.number 
_refine_ls_restr.rejects 
_refine_ls_restr.type 
_refine_ls_restr.weight 
_refine_ls_restr.pdbx_Zscore 
_refine_ls_restr.pdbx_restraint_function 
'X-RAY DIFFRACTION' ? 0.0045  ? 962  ? f_bond_d           ? ? ? 
'X-RAY DIFFRACTION' ? 0.7133  ? 1475 ? f_angle_d          ? ? ? 
'X-RAY DIFFRACTION' ? 0.0368  ? 168  ? f_chiral_restr     ? ? ? 
'X-RAY DIFFRACTION' ? 0.0045  ? 42   ? f_plane_restr      ? ? ? 
'X-RAY DIFFRACTION' ? 36.3576 ? 444  ? f_dihedral_angle_d ? ? ? 
# 
_refine_ls_shell.pdbx_refine_id                      'X-RAY DIFFRACTION' 
_refine_ls_shell.d_res_high                          3.17 
_refine_ls_shell.d_res_low                           31.84 
_refine_ls_shell.number_reflns_all                   ? 
_refine_ls_shell.number_reflns_obs                   ? 
_refine_ls_shell.number_reflns_R_free                182 
_refine_ls_shell.number_reflns_R_work                3225 
_refine_ls_shell.percent_reflns_obs                  65.51 
_refine_ls_shell.percent_reflns_R_free               ? 
_refine_ls_shell.R_factor_all                        ? 
_refine_ls_shell.R_factor_obs                        ? 
_refine_ls_shell.R_factor_R_free_error               ? 
_refine_ls_shell.R_factor_R_work                     0.2208 
_refine_ls_shell.redundancy_reflns_all               ? 
_refine_ls_shell.redundancy_reflns_obs               ? 
_refine_ls_shell.wR_factor_all                       ? 
_refine_ls_shell.wR_factor_obs                       ? 
_refine_ls_shell.wR_factor_R_free                    ? 
_refine_ls_shell.wR_factor_R_work                    ? 
_refine_ls_shell.pdbx_R_complete                     ? 
_refine_ls_shell.correlation_coeff_Fo_to_Fc          ? 
_refine_ls_shell.correlation_coeff_Fo_to_Fc_free     ? 
_refine_ls_shell.correlation_coeff_I_to_Fcsqd_work   ? 
_refine_ls_shell.correlation_coeff_I_to_Fcsqd_free   ? 
_refine_ls_shell.pdbx_total_number_of_bins_used      ? 
_refine_ls_shell.pdbx_phase_error                    ? 
_refine_ls_shell.pdbx_fsc_work                       ? 
_refine_ls_shell.pdbx_fsc_free                       ? 
_refine_ls_shell.R_factor_R_free                     0.2573 
# 
_struct.entry_id                     9O8I 
_struct.title                        
;[3,8,8,P-2] Shifted tensegrity triangle with an (arm, center, arm) distribution of (3, 8, 8) base pairs, 2 nt sticky ends, and 5' phosphates
;
_struct.pdbx_model_details           ? 
_struct.pdbx_formula_weight          ? 
_struct.pdbx_formula_weight_method   ? 
_struct.pdbx_model_type_details      ? 
_struct.pdbx_CASP_flag               N 
# 
_struct_keywords.entry_id        9O8I 
_struct_keywords.text            'Tensegrity Triangle, DNA' 
_struct_keywords.pdbx_keywords   DNA 
# 
loop_
_struct_asym.id 
_struct_asym.pdbx_blank_PDB_chainid_flag 
_struct_asym.pdbx_modified 
_struct_asym.entity_id 
_struct_asym.details 
A N N 1 ? 
B N N 2 ? 
C N N 3 ? 
D N N 4 ? 
# 
loop_
_struct_ref.id 
_struct_ref.db_name 
_struct_ref.db_code 
_struct_ref.pdbx_db_accession 
_struct_ref.pdbx_db_isoform 
_struct_ref.entity_id 
_struct_ref.pdbx_seq_one_letter_code 
_struct_ref.pdbx_align_begin 
1 PDB 9O8I 9O8I ? 1 ? 1 
2 PDB 9O8I 9O8I ? 2 ? 1 
3 PDB 9O8I 9O8I ? 3 ? 1 
4 PDB 9O8I 9O8I ? 4 ? 1 
# 
loop_
_struct_ref_seq.align_id 
_struct_ref_seq.ref_id 
_struct_ref_seq.pdbx_PDB_id_code 
_struct_ref_seq.pdbx_strand_id 
_struct_ref_seq.seq_align_beg 
_struct_ref_seq.pdbx_seq_align_beg_ins_code 
_struct_ref_seq.seq_align_end 
_struct_ref_seq.pdbx_seq_align_end_ins_code 
_struct_ref_seq.pdbx_db_accession 
_struct_ref_seq.db_align_beg 
_struct_ref_seq.pdbx_db_align_beg_ins_code 
_struct_ref_seq.db_align_end 
_struct_ref_seq.pdbx_db_align_end_ins_code 
_struct_ref_seq.pdbx_auth_seq_align_beg 
_struct_ref_seq.pdbx_auth_seq_align_end 
1 1 9O8I A 1 ? 8  ? 9O8I 14 ? 21 ? 14 21 
2 2 9O8I B 1 ? 9  ? 9O8I 2  ? 10 ? 2  10 
3 3 9O8I C 1 ? 13 ? 9O8I 0  ? 12 ? 0  12 
4 4 9O8I D 1 ? 12 ? 9O8I 11 ? 22 ? 11 22 
# 
_pdbx_struct_assembly.id                   1 
_pdbx_struct_assembly.details              author_defined_assembly 
_pdbx_struct_assembly.method_details       ? 
_pdbx_struct_assembly.oligomeric_details   dodecameric 
_pdbx_struct_assembly.oligomeric_count     12 
# 
loop_
_pdbx_struct_assembly_gen.assembly_id 
_pdbx_struct_assembly_gen.oper_expression 
_pdbx_struct_assembly_gen.asym_id_list 
1 1 A,B,C,D 
1 2 A,B,C,D 
1 3 A,B,C,D 
# 
_pdbx_struct_assembly_auth_evidence.id                     1 
_pdbx_struct_assembly_auth_evidence.assembly_id            1 
_pdbx_struct_assembly_auth_evidence.experimental_support   'native gel electrophoresis' 
_pdbx_struct_assembly_auth_evidence.details                ? 
# 
loop_
_pdbx_struct_oper_list.id 
_pdbx_struct_oper_list.type 
_pdbx_struct_oper_list.name 
_pdbx_struct_oper_list.symmetry_operation 
_pdbx_struct_oper_list.matrix[1][1] 
_pdbx_struct_oper_list.matrix[1][2] 
_pdbx_struct_oper_list.matrix[1][3] 
_pdbx_struct_oper_list.vector[1] 
_pdbx_struct_oper_list.matrix[2][1] 
_pdbx_struct_oper_list.matrix[2][2] 
_pdbx_struct_oper_list.matrix[2][3] 
_pdbx_struct_oper_list.vector[2] 
_pdbx_struct_oper_list.matrix[3][1] 
_pdbx_struct_oper_list.matrix[3][2] 
_pdbx_struct_oper_list.matrix[3][3] 
_pdbx_struct_oper_list.vector[3] 
1 'identity operation'         1_555 x,y,z     1.0000000000  0.0000000000  0.0000000000  0.0000000000  0.0000000000  1.0000000000 0.0000000000  0.0000000000  0.0000000000  0.0000000000  1.0000000000 0.0000000000   
2 'crystal symmetry operation' 2_555 -y,x-y,z  -0.1970531516 0.1304764905  0.9716717249  19.5974085731 -0.9739773526 0.0871440058 -0.2092224625 30.5607803537 -0.1119739791 -0.9876141998 0.1099091458 16.1732403254  
3 'crystal symmetry operation' 3_555 -x+y,-x,z -0.1970531516 -0.9739773526 -0.1119739791 35.4382211401 0.1304764905  0.0871440058 -0.9876141998 10.7527318875 0.9716717249  -0.2092224625 0.1099091458 -14.4258330993 
# 
loop_
_struct_conn.id 
_struct_conn.conn_type_id 
_struct_conn.pdbx_leaving_atom_flag 
_struct_conn.pdbx_PDB_id 
_struct_conn.ptnr1_label_asym_id 
_struct_conn.ptnr1_label_comp_id 
_struct_conn.ptnr1_label_seq_id 
_struct_conn.ptnr1_label_atom_id 
_struct_conn.pdbx_ptnr1_label_alt_id 
_struct_conn.pdbx_ptnr1_PDB_ins_code 
_struct_conn.pdbx_ptnr1_standard_comp_id 
_struct_conn.ptnr1_symmetry 
_struct_conn.ptnr2_label_asym_id 
_struct_conn.ptnr2_label_comp_id 
_struct_conn.ptnr2_label_seq_id 
_struct_conn.ptnr2_label_atom_id 
_struct_conn.pdbx_ptnr2_label_alt_id 
_struct_conn.pdbx_ptnr2_PDB_ins_code 
_struct_conn.ptnr1_auth_asym_id 
_struct_conn.ptnr1_auth_comp_id 
_struct_conn.ptnr1_auth_seq_id 
_struct_conn.ptnr2_auth_asym_id 
_struct_conn.ptnr2_auth_comp_id 
_struct_conn.ptnr2_auth_seq_id 
_struct_conn.ptnr2_symmetry 
_struct_conn.pdbx_ptnr3_label_atom_id 
_struct_conn.pdbx_ptnr3_label_seq_id 
_struct_conn.pdbx_ptnr3_label_comp_id 
_struct_conn.pdbx_ptnr3_label_asym_id 
_struct_conn.pdbx_ptnr3_label_alt_id 
_struct_conn.pdbx_ptnr3_PDB_ins_code 
_struct_conn.details 
_struct_conn.pdbx_dist_value 
_struct_conn.pdbx_value_order 
_struct_conn.pdbx_role 
hydrog1  hydrog ? ? A DC 1  N3 ? ? ? 1_555 B DG 9  N1 ? ? A DC 14 B DG 10 1_555 ? ? ? ? ? ? WATSON-CRICK ? ? ? 
hydrog2  hydrog ? ? A DC 1  N4 ? ? ? 1_555 B DG 9  O6 ? ? A DC 14 B DG 10 1_555 ? ? ? ? ? ? WATSON-CRICK ? ? ? 
hydrog3  hydrog ? ? A DC 1  O2 ? ? ? 1_555 B DG 9  N2 ? ? A DC 14 B DG 10 1_555 ? ? ? ? ? ? WATSON-CRICK ? ? ? 
hydrog4  hydrog ? ? A DA 2  N1 ? ? ? 1_555 B DT 8  N3 ? ? A DA 15 B DT 9  1_555 ? ? ? ? ? ? WATSON-CRICK ? ? ? 
hydrog5  hydrog ? ? A DA 2  N6 ? ? ? 1_555 B DT 8  O4 ? ? A DA 15 B DT 9  1_555 ? ? ? ? ? ? WATSON-CRICK ? ? ? 
hydrog6  hydrog ? ? A DC 3  N3 ? ? ? 1_555 B DG 7  N1 ? ? A DC 16 B DG 8  1_555 ? ? ? ? ? ? WATSON-CRICK ? ? ? 
hydrog7  hydrog ? ? A DC 3  N4 ? ? ? 1_555 B DG 7  O6 ? ? A DC 16 B DG 8  1_555 ? ? ? ? ? ? WATSON-CRICK ? ? ? 
hydrog8  hydrog ? ? A DC 3  O2 ? ? ? 1_555 B DG 7  N2 ? ? A DC 16 B DG 8  1_555 ? ? ? ? ? ? WATSON-CRICK ? ? ? 
hydrog9  hydrog ? ? A DA 4  N1 ? ? ? 1_555 B DT 6  N3 ? ? A DA 17 B DT 7  1_555 ? ? ? ? ? ? WATSON-CRICK ? ? ? 
hydrog10 hydrog ? ? A DA 4  N6 ? ? ? 1_555 B DT 6  O4 ? ? A DA 17 B DT 7  1_555 ? ? ? ? ? ? WATSON-CRICK ? ? ? 
hydrog11 hydrog ? ? A DC 5  N3 ? ? ? 1_555 D DG 4  N1 ? ? A DC 18 D DG 14 1_555 ? ? ? ? ? ? WATSON-CRICK ? ? ? 
hydrog12 hydrog ? ? A DC 5  N4 ? ? ? 1_555 D DG 4  O6 ? ? A DC 18 D DG 14 1_555 ? ? ? ? ? ? WATSON-CRICK ? ? ? 
hydrog13 hydrog ? ? A DC 5  O2 ? ? ? 1_555 D DG 4  N2 ? ? A DC 18 D DG 14 1_555 ? ? ? ? ? ? WATSON-CRICK ? ? ? 
hydrog14 hydrog ? ? A DC 6  N3 ? ? ? 1_555 D DG 3  N1 ? ? A DC 19 D DG 13 1_555 ? ? ? ? ? ? WATSON-CRICK ? ? ? 
hydrog15 hydrog ? ? A DC 6  N4 ? ? ? 1_555 D DG 3  O6 ? ? A DC 19 D DG 13 1_555 ? ? ? ? ? ? WATSON-CRICK ? ? ? 
hydrog16 hydrog ? ? A DC 6  O2 ? ? ? 1_555 D DG 3  N2 ? ? A DC 19 D DG 13 1_555 ? ? ? ? ? ? WATSON-CRICK ? ? ? 
hydrog17 hydrog ? ? A DG 7  N1 ? ? ? 1_555 D DC 2  N3 ? ? A DG 20 D DC 12 1_555 ? ? ? ? ? ? WATSON-CRICK ? ? ? 
hydrog18 hydrog ? ? A DG 7  N2 ? ? ? 1_555 D DC 2  O2 ? ? A DG 20 D DC 12 1_555 ? ? ? ? ? ? WATSON-CRICK ? ? ? 
hydrog19 hydrog ? ? A DG 7  O6 ? ? ? 1_555 D DC 2  N4 ? ? A DG 20 D DC 12 1_555 ? ? ? ? ? ? WATSON-CRICK ? ? ? 
hydrog20 hydrog ? ? A DT 8  N3 ? ? ? 1_555 D DA 1  N1 ? ? A DT 21 D DA 11 1_555 ? ? ? ? ? ? WATSON-CRICK ? ? ? 
hydrog21 hydrog ? ? A DT 8  O4 ? ? ? 1_555 D DA 1  N6 ? ? A DT 21 D DA 11 1_555 ? ? ? ? ? ? WATSON-CRICK ? ? ? 
hydrog22 hydrog ? ? B DA 3  N1 ? ? ? 1_555 C DT 13 N3 ? ? B DA 4  C DT 12 1_555 ? ? ? ? ? ? WATSON-CRICK ? ? ? 
hydrog23 hydrog ? ? B DA 3  N6 ? ? ? 1_555 C DT 13 O4 ? ? B DA 4  C DT 12 1_555 ? ? ? ? ? ? WATSON-CRICK ? ? ? 
hydrog24 hydrog ? ? B DG 4  N1 ? ? ? 1_555 C DC 12 N3 ? ? B DG 5  C DC 11 1_555 ? ? ? ? ? ? WATSON-CRICK ? ? ? 
hydrog25 hydrog ? ? B DG 4  N2 ? ? ? 1_555 C DC 12 O2 ? ? B DG 5  C DC 11 1_555 ? ? ? ? ? ? WATSON-CRICK ? ? ? 
hydrog26 hydrog ? ? B DG 4  O6 ? ? ? 1_555 C DC 12 N4 ? ? B DG 5  C DC 11 1_555 ? ? ? ? ? ? WATSON-CRICK ? ? ? 
hydrog27 hydrog ? ? B DC 5  N3 ? ? ? 1_555 C DG 11 N1 ? ? B DC 6  C DG 10 1_555 ? ? ? ? ? ? WATSON-CRICK ? ? ? 
hydrog28 hydrog ? ? B DC 5  N4 ? ? ? 1_555 C DG 11 O6 ? ? B DC 6  C DG 10 1_555 ? ? ? ? ? ? WATSON-CRICK ? ? ? 
hydrog29 hydrog ? ? B DC 5  O2 ? ? ? 1_555 C DG 11 N2 ? ? B DC 6  C DG 10 1_555 ? ? ? ? ? ? WATSON-CRICK ? ? ? 
hydrog30 hydrog ? ? C DT 3  N3 ? ? ? 1_555 D DA 12 N1 ? ? C DT 2  D DA 22 1_555 ? ? ? ? ? ? WATSON-CRICK ? ? ? 
hydrog31 hydrog ? ? C DT 3  O4 ? ? ? 1_555 D DA 12 N6 ? ? C DT 2  D DA 22 1_555 ? ? ? ? ? ? WATSON-CRICK ? ? ? 
hydrog32 hydrog ? ? C DG 4  N1 ? ? ? 1_555 D DC 11 N3 ? ? C DG 3  D DC 21 1_555 ? ? ? ? ? ? WATSON-CRICK ? ? ? 
hydrog33 hydrog ? ? C DG 4  N2 ? ? ? 1_555 D DC 11 O2 ? ? C DG 3  D DC 21 1_555 ? ? ? ? ? ? WATSON-CRICK ? ? ? 
hydrog34 hydrog ? ? C DG 4  O6 ? ? ? 1_555 D DC 11 N4 ? ? C DG 3  D DC 21 1_555 ? ? ? ? ? ? WATSON-CRICK ? ? ? 
hydrog35 hydrog ? ? C DA 5  N1 ? ? ? 1_555 D DT 10 N3 ? ? C DA 4  D DT 20 1_555 ? ? ? ? ? ? WATSON-CRICK ? ? ? 
hydrog36 hydrog ? ? C DA 5  N6 ? ? ? 1_555 D DT 10 O4 ? ? C DA 4  D DT 20 1_555 ? ? ? ? ? ? WATSON-CRICK ? ? ? 
hydrog37 hydrog ? ? C DC 6  N3 ? ? ? 1_555 D DG 9  N1 ? ? C DC 5  D DG 19 1_555 ? ? ? ? ? ? WATSON-CRICK ? ? ? 
hydrog38 hydrog ? ? C DC 6  N4 ? ? ? 1_555 D DG 9  O6 ? ? C DC 5  D DG 19 1_555 ? ? ? ? ? ? WATSON-CRICK ? ? ? 
hydrog39 hydrog ? ? C DC 6  O2 ? ? ? 1_555 D DG 9  N2 ? ? C DC 5  D DG 19 1_555 ? ? ? ? ? ? WATSON-CRICK ? ? ? 
hydrog40 hydrog ? ? C DT 7  N3 ? ? ? 1_555 D DA 8  N1 ? ? C DT 6  D DA 18 1_555 ? ? ? ? ? ? WATSON-CRICK ? ? ? 
hydrog41 hydrog ? ? C DT 7  O4 ? ? ? 1_555 D DA 8  N6 ? ? C DT 6  D DA 18 1_555 ? ? ? ? ? ? WATSON-CRICK ? ? ? 
hydrog42 hydrog ? ? C DC 8  N3 ? ? ? 1_555 D DG 7  N1 ? ? C DC 7  D DG 17 1_555 ? ? ? ? ? ? WATSON-CRICK ? ? ? 
hydrog43 hydrog ? ? C DC 8  N4 ? ? ? 1_555 D DG 7  O6 ? ? C DC 7  D DG 17 1_555 ? ? ? ? ? ? WATSON-CRICK ? ? ? 
hydrog44 hydrog ? ? C DC 8  O2 ? ? ? 1_555 D DG 7  N2 ? ? C DC 7  D DG 17 1_555 ? ? ? ? ? ? WATSON-CRICK ? ? ? 
hydrog45 hydrog ? ? C DG 9  N1 ? ? ? 1_555 D DC 6  N3 ? ? C DG 8  D DC 16 1_555 ? ? ? ? ? ? WATSON-CRICK ? ? ? 
hydrog46 hydrog ? ? C DG 9  N2 ? ? ? 1_555 D DC 6  O2 ? ? C DG 8  D DC 16 1_555 ? ? ? ? ? ? WATSON-CRICK ? ? ? 
hydrog47 hydrog ? ? C DG 9  O6 ? ? ? 1_555 D DC 6  N4 ? ? C DG 8  D DC 16 1_555 ? ? ? ? ? ? WATSON-CRICK ? ? ? 
hydrog48 hydrog ? ? C DT 10 N3 ? ? ? 1_555 D DA 5  N1 ? ? C DT 9  D DA 15 1_555 ? ? ? ? ? ? WATSON-CRICK ? ? ? 
hydrog49 hydrog ? ? C DT 10 O4 ? ? ? 1_555 D DA 5  N6 ? ? C DT 9  D DA 15 1_555 ? ? ? ? ? ? WATSON-CRICK ? ? ? 
# 
_struct_conn_type.id          hydrog 
_struct_conn_type.criteria    ? 
_struct_conn_type.reference   ? 
# 
_pdbx_entry_details.entry_id                   9O8I 
_pdbx_entry_details.compound_details           ? 
_pdbx_entry_details.source_details             ? 
_pdbx_entry_details.nonpolymer_details         ? 
_pdbx_entry_details.sequence_details           ? 
_pdbx_entry_details.has_ligand_of_interest     ? 
_pdbx_entry_details.has_protein_modification   N 
# 
loop_
_space_group_symop.id 
_space_group_symop.operation_xyz 
1 x,y,z                 
2 -y,x-y,z              
3 -x+y,-x,z             
4 x+1/3,y+2/3,z+2/3     
5 -y+1/3,x-y+2/3,z+2/3  
6 -x+y+1/3,-x+2/3,z+2/3 
7 x+2/3,y+1/3,z+1/3     
8 -y+2/3,x-y+1/3,z+1/3  
9 -x+y+2/3,-x+1/3,z+1/3 
# 
loop_
_pdbx_refine_tls.id 
_pdbx_refine_tls.pdbx_refine_id 
_pdbx_refine_tls.details 
_pdbx_refine_tls.method 
_pdbx_refine_tls.origin_x 
_pdbx_refine_tls.origin_y 
_pdbx_refine_tls.origin_z 
_pdbx_refine_tls.T[1][1] 
_pdbx_refine_tls.T[1][1]_esd 
_pdbx_refine_tls.T[1][2] 
_pdbx_refine_tls.T[1][2]_esd 
_pdbx_refine_tls.T[1][3] 
_pdbx_refine_tls.T[1][3]_esd 
_pdbx_refine_tls.T[2][2] 
_pdbx_refine_tls.T[2][2]_esd 
_pdbx_refine_tls.T[2][3] 
_pdbx_refine_tls.T[2][3]_esd 
_pdbx_refine_tls.T[3][3] 
_pdbx_refine_tls.T[3][3]_esd 
_pdbx_refine_tls.L[1][1] 
_pdbx_refine_tls.L[1][1]_esd 
_pdbx_refine_tls.L[1][2] 
_pdbx_refine_tls.L[1][2]_esd 
_pdbx_refine_tls.L[1][3] 
_pdbx_refine_tls.L[1][3]_esd 
_pdbx_refine_tls.L[2][2] 
_pdbx_refine_tls.L[2][2]_esd 
_pdbx_refine_tls.L[2][3] 
_pdbx_refine_tls.L[2][3]_esd 
_pdbx_refine_tls.L[3][3] 
_pdbx_refine_tls.L[3][3]_esd 
_pdbx_refine_tls.S[1][1] 
_pdbx_refine_tls.S[1][1]_esd 
_pdbx_refine_tls.S[1][2] 
_pdbx_refine_tls.S[1][2]_esd 
_pdbx_refine_tls.S[1][3] 
_pdbx_refine_tls.S[1][3]_esd 
_pdbx_refine_tls.S[2][1] 
_pdbx_refine_tls.S[2][1]_esd 
_pdbx_refine_tls.S[2][2] 
_pdbx_refine_tls.S[2][2]_esd 
_pdbx_refine_tls.S[2][3] 
_pdbx_refine_tls.S[2][3]_esd 
_pdbx_refine_tls.S[3][1] 
_pdbx_refine_tls.S[3][1]_esd 
_pdbx_refine_tls.S[3][2] 
_pdbx_refine_tls.S[3][2]_esd 
_pdbx_refine_tls.S[3][3] 
_pdbx_refine_tls.S[3][3]_esd 
1 'X-RAY DIFFRACTION' ? refined 5.6213641456  7.75524196132   0.1853380006   1.54286210828   ? -0.322572022918 ? 0.315063827270  ? 1.99025580993  ? -0.017184592590 ? 3.16997846007 ? 3.79063337192 ? -0.453815138361 ? 3.28150687662   ? 0.995056572695 ? -1.12493264242 ? 3.37996368751 ? 0.66536191180   ? 1.845674126150 ? 0.649433332607 ? 0.786017947738 ? -0.033363915915 ? -1.8402916559   ? -0.111212349295 ? 1.39823376751   ? -0.181811213890 ? 
2 'X-RAY DIFFRACTION' ? refined 3.0562781369  3.4075963218    -12.1363122914 -1.158152147972 ? -0.38240763358  ? 1.713214574059  ? 2.680549993055 ? -0.126348653661 ? 1.1234343429  ? 3.71710277334 ? -0.31072576867  ? -0.42048939655  ? -0.02534635423 ? 0.596209399440 ? 3.6028850171  ? 3.11783173432   ? 0.975560420606 ? 2.04283701103  ? -0.84460050849 ? 0.590213997383  ? -0.55881260546  ? -1.14128352153  ? 0.845417498790  ? -1.277208012171 ? 
3 'X-RAY DIFFRACTION' ? refined -5.2486971343 -6.097548787794 2.5965692479   1.01001142174   ? 0.052871822220  ? -0.091659193119 ? 1.05594160596  ? 0.013650191051  ? 1.64689714106 ? 5.57396686000 ? 2.65404596525   ? 0.134552991157  ? 8.09069762300  ? 2.439084023139 ? 4.52698590862 ? 1.06579239992   ? 0.07068466211  ? -0.54900394303 ? 1.472301709547 ? -0.04710954743  ? -1.645707521846 ? 0.410666328970  ? -0.166506504711 ? -0.486586343882 ? 
4 'X-RAY DIFFRACTION' ? refined -0.3642112257 -1.1126834251   6.4024585332   1.531918759333  ? -0.240341172815 ? -0.203111487320 ? -0.17430714103 ? -0.310679264338 ? 2.44399342928 ? 3.41902883164 ? 0.18504562320   ? -1.503721659162 ? 0.32913286882  ? -1.78751259651 ? 7.67004327431 ? -0.604180096733 ? -1.42849505239 ? 1.458598046523 ? 2.23063135556  ? 1.560005382997  ? -3.65474268467  ? -3.3946840392   ? 2.85438290027   ? -1.904857428361 ? 
# 
loop_
_pdbx_refine_tls_group.id 
_pdbx_refine_tls_group.pdbx_refine_id 
_pdbx_refine_tls_group.refine_tls_id 
_pdbx_refine_tls_group.beg_label_asym_id 
_pdbx_refine_tls_group.beg_label_seq_id 
_pdbx_refine_tls_group.beg_auth_asym_id 
_pdbx_refine_tls_group.beg_auth_seq_id 
_pdbx_refine_tls_group.beg_PDB_ins_code 
_pdbx_refine_tls_group.end_label_asym_id 
_pdbx_refine_tls_group.end_label_seq_id 
_pdbx_refine_tls_group.end_auth_asym_id 
_pdbx_refine_tls_group.end_auth_seq_id 
_pdbx_refine_tls_group.end_PDB_ins_code 
_pdbx_refine_tls_group.selection 
_pdbx_refine_tls_group.selection_details 
1 'X-RAY DIFFRACTION' 1 A ? A 14 ? A ? A 21 ? ? 
;chain 'A' and (resid 14 through 21 )
;
2 'X-RAY DIFFRACTION' 2 B ? B 2  ? B ? B 10 ? ? 
;chain 'B' and (resid 2 through 10 )
;
3 'X-RAY DIFFRACTION' 3 C ? C 0  ? C ? C 12 ? ? 
;chain 'C' and (resid 0 through 12 )
;
4 'X-RAY DIFFRACTION' 4 D ? D 11 ? D ? D 22 ? ? 
;chain 'D' and (resid 11 through 22 )
;
# 
loop_
_chem_comp_atom.comp_id 
_chem_comp_atom.atom_id 
_chem_comp_atom.type_symbol 
_chem_comp_atom.pdbx_aromatic_flag 
_chem_comp_atom.pdbx_stereo_config 
_chem_comp_atom.pdbx_ordinal 
DA OP3    O N N 1   
DA P      P N N 2   
DA OP1    O N N 3   
DA OP2    O N N 4   
DA "O5'"  O N N 5   
DA "C5'"  C N N 6   
DA "C4'"  C N R 7   
DA "O4'"  O N N 8   
DA "C3'"  C N S 9   
DA "O3'"  O N N 10  
DA "C2'"  C N N 11  
DA "C1'"  C N R 12  
DA N9     N Y N 13  
DA C8     C Y N 14  
DA N7     N Y N 15  
DA C5     C Y N 16  
DA C6     C Y N 17  
DA N6     N N N 18  
DA N1     N Y N 19  
DA C2     C Y N 20  
DA N3     N Y N 21  
DA C4     C Y N 22  
DA HOP3   H N N 23  
DA HOP2   H N N 24  
DA "H5'"  H N N 25  
DA "H5''" H N N 26  
DA "H4'"  H N N 27  
DA "H3'"  H N N 28  
DA "HO3'" H N N 29  
DA "H2'"  H N N 30  
DA "H2''" H N N 31  
DA "H1'"  H N N 32  
DA H8     H N N 33  
DA H61    H N N 34  
DA H62    H N N 35  
DA H2     H N N 36  
DC OP3    O N N 37  
DC P      P N N 38  
DC OP1    O N N 39  
DC OP2    O N N 40  
DC "O5'"  O N N 41  
DC "C5'"  C N N 42  
DC "C4'"  C N R 43  
DC "O4'"  O N N 44  
DC "C3'"  C N S 45  
DC "O3'"  O N N 46  
DC "C2'"  C N N 47  
DC "C1'"  C N R 48  
DC N1     N N N 49  
DC C2     C N N 50  
DC O2     O N N 51  
DC N3     N N N 52  
DC C4     C N N 53  
DC N4     N N N 54  
DC C5     C N N 55  
DC C6     C N N 56  
DC HOP3   H N N 57  
DC HOP2   H N N 58  
DC "H5'"  H N N 59  
DC "H5''" H N N 60  
DC "H4'"  H N N 61  
DC "H3'"  H N N 62  
DC "HO3'" H N N 63  
DC "H2'"  H N N 64  
DC "H2''" H N N 65  
DC "H1'"  H N N 66  
DC H41    H N N 67  
DC H42    H N N 68  
DC H5     H N N 69  
DC H6     H N N 70  
DG OP3    O N N 71  
DG P      P N N 72  
DG OP1    O N N 73  
DG OP2    O N N 74  
DG "O5'"  O N N 75  
DG "C5'"  C N N 76  
DG "C4'"  C N R 77  
DG "O4'"  O N N 78  
DG "C3'"  C N S 79  
DG "O3'"  O N N 80  
DG "C2'"  C N N 81  
DG "C1'"  C N R 82  
DG N9     N Y N 83  
DG C8     C Y N 84  
DG N7     N Y N 85  
DG C5     C Y N 86  
DG C6     C N N 87  
DG O6     O N N 88  
DG N1     N N N 89  
DG C2     C N N 90  
DG N2     N N N 91  
DG N3     N N N 92  
DG C4     C Y N 93  
DG HOP3   H N N 94  
DG HOP2   H N N 95  
DG "H5'"  H N N 96  
DG "H5''" H N N 97  
DG "H4'"  H N N 98  
DG "H3'"  H N N 99  
DG "HO3'" H N N 100 
DG "H2'"  H N N 101 
DG "H2''" H N N 102 
DG "H1'"  H N N 103 
DG H8     H N N 104 
DG H1     H N N 105 
DG H21    H N N 106 
DG H22    H N N 107 
DT OP3    O N N 108 
DT P      P N N 109 
DT OP1    O N N 110 
DT OP2    O N N 111 
DT "O5'"  O N N 112 
DT "C5'"  C N N 113 
DT "C4'"  C N R 114 
DT "O4'"  O N N 115 
DT "C3'"  C N S 116 
DT "O3'"  O N N 117 
DT "C2'"  C N N 118 
DT "C1'"  C N R 119 
DT N1     N N N 120 
DT C2     C N N 121 
DT O2     O N N 122 
DT N3     N N N 123 
DT C4     C N N 124 
DT O4     O N N 125 
DT C5     C N N 126 
DT C7     C N N 127 
DT C6     C N N 128 
DT HOP3   H N N 129 
DT HOP2   H N N 130 
DT "H5'"  H N N 131 
DT "H5''" H N N 132 
DT "H4'"  H N N 133 
DT "H3'"  H N N 134 
DT "HO3'" H N N 135 
DT "H2'"  H N N 136 
DT "H2''" H N N 137 
DT "H1'"  H N N 138 
DT H3     H N N 139 
DT H71    H N N 140 
DT H72    H N N 141 
DT H73    H N N 142 
DT H6     H N N 143 
# 
loop_
_chem_comp_bond.comp_id 
_chem_comp_bond.atom_id_1 
_chem_comp_bond.atom_id_2 
_chem_comp_bond.value_order 
_chem_comp_bond.pdbx_aromatic_flag 
_chem_comp_bond.pdbx_stereo_config 
_chem_comp_bond.pdbx_ordinal 
DA OP3   P      sing N N 1   
DA OP3   HOP3   sing N N 2   
DA P     OP1    doub N N 3   
DA P     OP2    sing N N 4   
DA P     "O5'"  sing N N 5   
DA OP2   HOP2   sing N N 6   
DA "O5'" "C5'"  sing N N 7   
DA "C5'" "C4'"  sing N N 8   
DA "C5'" "H5'"  sing N N 9   
DA "C5'" "H5''" sing N N 10  
DA "C4'" "O4'"  sing N N 11  
DA "C4'" "C3'"  sing N N 12  
DA "C4'" "H4'"  sing N N 13  
DA "O4'" "C1'"  sing N N 14  
DA "C3'" "O3'"  sing N N 15  
DA "C3'" "C2'"  sing N N 16  
DA "C3'" "H3'"  sing N N 17  
DA "O3'" "HO3'" sing N N 18  
DA "C2'" "C1'"  sing N N 19  
DA "C2'" "H2'"  sing N N 20  
DA "C2'" "H2''" sing N N 21  
DA "C1'" N9     sing N N 22  
DA "C1'" "H1'"  sing N N 23  
DA N9    C8     sing Y N 24  
DA N9    C4     sing Y N 25  
DA C8    N7     doub Y N 26  
DA C8    H8     sing N N 27  
DA N7    C5     sing Y N 28  
DA C5    C6     sing Y N 29  
DA C5    C4     doub Y N 30  
DA C6    N6     sing N N 31  
DA C6    N1     doub Y N 32  
DA N6    H61    sing N N 33  
DA N6    H62    sing N N 34  
DA N1    C2     sing Y N 35  
DA C2    N3     doub Y N 36  
DA C2    H2     sing N N 37  
DA N3    C4     sing Y N 38  
DC OP3   P      sing N N 39  
DC OP3   HOP3   sing N N 40  
DC P     OP1    doub N N 41  
DC P     OP2    sing N N 42  
DC P     "O5'"  sing N N 43  
DC OP2   HOP2   sing N N 44  
DC "O5'" "C5'"  sing N N 45  
DC "C5'" "C4'"  sing N N 46  
DC "C5'" "H5'"  sing N N 47  
DC "C5'" "H5''" sing N N 48  
DC "C4'" "O4'"  sing N N 49  
DC "C4'" "C3'"  sing N N 50  
DC "C4'" "H4'"  sing N N 51  
DC "O4'" "C1'"  sing N N 52  
DC "C3'" "O3'"  sing N N 53  
DC "C3'" "C2'"  sing N N 54  
DC "C3'" "H3'"  sing N N 55  
DC "O3'" "HO3'" sing N N 56  
DC "C2'" "C1'"  sing N N 57  
DC "C2'" "H2'"  sing N N 58  
DC "C2'" "H2''" sing N N 59  
DC "C1'" N1     sing N N 60  
DC "C1'" "H1'"  sing N N 61  
DC N1    C2     sing N N 62  
DC N1    C6     sing N N 63  
DC C2    O2     doub N N 64  
DC C2    N3     sing N N 65  
DC N3    C4     doub N N 66  
DC C4    N4     sing N N 67  
DC C4    C5     sing N N 68  
DC N4    H41    sing N N 69  
DC N4    H42    sing N N 70  
DC C5    C6     doub N N 71  
DC C5    H5     sing N N 72  
DC C6    H6     sing N N 73  
DG OP3   P      sing N N 74  
DG OP3   HOP3   sing N N 75  
DG P     OP1    doub N N 76  
DG P     OP2    sing N N 77  
DG P     "O5'"  sing N N 78  
DG OP2   HOP2   sing N N 79  
DG "O5'" "C5'"  sing N N 80  
DG "C5'" "C4'"  sing N N 81  
DG "C5'" "H5'"  sing N N 82  
DG "C5'" "H5''" sing N N 83  
DG "C4'" "O4'"  sing N N 84  
DG "C4'" "C3'"  sing N N 85  
DG "C4'" "H4'"  sing N N 86  
DG "O4'" "C1'"  sing N N 87  
DG "C3'" "O3'"  sing N N 88  
DG "C3'" "C2'"  sing N N 89  
DG "C3'" "H3'"  sing N N 90  
DG "O3'" "HO3'" sing N N 91  
DG "C2'" "C1'"  sing N N 92  
DG "C2'" "H2'"  sing N N 93  
DG "C2'" "H2''" sing N N 94  
DG "C1'" N9     sing N N 95  
DG "C1'" "H1'"  sing N N 96  
DG N9    C8     sing Y N 97  
DG N9    C4     sing Y N 98  
DG C8    N7     doub Y N 99  
DG C8    H8     sing N N 100 
DG N7    C5     sing Y N 101 
DG C5    C6     sing N N 102 
DG C5    C4     doub Y N 103 
DG C6    O6     doub N N 104 
DG C6    N1     sing N N 105 
DG N1    C2     sing N N 106 
DG N1    H1     sing N N 107 
DG C2    N2     sing N N 108 
DG C2    N3     doub N N 109 
DG N2    H21    sing N N 110 
DG N2    H22    sing N N 111 
DG N3    C4     sing N N 112 
DT OP3   P      sing N N 113 
DT OP3   HOP3   sing N N 114 
DT P     OP1    doub N N 115 
DT P     OP2    sing N N 116 
DT P     "O5'"  sing N N 117 
DT OP2   HOP2   sing N N 118 
DT "O5'" "C5'"  sing N N 119 
DT "C5'" "C4'"  sing N N 120 
DT "C5'" "H5'"  sing N N 121 
DT "C5'" "H5''" sing N N 122 
DT "C4'" "O4'"  sing N N 123 
DT "C4'" "C3'"  sing N N 124 
DT "C4'" "H4'"  sing N N 125 
DT "O4'" "C1'"  sing N N 126 
DT "C3'" "O3'"  sing N N 127 
DT "C3'" "C2'"  sing N N 128 
DT "C3'" "H3'"  sing N N 129 
DT "O3'" "HO3'" sing N N 130 
DT "C2'" "C1'"  sing N N 131 
DT "C2'" "H2'"  sing N N 132 
DT "C2'" "H2''" sing N N 133 
DT "C1'" N1     sing N N 134 
DT "C1'" "H1'"  sing N N 135 
DT N1    C2     sing N N 136 
DT N1    C6     sing N N 137 
DT C2    O2     doub N N 138 
DT C2    N3     sing N N 139 
DT N3    C4     sing N N 140 
DT N3    H3     sing N N 141 
DT C4    O4     doub N N 142 
DT C4    C5     sing N N 143 
DT C5    C7     sing N N 144 
DT C5    C6     doub N N 145 
DT C7    H71    sing N N 146 
DT C7    H72    sing N N 147 
DT C7    H73    sing N N 148 
DT C6    H6     sing N N 149 
# 
loop_
_ndb_struct_conf_na.entry_id 
_ndb_struct_conf_na.feature 
9O8I 'double helix'        
9O8I 'b-form double helix' 
# 
loop_
_ndb_struct_na_base_pair.model_number 
_ndb_struct_na_base_pair.i_label_asym_id 
_ndb_struct_na_base_pair.i_label_comp_id 
_ndb_struct_na_base_pair.i_label_seq_id 
_ndb_struct_na_base_pair.i_symmetry 
_ndb_struct_na_base_pair.j_label_asym_id 
_ndb_struct_na_base_pair.j_label_comp_id 
_ndb_struct_na_base_pair.j_label_seq_id 
_ndb_struct_na_base_pair.j_symmetry 
_ndb_struct_na_base_pair.shear 
_ndb_struct_na_base_pair.stretch 
_ndb_struct_na_base_pair.stagger 
_ndb_struct_na_base_pair.buckle 
_ndb_struct_na_base_pair.propeller 
_ndb_struct_na_base_pair.opening 
_ndb_struct_na_base_pair.pair_number 
_ndb_struct_na_base_pair.pair_name 
_ndb_struct_na_base_pair.i_auth_asym_id 
_ndb_struct_na_base_pair.i_auth_seq_id 
_ndb_struct_na_base_pair.i_PDB_ins_code 
_ndb_struct_na_base_pair.j_auth_asym_id 
_ndb_struct_na_base_pair.j_auth_seq_id 
_ndb_struct_na_base_pair.j_PDB_ins_code 
_ndb_struct_na_base_pair.hbond_type_28 
_ndb_struct_na_base_pair.hbond_type_12 
1 A DC 1  1_555 B DG 9  1_555 0.148  -0.132 -0.231 -8.286  -3.760  -1.337 1  A_DC14:DG10_B A 14 ? B 10 ? 19 1 
1 A DA 2  1_555 B DT 8  1_555 0.051  -0.059 -0.415 -13.310 -0.297  -0.342 2  A_DA15:DT9_B  A 15 ? B 9  ? 20 1 
1 A DC 3  1_555 B DG 7  1_555 0.235  -0.144 0.002  -4.297  10.184  -0.334 3  A_DC16:DG8_B  A 16 ? B 8  ? 19 1 
1 A DA 4  1_555 B DT 6  1_555 0.146  -0.214 0.782  5.217   -9.938  1.048  4  A_DA17:DT7_B  A 17 ? B 7  ? 20 1 
1 C DG 11 1_555 B DC 5  1_555 -0.179 -0.161 0.390  1.790   -14.049 -1.097 5  C_DG10:DC6_B  C 10 ? B 6  ? 19 1 
1 C DC 12 1_555 B DG 4  1_555 0.237  -0.150 -0.298 3.110   -11.290 0.110  6  C_DC11:DG5_B  C 11 ? B 5  ? 19 1 
1 C DT 13 1_555 B DA 3  1_555 -0.158 -0.079 -0.521 9.049   -9.040  -3.874 7  C_DT12:DA4_B  C 12 ? B 4  ? 20 1 
1 C DT 3  1_555 D DA 12 1_555 -0.137 -0.273 0.290  4.571   3.805   4.959  8  C_DT2:DA22_D  C 2  ? D 22 ? 20 1 
1 C DG 4  1_555 D DC 11 1_555 -0.202 -0.219 0.663  8.203   0.121   1.688  9  C_DG3:DC21_D  C 3  ? D 21 ? 19 1 
1 C DA 5  1_555 D DT 10 1_555 0.143  -0.211 0.579  4.837   -8.603  -3.057 10 C_DA4:DT20_D  C 4  ? D 20 ? 20 1 
1 C DC 6  1_555 D DG 9  1_555 0.171  -0.117 0.199  -6.807  -8.581  0.600  11 C_DC5:DG19_D  C 5  ? D 19 ? 19 1 
1 C DT 7  1_555 D DA 8  1_555 -0.107 -0.160 -0.053 -1.451  -9.411  0.745  12 C_DT6:DA18_D  C 6  ? D 18 ? 20 1 
1 C DC 8  1_555 D DG 7  1_555 0.187  -0.221 -0.074 -1.216  -7.177  -1.519 13 C_DC7:DG17_D  C 7  ? D 17 ? 19 1 
1 C DG 9  1_555 D DC 6  1_555 -0.216 -0.125 -0.066 -1.164  -9.591  1.304  14 C_DG8:DC16_D  C 8  ? D 16 ? 19 1 
1 C DT 10 1_555 D DA 5  1_555 -0.101 -0.144 -0.295 -1.022  -10.799 -3.378 15 C_DT9:DA15_D  C 9  ? D 15 ? 20 1 
1 A DC 5  1_555 D DG 4  1_555 0.197  -0.160 -0.234 -4.418  -8.886  1.017  16 A_DC18:DG14_D A 18 ? D 14 ? 19 1 
1 A DC 6  1_555 D DG 3  1_555 0.178  -0.176 0.436  -3.481  -2.008  -0.697 17 A_DC19:DG13_D A 19 ? D 13 ? 19 1 
1 A DG 7  1_555 D DC 2  1_555 -0.195 -0.174 0.446  -1.476  1.680   -0.827 18 A_DG20:DC12_D A 20 ? D 12 ? 19 1 
1 A DT 8  1_555 D DA 1  1_555 -0.093 -0.250 0.837  -0.350  -1.695  -3.209 19 A_DT21:DA11_D A 21 ? D 11 ? 20 1 
# 
loop_
_ndb_struct_na_base_pair_step.model_number 
_ndb_struct_na_base_pair_step.i_label_asym_id_1 
_ndb_struct_na_base_pair_step.i_label_comp_id_1 
_ndb_struct_na_base_pair_step.i_label_seq_id_1 
_ndb_struct_na_base_pair_step.i_symmetry_1 
_ndb_struct_na_base_pair_step.j_label_asym_id_1 
_ndb_struct_na_base_pair_step.j_label_comp_id_1 
_ndb_struct_na_base_pair_step.j_label_seq_id_1 
_ndb_struct_na_base_pair_step.j_symmetry_1 
_ndb_struct_na_base_pair_step.i_label_asym_id_2 
_ndb_struct_na_base_pair_step.i_label_comp_id_2 
_ndb_struct_na_base_pair_step.i_label_seq_id_2 
_ndb_struct_na_base_pair_step.i_symmetry_2 
_ndb_struct_na_base_pair_step.j_label_asym_id_2 
_ndb_struct_na_base_pair_step.j_label_comp_id_2 
_ndb_struct_na_base_pair_step.j_label_seq_id_2 
_ndb_struct_na_base_pair_step.j_symmetry_2 
_ndb_struct_na_base_pair_step.shift 
_ndb_struct_na_base_pair_step.slide 
_ndb_struct_na_base_pair_step.rise 
_ndb_struct_na_base_pair_step.tilt 
_ndb_struct_na_base_pair_step.roll 
_ndb_struct_na_base_pair_step.twist 
_ndb_struct_na_base_pair_step.x_displacement 
_ndb_struct_na_base_pair_step.y_displacement 
_ndb_struct_na_base_pair_step.helical_rise 
_ndb_struct_na_base_pair_step.inclination 
_ndb_struct_na_base_pair_step.tip 
_ndb_struct_na_base_pair_step.helical_twist 
_ndb_struct_na_base_pair_step.step_number 
_ndb_struct_na_base_pair_step.step_name 
_ndb_struct_na_base_pair_step.i_auth_asym_id_1 
_ndb_struct_na_base_pair_step.i_auth_seq_id_1 
_ndb_struct_na_base_pair_step.i_PDB_ins_code_1 
_ndb_struct_na_base_pair_step.j_auth_asym_id_1 
_ndb_struct_na_base_pair_step.j_auth_seq_id_1 
_ndb_struct_na_base_pair_step.j_PDB_ins_code_1 
_ndb_struct_na_base_pair_step.i_auth_asym_id_2 
_ndb_struct_na_base_pair_step.i_auth_seq_id_2 
_ndb_struct_na_base_pair_step.i_PDB_ins_code_2 
_ndb_struct_na_base_pair_step.j_auth_asym_id_2 
_ndb_struct_na_base_pair_step.j_auth_seq_id_2 
_ndb_struct_na_base_pair_step.j_PDB_ins_code_2 
1 A DC 1  1_555 B DG 9  1_555 A DA 2  1_555 B DT 8  1_555 0.039  1.805  3.672 -4.770 11.095 33.673 1.001  -0.899 4.007 18.432  
7.924  35.714 1  AA_DC14DA15:DT9DG10_BB  A 14 ? B 10 ? A 15 ? B 9  ? 
1 A DA 2  1_555 B DT 8  1_555 A DC 3  1_555 B DG 7  1_555 -0.234 -0.660 3.109 -3.516 5.620  32.859 -2.013 -0.137 2.967 9.811   
6.139  33.503 2  AA_DA15DC16:DG8DT9_BB   A 15 ? B 9  ? A 16 ? B 8  ? 
1 A DC 3  1_555 B DG 7  1_555 A DA 4  1_555 B DT 6  1_555 0.351  -0.802 2.861 -6.206 16.570 31.110 -3.257 -1.303 2.081 28.218  
10.568 35.682 3  AA_DC16DA17:DT7DG8_BB   A 16 ? B 8  ? A 17 ? B 7  ? 
1 A DA 4  1_555 B DT 6  1_555 C DG 11 1_555 B DC 5  1_555 0.576  -1.015 3.409 4.723  -9.025 30.072 -0.027 -0.096 3.603 -16.799 
-8.790 31.713 4  AC_DA17DG10:DC6DT7_BB   A 17 ? B 7  ? C 10 ? B 6  ? 
1 C DG 11 1_555 B DC 5  1_555 C DC 12 1_555 B DG 4  1_555 -0.027 -0.820 3.197 4.994  -3.988 39.724 -0.745 0.600  3.235 -5.823  
-7.292 40.214 5  CC_DG10DC11:DG5DC6_BB   C 10 ? B 6  ? C 11 ? B 5  ? 
1 C DC 12 1_555 B DG 4  1_555 C DT 13 1_555 B DA 3  1_555 -0.193 -0.085 3.108 4.602  3.305  28.601 -0.850 1.333  3.012 6.609   
-9.202 29.145 6  CC_DC11DT12:DA4DG5_BB   C 11 ? B 5  ? C 12 ? B 4  ? 
1 C DT 3  1_555 D DA 12 1_555 C DG 4  1_555 D DC 11 1_555 -0.827 -0.711 3.028 -3.197 4.258  31.121 -2.038 0.971  2.975 7.864   
5.905  31.562 7  CC_DT2DG3:DC21DA22_DD   C 2  ? D 22 ? C 3  ? D 21 ? 
1 C DG 4  1_555 D DC 11 1_555 C DA 5  1_555 D DT 10 1_555 -0.950 -0.110 3.276 -1.057 0.883  37.034 -0.293 1.352  3.298 1.389   
1.663  37.059 8  CC_DG3DA4:DT20DC21_DD   C 3  ? D 21 ? C 4  ? D 20 ? 
1 C DA 5  1_555 D DT 10 1_555 C DC 6  1_555 D DG 9  1_555 0.077  -1.069 3.517 1.938  -3.505 37.879 -1.154 0.150  3.597 -5.382  
-2.975 38.082 9  CC_DA4DC5:DG19DT20_DD   C 4  ? D 20 ? C 5  ? D 19 ? 
1 C DC 6  1_555 D DG 9  1_555 C DT 7  1_555 D DA 8  1_555 -0.125 -0.130 3.252 -2.539 0.244  31.107 -0.288 -0.248 3.251 0.455   
4.725  31.209 10 CC_DC5DT6:DA18DG19_DD   C 5  ? D 19 ? C 6  ? D 18 ? 
1 C DT 7  1_555 D DA 8  1_555 C DC 8  1_555 D DG 7  1_555 -0.032 -0.673 3.158 -2.230 -0.402 42.157 -0.894 -0.177 3.161 -0.558  
3.097  42.215 11 CC_DT6DC7:DG17DA18_DD   C 6  ? D 18 ? C 7  ? D 17 ? 
1 C DC 8  1_555 D DG 7  1_555 C DG 9  1_555 D DC 6  1_555 -0.531 1.382  3.416 -3.180 3.331  29.369 1.941  0.317  3.584 6.520   
6.225  29.720 12 CC_DC7DG8:DC16DG17_DD   C 7  ? D 17 ? C 8  ? D 16 ? 
1 C DG 9  1_555 D DC 6  1_555 C DT 10 1_555 D DA 5  1_555 -0.813 1.212  3.233 1.517  -0.047 40.253 1.766  1.349  3.200 -0.069  
-2.203 40.281 13 CC_DG8DT9:DA15DC16_DD   C 8  ? D 16 ? C 9  ? D 15 ? 
1 C DT 10 1_555 D DA 5  1_555 A DC 5  1_555 D DG 4  1_555 1.188  0.147  3.236 1.807  -2.324 30.737 0.727  -1.881 3.279 -4.371  
-3.399 30.874 14 CA_DT9DC18:DG14DA15_DD  C 9  ? D 15 ? A 18 ? D 14 ? 
1 A DC 5  1_555 D DG 4  1_555 A DC 6  1_555 D DG 3  1_555 -0.381 0.008  3.561 -1.556 0.622  37.979 -0.073 0.369  3.573 0.956   
2.389  38.015 15 AA_DC18DC19:DG13DG14_DD A 18 ? D 14 ? A 19 ? D 13 ? 
1 A DC 6  1_555 D DG 3  1_555 A DG 7  1_555 D DC 2  1_555 -0.414 0.910  3.328 -3.722 0.619  37.840 1.317  0.149  3.366 0.951   
5.721  38.021 16 AA_DC19DG20:DC12DG13_DD A 19 ? D 13 ? A 20 ? D 12 ? 
1 A DG 7  1_555 D DC 2  1_555 A DT 8  1_555 D DA 1  1_555 -0.133 -0.683 3.367 -1.600 6.196  27.155 -2.908 -0.108 3.139 12.968  
3.350  27.885 17 AA_DG20DT21:DA11DC12_DD A 20 ? D 12 ? A 21 ? D 11 ? 
# 
loop_
_pdbx_audit_support.funding_organization 
_pdbx_audit_support.country 
_pdbx_audit_support.grant_number 
_pdbx_audit_support.ordinal 
'Office of Naval Research (ONR)'                   'United States' N000141912596 1 
'Department of Energy (DOE, United States)'        'United States' DE-SC0007991  2 
'National Science Foundation (NSF, United States)' 'United States' CCF-2106790   3 
'National Science Foundation (NSF, United States)' 'United States' GCR-2317843   4 
# 
_pdbx_initial_refinement_model.id               1 
_pdbx_initial_refinement_model.entity_id_list   ? 
_pdbx_initial_refinement_model.type             'experimental model' 
_pdbx_initial_refinement_model.source_name      PDB 
_pdbx_initial_refinement_model.accession_code   8D93 
_pdbx_initial_refinement_model.details          ? 
# 
_space_group.name_H-M_alt     'H 3' 
_space_group.name_Hall        'H 3' 
_space_group.IT_number        146 
_space_group.crystal_system   trigonal 
_space_group.id               1 
# 
_atom_sites.entry_id                    9O8I 
_atom_sites.Cartn_transf_matrix[1][1]   ? 
_atom_sites.Cartn_transf_matrix[1][2]   ? 
_atom_sites.Cartn_transf_matrix[1][3]   ? 
_atom_sites.Cartn_transf_matrix[2][1]   ? 
_atom_sites.Cartn_transf_matrix[2][2]   ? 
_atom_sites.Cartn_transf_matrix[2][3]   ? 
_atom_sites.Cartn_transf_matrix[3][1]   ? 
_atom_sites.Cartn_transf_matrix[3][2]   ? 
_atom_sites.Cartn_transf_matrix[3][3]   ? 
_atom_sites.Cartn_transf_vector[1]      ? 
_atom_sites.Cartn_transf_vector[2]      ? 
_atom_sites.Cartn_transf_vector[3]      ? 
_atom_sites.Cartn_transform_axes        ? 
_atom_sites.fract_transf_matrix[1][1]   -0.00931544 
_atom_sites.fract_transf_matrix[1][2]   -0.00261362 
_atom_sites.fract_transf_matrix[1][3]   0.00400091 
_atom_sites.fract_transf_matrix[2][1]   -0.00393308 
_atom_sites.fract_transf_matrix[2][2]   0.00539409 
_atom_sites.fract_transf_matrix[2][3]   0.00806440 
_atom_sites.fract_transf_matrix[3][1]   -0.00669209 
_atom_sites.fract_transf_matrix[3][2]   0.00931645 
_atom_sites.fract_transf_matrix[3][3]   -0.00949535 
_atom_sites.fract_transf_vector[1]      0.204556 
_atom_sites.fract_transf_vector[2]      -0.006827 
_atom_sites.fract_transf_vector[3]      0.251939 
_atom_sites.solution_primary            ? 
_atom_sites.solution_secondary          ? 
_atom_sites.solution_hydrogens          ? 
_atom_sites.special_details             ? 
# 
loop_
_atom_type.symbol 
_atom_type.scat_dispersion_real 
_atom_type.scat_dispersion_imag 
_atom_type.scat_Cromer_Mann_a1 
_atom_type.scat_Cromer_Mann_a2 
_atom_type.scat_Cromer_Mann_a3 
_atom_type.scat_Cromer_Mann_a4 
_atom_type.scat_Cromer_Mann_b1 
_atom_type.scat_Cromer_Mann_b2 
_atom_type.scat_Cromer_Mann_b3 
_atom_type.scat_Cromer_Mann_b4 
_atom_type.scat_Cromer_Mann_c 
_atom_type.scat_source 
_atom_type.scat_dispersion_source 
C ? ? 3.54356 2.42580 ? ? 25.62398 1.50364  ? ? 0.0 
;2-Gaussian fit: Grosse-Kunstleve RW, Sauter NK, Adams PD: Newsletter of the IUCr Commission on Crystallographic Computing 2004, 3, 22-31.
;
? 
N ? ? 6.96715 ?       ? ? 11.43723 ?        ? ? 0.0 
;1-Gaussian fit: Grosse-Kunstleve RW, Sauter NK, Adams PD: Newsletter of the IUCr Commission on Crystallographic Computing 2004, 3, 22-31.
;
? 
O ? ? 7.96527 ?       ? ? 9.05267  ?        ? ? 0.0 
;1-Gaussian fit: Grosse-Kunstleve RW, Sauter NK, Adams PD: Newsletter of the IUCr Commission on Crystallographic Computing 2004, 3, 22-31.
;
? 
P ? ? 9.51135 5.44231 ? ? 1.42069  35.72801 ? ? 0.0 
;2-Gaussian fit: Grosse-Kunstleve RW, Sauter NK, Adams PD: Newsletter of the IUCr Commission on Crystallographic Computing 2004, 3, 22-31.
;
? 
# 
loop_
_atom_site.group_PDB 
_atom_site.id 
_atom_site.type_symbol 
_atom_site.label_atom_id 
_atom_site.label_alt_id 
_atom_site.label_comp_id 
_atom_site.label_asym_id 
_atom_site.label_entity_id 
_atom_site.label_seq_id 
_atom_site.pdbx_PDB_ins_code 
_atom_site.Cartn_x 
_atom_site.Cartn_y 
_atom_site.Cartn_z 
_atom_site.occupancy 
_atom_site.B_iso_or_equiv 
_atom_site.pdbx_formal_charge 
_atom_site.auth_seq_id 
_atom_site.auth_comp_id 
_atom_site.auth_asym_id 
_atom_site.auth_atom_id 
_atom_site.pdbx_PDB_model_num 
ATOM 1   P P     . DC A 1 1  ? 19.76562  -0.86001  -10.18959 1.000 342.17279 ? 14 DC A P     1 
ATOM 2   O OP1   . DC A 1 1  ? 19.37336  0.48274   -9.70128  1.000 277.72213 ? 14 DC A OP1   1 
ATOM 3   O OP2   . DC A 1 1  ? 20.43861  -1.00307  -11.50211 1.000 278.35724 ? 14 DC A OP2   1 
ATOM 4   O "O5'" . DC A 1 1  ? 18.49094  -1.82938  -10.16046 1.000 309.80127 ? 14 DC A "O5'" 1 
ATOM 5   C "C5'" . DC A 1 1  ? 17.19088  -1.29658  -10.36202 1.000 255.84729 ? 14 DC A "C5'" 1 
ATOM 6   C "C4'" . DC A 1 1  ? 16.52628  -0.96638  -9.03728  1.000 249.83288 ? 14 DC A "C4'" 1 
ATOM 7   O "O4'" . DC A 1 1  ? 16.39884  0.47708   -8.90202  1.000 282.51142 ? 14 DC A "O4'" 1 
ATOM 8   C "C3'" . DC A 1 1  ? 15.11417  -1.50684  -8.88985  1.000 244.39539 ? 14 DC A "C3'" 1 
ATOM 9   O "O3'" . DC A 1 1  ? 14.80251  -1.70036  -7.52144  1.000 251.79581 ? 14 DC A "O3'" 1 
ATOM 10  C "C2'" . DC A 1 1  ? 14.28758  -0.38198  -9.48693  1.000 260.19272 ? 14 DC A "C2'" 1 
ATOM 11  C "C1'" . DC A 1 1  ? 15.03199  0.84746   -8.96671  1.000 247.73612 ? 14 DC A "C1'" 1 
ATOM 12  N N1    . DC A 1 1  ? 14.90356  2.04053   -9.86493  1.000 251.35759 ? 14 DC A N1    1 
ATOM 13  C C2    . DC A 1 1  ? 15.18868  3.33764   -9.38503  1.000 244.24266 ? 14 DC A C2    1 
ATOM 14  O O2    . DC A 1 1  ? 15.54708  3.49146   -8.20754  1.000 243.07490 ? 14 DC A O2    1 
ATOM 15  N N3    . DC A 1 1  ? 15.06098  4.39123   -10.23771 1.000 245.83222 ? 14 DC A N3    1 
ATOM 16  C C4    . DC A 1 1  ? 14.67185  4.18723   -11.49851 1.000 247.16023 ? 14 DC A C4    1 
ATOM 17  N N4    . DC A 1 1  ? 14.55780  5.24613   -12.30424 1.000 248.84455 ? 14 DC A N4    1 
ATOM 18  C C5    . DC A 1 1  ? 14.38049  2.88352   -11.99446 1.000 247.06205 ? 14 DC A C5    1 
ATOM 19  C C6    . DC A 1 1  ? 14.50906  1.85447   -11.15624 1.000 249.82784 ? 14 DC A C6    1 
ATOM 20  P P     . DA A 1 2  ? 14.03576  -3.03320  -7.05958  1.000 295.54720 ? 15 DA A P     1 
ATOM 21  O OP1   . DA A 1 2  ? 15.00945  -4.14427  -7.15955  1.000 229.67918 ? 15 DA A OP1   1 
ATOM 22  O OP2   . DA A 1 2  ? 12.76660  -3.10749  -7.81719  1.000 267.37502 ? 15 DA A OP2   1 
ATOM 23  O "O5'" . DA A 1 2  ? 13.67061  -2.76271  -5.52369  1.000 259.89050 ? 15 DA A "O5'" 1 
ATOM 24  C "C5'" . DA A 1 2  ? 12.50999  -2.00435  -5.18502  1.000 205.97132 ? 15 DA A "C5'" 1 
ATOM 25  C "C4'" . DA A 1 2  ? 12.87295  -0.83771  -4.28425  1.000 216.64813 ? 15 DA A "C4'" 1 
ATOM 26  O "O4'" . DA A 1 2  ? 13.29727  0.28622   -5.09777  1.000 214.49920 ? 15 DA A "O4'" 1 
ATOM 27  C "C3'" . DA A 1 2  ? 11.73261  -0.29353  -3.43977  1.000 234.90193 ? 15 DA A "C3'" 1 
ATOM 28  O "O3'" . DA A 1 2  ? 12.28550  0.35915   -2.25935  1.000 257.13977 ? 15 DA A "O3'" 1 
ATOM 29  C "C2'" . DA A 1 2  ? 11.06533  0.67289   -4.41869  1.000 253.48822 ? 15 DA A "C2'" 1 
ATOM 30  C "C1'" . DA A 1 2  ? 12.27658  1.27706   -5.12063  1.000 247.14451 ? 15 DA A "C1'" 1 
ATOM 31  N N9    . DA A 1 2  ? 12.05468  1.66392   -6.51305  1.000 247.67260 ? 15 DA A N9    1 
ATOM 32  C C8    . DA A 1 2  ? 11.94371  0.82713   -7.58499  1.000 223.80577 ? 15 DA A C8    1 
ATOM 33  N N7    . DA A 1 2  ? 11.79061  1.44839   -8.73144  1.000 209.34473 ? 15 DA A N7    1 
ATOM 34  C C5    . DA A 1 2  ? 11.81015  2.79020   -8.39094  1.000 213.59568 ? 15 DA A C5    1 
ATOM 35  C C6    . DA A 1 2  ? 11.69092  3.96720   -9.16187  1.000 209.85522 ? 15 DA A C6    1 
ATOM 36  N N6    . DA A 1 2  ? 11.52216  3.96326   -10.49033 1.000 212.02056 ? 15 DA A N6    1 
ATOM 37  N N1    . DA A 1 2  ? 11.74749  5.14927   -8.51190  1.000 208.99611 ? 15 DA A N1    1 
ATOM 38  C C2    . DA A 1 2  ? 11.91472  5.14598   -7.18059  1.000 207.01885 ? 15 DA A C2    1 
ATOM 39  N N3    . DA A 1 2  ? 12.03837  4.10549   -6.35058  1.000 205.63878 ? 15 DA A N3    1 
ATOM 40  C C4    . DA A 1 2  ? 11.97993  2.94517   -7.02667  1.000 227.77937 ? 15 DA A C4    1 
ATOM 41  P P     . DC A 1 3  ? 11.63676  1.67600   -1.58875  1.000 261.87391 ? 16 DC A P     1 
ATOM 42  O OP1   . DC A 1 3  ? 11.90707  2.83851   -2.46604  1.000 213.31065 ? 16 DC A OP1   1 
ATOM 43  O OP2   . DC A 1 3  ? 12.19228  1.73128   -0.21806  1.000 241.56842 ? 16 DC A OP2   1 
ATOM 44  O "O5'" . DC A 1 3  ? 10.07771  1.32695   -1.41128  1.000 207.07541 ? 16 DC A "O5'" 1 
ATOM 45  C "C5'" . DC A 1 3  ? 9.05644   2.09342   -2.07157  1.000 228.76622 ? 16 DC A "C5'" 1 
ATOM 46  C "C4'" . DC A 1 3  ? 9.13708   3.57152   -1.72491  1.000 223.98228 ? 16 DC A "C4'" 1 
ATOM 47  O "O4'" . DC A 1 3  ? 9.65036   4.29466   -2.87298  1.000 213.13383 ? 16 DC A "O4'" 1 
ATOM 48  C "C3'" . DC A 1 3  ? 7.80308   4.22860   -1.42991  1.000 205.98360 ? 16 DC A "C3'" 1 
ATOM 49  O "O3'" . DC A 1 3  ? 7.99490   5.41613   -0.67485  1.000 191.85802 ? 16 DC A "O3'" 1 
ATOM 50  C "C2'" . DC A 1 3  ? 7.29347   4.54131   -2.82838  1.000 188.25483 ? 16 DC A "C2'" 1 
ATOM 51  C "C1'" . DC A 1 3  ? 8.58054   4.93188   -3.55693  1.000 218.12585 ? 16 DC A "C1'" 1 
ATOM 52  N N1    . DC A 1 3  ? 8.60646   4.50974   -5.00161  1.000 217.67348 ? 16 DC A N1    1 
ATOM 53  C C2    . DC A 1 3  ? 8.47599   5.47293   -6.01411  1.000 192.55092 ? 16 DC A C2    1 
ATOM 54  O O2    . DC A 1 3  ? 8.34267   6.66291   -5.70180  1.000 192.07834 ? 16 DC A O2    1 
ATOM 55  N N3    . DC A 1 3  ? 8.50078   5.07080   -7.31088  1.000 194.71076 ? 16 DC A N3    1 
ATOM 56  C C4    . DC A 1 3  ? 8.64447   3.77746   -7.60552  1.000 195.48754 ? 16 DC A C4    1 
ATOM 57  N N4    . DC A 1 3  ? 8.66231   3.42743   -8.89508  1.000 197.91231 ? 16 DC A N4    1 
ATOM 58  C C5    . DC A 1 3  ? 8.77331   2.78459   -6.59028  1.000 194.06640 ? 16 DC A C5    1 
ATOM 59  C C6    . DC A 1 3  ? 8.74945   3.19121   -5.31746  1.000 191.85034 ? 16 DC A C6    1 
ATOM 60  P P     . DA A 1 4  ? 6.76907   6.04195   0.15409   1.000 229.40191 ? 17 DA A P     1 
ATOM 61  O OP1   . DA A 1 4  ? 7.33062   7.01327   1.12054   1.000 211.23007 ? 17 DA A OP1   1 
ATOM 62  O OP2   . DA A 1 4  ? 5.94252   4.90687   0.62454   1.000 194.37284 ? 17 DA A OP2   1 
ATOM 63  O "O5'" . DA A 1 4  ? 5.90956   6.82885   -0.94599  1.000 221.08336 ? 17 DA A "O5'" 1 
ATOM 64  C "C5'" . DA A 1 4  ? 6.46898   7.94467   -1.62778  1.000 226.23247 ? 17 DA A "C5'" 1 
ATOM 65  C "C4'" . DA A 1 4  ? 5.54723   8.41674   -2.73994  1.000 195.58508 ? 17 DA A "C4'" 1 
ATOM 66  O "O4'" . DA A 1 4  ? 5.88141   7.74235   -3.97765  1.000 199.81944 ? 17 DA A "O4'" 1 
ATOM 67  C "C3'" . DA A 1 4  ? 4.05249   8.15872   -2.50467  1.000 174.77852 ? 17 DA A "C3'" 1 
ATOM 68  O "O3'" . DA A 1 4  ? 3.32215   9.35608   -2.71805  1.000 174.03714 ? 17 DA A "O3'" 1 
ATOM 69  C "C2'" . DA A 1 4  ? 3.69881   7.09586   -3.55106  1.000 177.66222 ? 17 DA A "C2'" 1 
ATOM 70  C "C1'" . DA A 1 4  ? 4.68852   7.43119   -4.64836  1.000 178.84846 ? 17 DA A "C1'" 1 
ATOM 71  N N9    . DA A 1 4  ? 4.94293   6.34048   -5.58412  1.000 180.38460 ? 17 DA A N9    1 
ATOM 72  C C8    . DA A 1 4  ? 5.25847   5.04436   -5.28761  1.000 180.51900 ? 17 DA A C8    1 
ATOM 73  N N7    . DA A 1 4  ? 5.44186   4.28793   -6.34505  1.000 182.49865 ? 17 DA A N7    1 
ATOM 74  C C5    . DA A 1 4  ? 5.22877   5.15019   -7.40825  1.000 183.63779 ? 17 DA A C5    1 
ATOM 75  C C6    . DA A 1 4  ? 5.26906   4.96918   -8.80740  1.000 197.89745 ? 17 DA A C6    1 
ATOM 76  N N6    . DA A 1 4  ? 5.55401   3.80015   -9.39589  1.000 212.55584 ? 17 DA A N6    1 
ATOM 77  N N1    . DA A 1 4  ? 5.00558   6.04393   -9.58200  1.000 214.34425 ? 17 DA A N1    1 
ATOM 78  C C2    . DA A 1 4  ? 4.73089   7.21314   -8.99165  1.000 207.87060 ? 17 DA A C2    1 
ATOM 79  N N3    . DA A 1 4  ? 4.65486   7.50080   -7.69614  1.000 196.02319 ? 17 DA A N3    1 
ATOM 80  C C4    . DA A 1 4  ? 4.92076   6.41832   -6.95255  1.000 182.33924 ? 17 DA A C4    1 
ATOM 81  P P     . DC A 1 5  ? 2.61187   10.10585  -1.48568  1.000 214.00971 ? 18 DC A P     1 
ATOM 82  O OP1   . DC A 1 5  ? 2.22630   11.46056  -1.94139  1.000 173.71087 ? 18 DC A OP1   1 
ATOM 83  O OP2   . DC A 1 5  ? 3.47565   9.94093   -0.29481  1.000 202.41742 ? 18 DC A OP2   1 
ATOM 84  O "O5'" . DC A 1 5  ? 1.26000   9.28370   -1.25429  1.000 191.60719 ? 18 DC A "O5'" 1 
ATOM 85  C "C5'" . DC A 1 5  ? 0.00495   9.96242   -1.26162  1.000 177.14190 ? 18 DC A "C5'" 1 
ATOM 86  C "C4'" . DC A 1 5  ? -0.99925  9.24497   -0.37983  1.000 182.61195 ? 18 DC A "C4'" 1 
ATOM 87  O "O4'" . DC A 1 5  ? -0.51541  7.91385   -0.10316  1.000 199.68714 ? 18 DC A "O4'" 1 
ATOM 88  C "C3'" . DC A 1 5  ? -1.25479  9.92632   0.95675   1.000 190.74289 ? 18 DC A "C3'" 1 
ATOM 89  O "O3'" . DC A 1 5  ? -2.55955  10.49761  0.96290   1.000 193.98760 ? 18 DC A "O3'" 1 
ATOM 90  C "C2'" . DC A 1 5  ? -1.12762  8.82877   2.01569   1.000 191.21884 ? 18 DC A "C2'" 1 
ATOM 91  C "C1'" . DC A 1 5  ? -0.61824  7.60014   1.26727   1.000 204.83107 ? 18 DC A "C1'" 1 
ATOM 92  N N1    . DC A 1 5  ? 0.72396   7.07575   1.73090   1.000 183.41912 ? 18 DC A N1    1 
ATOM 93  C C2    . DC A 1 5  ? 0.94336   6.73797   3.08159   1.000 171.51153 ? 18 DC A C2    1 
ATOM 94  O O2    . DC A 1 5  ? 0.03660   6.89381   3.91039   1.000 165.68789 ? 18 DC A O2    1 
ATOM 95  N N3    . DC A 1 5  ? 2.16004   6.25018   3.44343   1.000 168.26425 ? 18 DC A N3    1 
ATOM 96  C C4    . DC A 1 5  ? 3.11794   6.08883   2.52870   1.000 170.50406 ? 18 DC A C4    1 
ATOM 97  N N4    . DC A 1 5  ? 4.29856   5.60427   2.93230   1.000 184.21845 ? 18 DC A N4    1 
ATOM 98  C C5    . DC A 1 5  ? 2.90950   6.41696   1.15893   1.000 176.16175 ? 18 DC A C5    1 
ATOM 99  C C6    . DC A 1 5  ? 1.71389   6.89916   0.81083   1.000 176.67147 ? 18 DC A C6    1 
ATOM 100 P P     . DC A 1 6  ? -2.76371  12.03663  1.37650   1.000 271.93164 ? 19 DC A P     1 
ATOM 101 O OP1   . DC A 1 6  ? -3.51394  12.69441  0.28294   1.000 266.77602 ? 19 DC A OP1   1 
ATOM 102 O OP2   . DC A 1 6  ? -1.44220  12.56454  1.77875   1.000 238.37864 ? 19 DC A OP2   1 
ATOM 103 O "O5'" . DC A 1 6  ? -3.69722  11.97268  2.67698   1.000 255.58731 ? 19 DC A "O5'" 1 
ATOM 104 C "C5'" . DC A 1 6  ? -3.71146  10.80383  3.49557   1.000 238.88941 ? 19 DC A "C5'" 1 
ATOM 105 C "C4'" . DC A 1 6  ? -3.25267  11.12651  4.90637   1.000 252.60990 ? 19 DC A "C4'" 1 
ATOM 106 O "O4'" . DC A 1 6  ? -1.98817  10.45726  5.17494   1.000 236.48085 ? 19 DC A "O4'" 1 
ATOM 107 C "C3'" . DC A 1 6  ? -3.00359  12.60815  5.17769   1.000 241.37844 ? 19 DC A "C3'" 1 
ATOM 108 O "O3'" . DC A 1 6  ? -3.35294  12.91723  6.52079   1.000 248.86846 ? 19 DC A "O3'" 1 
ATOM 109 C "C2'" . DC A 1 6  ? -1.50262  12.72892  4.95397   1.000 214.62278 ? 19 DC A "C2'" 1 
ATOM 110 C "C1'" . DC A 1 6  ? -1.02000  11.41533  5.54704   1.000 208.43955 ? 19 DC A "C1'" 1 
ATOM 111 N N1    . DC A 1 6  ? 0.30138   10.97882  5.02715   1.000 200.86342 ? 19 DC A N1    1 
ATOM 112 C C2    . DC A 1 6  ? 1.25533   10.45481  5.90496   1.000 200.19799 ? 19 DC A C2    1 
ATOM 113 O O2    . DC A 1 6  ? 0.97836   10.36285  7.10574   1.000 204.14823 ? 19 DC A O2    1 
ATOM 114 N N3    . DC A 1 6  ? 2.45703   10.06262  5.40990   1.000 200.40283 ? 19 DC A N3    1 
ATOM 115 C C4    . DC A 1 6  ? 2.71015   10.18084  4.10541   1.000 199.58327 ? 19 DC A C4    1 
ATOM 116 N N4    . DC A 1 6  ? 3.90567   9.78461   3.65792   1.000 205.98031 ? 19 DC A N4    1 
ATOM 117 C C5    . DC A 1 6  ? 1.74835   10.71395  3.19995   1.000 199.41733 ? 19 DC A C5    1 
ATOM 118 C C6    . DC A 1 6  ? 0.57426   11.10242  3.70183   1.000 199.88187 ? 19 DC A C6    1 
ATOM 119 P P     . DG A 1 7  ? -3.75461  14.41741  6.93344   1.000 265.20695 ? 20 DG A P     1 
ATOM 120 O OP1   . DG A 1 7  ? -5.23115  14.45540  7.03986   1.000 250.38896 ? 20 DG A OP1   1 
ATOM 121 O OP2   . DG A 1 7  ? -3.06774  15.34963  6.01121   1.000 223.77706 ? 20 DG A OP2   1 
ATOM 122 O "O5'" . DG A 1 7  ? -3.11140  14.59707  8.38965   1.000 249.41127 ? 20 DG A "O5'" 1 
ATOM 123 C "C5'" . DG A 1 7  ? -3.60253  13.82494  9.48352   1.000 220.60648 ? 20 DG A "C5'" 1 
ATOM 124 C "C4'" . DG A 1 7  ? -2.53808  13.64613  10.54990  1.000 235.91102 ? 20 DG A "C4'" 1 
ATOM 125 O "O4'" . DG A 1 7  ? -1.36561  13.01339  9.97257   1.000 273.52511 ? 20 DG A "O4'" 1 
ATOM 126 C "C3'" . DG A 1 7  ? -2.04234  14.93263  11.19412  1.000 263.37850 ? 20 DG A "C3'" 1 
ATOM 127 O "O3'" . DG A 1 7  ? -1.72006  14.67311  12.54805  1.000 265.83126 ? 20 DG A "O3'" 1 
ATOM 128 C "C2'" . DG A 1 7  ? -0.79722  15.25989  10.37055  1.000 242.40031 ? 20 DG A "C2'" 1 
ATOM 129 C "C1'" . DG A 1 7  ? -0.24412  13.86957  10.08642  1.000 260.33173 ? 20 DG A "C1'" 1 
ATOM 130 N N9    . DG A 1 7  ? 0.50932   13.78245  8.84067   1.000 242.80303 ? 20 DG A N9    1 
ATOM 131 C C8    . DG A 1 7  ? 0.05367   14.09445  7.58582   1.000 213.35104 ? 20 DG A C8    1 
ATOM 132 N N7    . DG A 1 7  ? 0.93893   13.90658  6.64996   1.000 199.34420 ? 20 DG A N7    1 
ATOM 133 C C5    . DG A 1 7  ? 2.05353   13.42923  7.32438   1.000 213.37586 ? 20 DG A C5    1 
ATOM 134 C C6    . DG A 1 7  ? 3.32066   13.04923  6.82638   1.000 205.08190 ? 20 DG A C6    1 
ATOM 135 O O6    . DG A 1 7  ? 3.71299   13.06189  5.65255   1.000 183.28258 ? 20 DG A O6    1 
ATOM 136 N N1    . DG A 1 7  ? 4.17076   12.62207  7.84547   1.000 218.44042 ? 20 DG A N1    1 
ATOM 137 C C2    . DG A 1 7  ? 3.83201   12.57084  9.17796   1.000 224.40423 ? 20 DG A C2    1 
ATOM 138 N N2    . DG A 1 7  ? 4.78186   12.13092  10.01666  1.000 235.50535 ? 20 DG A N2    1 
ATOM 139 N N3    . DG A 1 7  ? 2.64412   12.92573  9.65719   1.000 219.23933 ? 20 DG A N3    1 
ATOM 140 C C4    . DG A 1 7  ? 1.80750   13.34307  8.67506   1.000 226.51611 ? 20 DG A C4    1 
ATOM 141 P P     . DT A 1 8  ? -1.56215  15.86882  13.60883  1.000 282.95209 ? 21 DT A P     1 
ATOM 142 O OP1   . DT A 1 8  ? -2.73736  15.81238  14.50670  1.000 272.58325 ? 21 DT A OP1   1 
ATOM 143 O OP2   . DT A 1 8  ? -1.24694  17.12078  12.88571  1.000 242.11168 ? 21 DT A OP2   1 
ATOM 144 O "O5'" . DT A 1 8  ? -0.26494  15.44765  14.44258  1.000 236.67831 ? 21 DT A "O5'" 1 
ATOM 145 C "C5'" . DT A 1 8  ? 0.74002   14.64881  13.82778  1.000 220.74289 ? 21 DT A "C5'" 1 
ATOM 146 C "C4'" . DT A 1 8  ? 2.05812   15.39799  13.76152  1.000 229.95435 ? 21 DT A "C4'" 1 
ATOM 147 O "O4'" . DT A 1 8  ? 2.66122   15.20827  12.45785  1.000 221.69235 ? 21 DT A "O4'" 1 
ATOM 148 C "C3'" . DT A 1 8  ? 1.95249   16.91589  13.96935  1.000 237.19642 ? 21 DT A "C3'" 1 
ATOM 149 O "O3'" . DT A 1 8  ? 2.77225   17.31919  15.06287  1.000 229.83685 ? 21 DT A "O3'" 1 
ATOM 150 C "C2'" . DT A 1 8  ? 2.44136   17.51485  12.64377  1.000 268.56593 ? 21 DT A "C2'" 1 
ATOM 151 C "C1'" . DT A 1 8  ? 3.31000   16.39721  12.08950  1.000 254.87853 ? 21 DT A "C1'" 1 
ATOM 152 N N1    . DT A 1 8  ? 3.45387   16.43028  10.60477  1.000 251.64239 ? 21 DT A N1    1 
ATOM 153 C C2    . DT A 1 8  ? 4.66452   16.09824  10.03500  1.000 227.98203 ? 21 DT A C2    1 
ATOM 154 O O2    . DT A 1 8  ? 5.64381   15.77288  10.68273  1.000 192.64384 ? 21 DT A O2    1 
ATOM 155 N N3    . DT A 1 8  ? 4.69098   16.16725  8.66852   1.000 225.34695 ? 21 DT A N3    1 
ATOM 156 C C4    . DT A 1 8  ? 3.64999   16.52983  7.83166   1.000 236.04062 ? 21 DT A C4    1 
ATOM 157 O O4    . DT A 1 8  ? 3.77093   16.56236  6.61431   1.000 220.95758 ? 21 DT A O4    1 
ATOM 158 C C5    . DT A 1 8  ? 2.41139   16.86649  8.49222   1.000 243.02762 ? 21 DT A C5    1 
ATOM 159 C C7    . DT A 1 8  ? 1.21336   17.27434  7.68536   1.000 229.39590 ? 21 DT A C7    1 
ATOM 160 C C6    . DT A 1 8  ? 2.37392   16.80357  9.83092   1.000 243.32503 ? 21 DT A C6    1 
ATOM 161 P P     . DG B 2 1  ? -7.40547  -1.63217  -2.43929  1.000 177.31690 ? 2  DG B P     1 
ATOM 162 O OP1   . DG B 2 1  ? -5.95911  -1.50372  -2.14674  1.000 171.29181 ? 2  DG B OP1   1 
ATOM 163 O OP2   . DG B 2 1  ? -8.01900  -0.76098  -3.46531  1.000 185.06171 ? 2  DG B OP2   1 
ATOM 164 O "O5'" . DG B 2 1  ? -7.71747  -3.14915  -2.84745  1.000 183.72014 ? 2  DG B "O5'" 1 
ATOM 165 C "C5'" . DG B 2 1  ? -8.85707  -3.45092  -3.64854  1.000 165.95006 ? 2  DG B "C5'" 1 
ATOM 166 C "C4'" . DG B 2 1  ? -8.54412  -4.53243  -4.66354  1.000 183.07790 ? 2  DG B "C4'" 1 
ATOM 167 O "O4'" . DG B 2 1  ? -9.22714  -4.21833  -5.90231  1.000 200.55408 ? 2  DG B "O4'" 1 
ATOM 168 C "C3'" . DG B 2 1  ? -7.07168  -4.65830  -5.03348  1.000 164.58852 ? 2  DG B "C3'" 1 
ATOM 169 O "O3'" . DG B 2 1  ? -6.77613  -5.98535  -5.45501  1.000 191.07750 ? 2  DG B "O3'" 1 
ATOM 170 C "C2'" . DG B 2 1  ? -6.94018  -3.67279  -6.18203  1.000 181.30691 ? 2  DG B "C2'" 1 
ATOM 171 C "C1'" . DG B 2 1  ? -8.28869  -3.81861  -6.88328  1.000 153.98669 ? 2  DG B "C1'" 1 
ATOM 172 N N9    . DG B 2 1  ? -8.73977  -2.57188  -7.48539  1.000 167.36768 ? 2  DG B N9    1 
ATOM 173 C C8    . DG B 2 1  ? -9.00827  -1.38974  -6.83850  1.000 178.08119 ? 2  DG B C8    1 
ATOM 174 N N7    . DG B 2 1  ? -9.37374  -0.43112  -7.64108  1.000 160.58836 ? 2  DG B N7    1 
ATOM 175 C C5    . DG B 2 1  ? -9.33859  -1.01226  -8.90036  1.000 144.54834 ? 2  DG B C5    1 
ATOM 176 C C6    . DG B 2 1  ? -9.63909  -0.45846  -10.16347 1.000 158.54574 ? 2  DG B C6    1 
ATOM 177 O O6    . DG B 2 1  ? -10.00495 0.69544   -10.42688 1.000 190.52993 ? 2  DG B O6    1 
ATOM 178 N N1    . DG B 2 1  ? -9.47726  -1.39039  -11.18537 1.000 182.50210 ? 2  DG B N1    1 
ATOM 179 C C2    . DG B 2 1  ? -9.07847  -2.69463  -11.00662 1.000 194.00914 ? 2  DG B C2    1 
ATOM 180 N N2    . DG B 2 1  ? -8.97348  -3.44148  -12.11638 1.000 208.98173 ? 2  DG B N2    1 
ATOM 181 N N3    . DG B 2 1  ? -8.79099  -3.22619  -9.82502  1.000 161.24565 ? 2  DG B N3    1 
ATOM 182 C C4    . DG B 2 1  ? -8.94881  -2.33047  -8.82073  1.000 150.63003 ? 2  DG B C4    1 
ATOM 183 P P     . DA B 2 2  ? -5.27668  -6.38161  -5.88150  1.000 223.40697 ? 3  DA B P     1 
ATOM 184 O OP1   . DA B 2 2  ? -5.08294  -7.80871  -5.54391  1.000 217.22097 ? 3  DA B OP1   1 
ATOM 185 O OP2   . DA B 2 2  ? -4.35787  -5.36076  -5.33159  1.000 210.88809 ? 3  DA B OP2   1 
ATOM 186 O "O5'" . DA B 2 2  ? -5.27114  -6.23488  -7.47393  1.000 139.51350 ? 3  DA B "O5'" 1 
ATOM 187 C "C5'" . DA B 2 2  ? -6.07016  -7.10705  -8.26486  1.000 202.61206 ? 3  DA B "C5'" 1 
ATOM 188 C "C4'" . DA B 2 2  ? -5.67912  -7.02946  -9.73142  1.000 199.00681 ? 3  DA B "C4'" 1 
ATOM 189 O "O4'" . DA B 2 2  ? -6.28296  -5.85674  -10.33597 1.000 191.78085 ? 3  DA B "O4'" 1 
ATOM 190 C "C3'" . DA B 2 2  ? -4.17999  -6.92891  -9.99911  1.000 195.62452 ? 3  DA B "C3'" 1 
ATOM 191 O "O3'" . DA B 2 2  ? -3.83377  -7.71413  -11.13673 1.000 199.86030 ? 3  DA B "O3'" 1 
ATOM 192 C "C2'" . DA B 2 2  ? -3.96852  -5.43886  -10.25294 1.000 193.72720 ? 3  DA B "C2'" 1 
ATOM 193 C "C1'" . DA B 2 2  ? -5.28703  -5.02838  -10.89496 1.000 176.22307 ? 3  DA B "C1'" 1 
ATOM 194 N N9    . DA B 2 2  ? -5.64168  -3.64302  -10.62179 1.000 169.07503 ? 3  DA B N9    1 
ATOM 195 C C8    . DA B 2 2  ? -5.76341  -3.05734  -9.39208  1.000 164.61002 ? 3  DA B C8    1 
ATOM 196 N N7    . DA B 2 2  ? -6.08710  -1.78846  -9.43878  1.000 142.80469 ? 3  DA B N7    1 
ATOM 197 C C5    . DA B 2 2  ? -6.18395  -1.52044  -10.79332 1.000 141.58623 ? 3  DA B C5    1 
ATOM 198 C C6    . DA B 2 2  ? -6.50074  -0.35113  -11.49930 1.000 172.94723 ? 3  DA B C6    1 
ATOM 199 N N6    . DA B 2 2  ? -6.78743  0.80976   -10.89920 1.000 173.14093 ? 3  DA B N6    1 
ATOM 200 N N1    . DA B 2 2  ? -6.51251  -0.42095  -12.85209 1.000 187.52605 ? 3  DA B N1    1 
ATOM 201 C C2    . DA B 2 2  ? -6.22559  -1.59022  -13.44347 1.000 147.88773 ? 3  DA B C2    1 
ATOM 202 N N3    . DA B 2 2  ? -5.91319  -2.75766  -12.88100 1.000 145.50976 ? 3  DA B N3    1 
ATOM 203 C C4    . DA B 2 2  ? -5.91355  -2.65330  -11.53801 1.000 166.66289 ? 3  DA B C4    1 
ATOM 204 P P     . DA B 2 3  ? -2.33344  -7.69801  -11.71394 1.000 220.91363 ? 4  DA B P     1 
ATOM 205 O OP1   . DA B 2 3  ? -2.10201  -9.00671  -12.36308 1.000 223.82677 ? 4  DA B OP1   1 
ATOM 206 O OP2   . DA B 2 3  ? -1.41757  -7.23943  -10.64371 1.000 207.30768 ? 4  DA B OP2   1 
ATOM 207 O "O5'" . DA B 2 3  ? -2.37277  -6.56772  -12.84481 1.000 190.72081 ? 4  DA B "O5'" 1 
ATOM 208 C "C5'" . DA B 2 3  ? -3.38758  -6.59474  -13.84571 1.000 180.94979 ? 4  DA B "C5'" 1 
ATOM 209 C "C4'" . DA B 2 3  ? -3.08772  -5.60354  -14.96150 1.000 196.12968 ? 4  DA B "C4'" 1 
ATOM 210 O "O4'" . DA B 2 3  ? -3.56884  -4.28134  -14.60281 1.000 223.98669 ? 4  DA B "O4'" 1 
ATOM 211 C "C3'" . DA B 2 3  ? -1.61558  -5.42256  -15.30004 1.000 221.18545 ? 4  DA B "C3'" 1 
ATOM 212 O "O3'" . DA B 2 3  ? -1.49565  -5.14779  -16.68209 1.000 249.48963 ? 4  DA B "O3'" 1 
ATOM 213 C "C2'" . DA B 2 3  ? -1.23576  -4.20317  -14.46157 1.000 206.90270 ? 4  DA B "C2'" 1 
ATOM 214 C "C1'" . DA B 2 3  ? -2.49189  -3.36111  -14.60730 1.000 197.34455 ? 4  DA B "C1'" 1 
ATOM 215 N N9    . DA B 2 3  ? -2.72105  -2.41707  -13.52008 1.000 180.02317 ? 4  DA B N9    1 
ATOM 216 C C8    . DA B 2 3  ? -2.76283  -2.69967  -12.18426 1.000 181.29580 ? 4  DA B C8    1 
ATOM 217 N N7    . DA B 2 3  ? -3.02500  -1.65870  -11.43107 1.000 187.34351 ? 4  DA B N7    1 
ATOM 218 C C5    . DA B 2 3  ? -3.18199  -0.62147  -12.33717 1.000 183.50822 ? 4  DA B C5    1 
ATOM 219 C C6    . DA B 2 3  ? -3.47674  0.74852   -12.17146 1.000 193.97188 ? 4  DA B C6    1 
ATOM 220 N N6    . DA B 2 3  ? -3.66869  1.31713   -10.97806 1.000 180.00967 ? 4  DA B N6    1 
ATOM 221 N N1    . DA B 2 3  ? -3.56321  1.51277   -13.28325 1.000 193.92546 ? 4  DA B N1    1 
ATOM 222 C C2    . DA B 2 3  ? -3.36676  0.93728   -14.47765 1.000 207.54677 ? 4  DA B C2    1 
ATOM 223 N N3    . DA B 2 3  ? -3.08412  -0.33910  -14.75769 1.000 206.94517 ? 4  DA B N3    1 
ATOM 224 C C4    . DA B 2 3  ? -3.00426  -1.07145  -13.63141 1.000 185.96765 ? 4  DA B C4    1 
ATOM 225 P P     . DG B 2 4  ? -0.58386  -6.07554  -17.62066 1.000 269.83931 ? 5  DG B P     1 
ATOM 226 O OP1   . DG B 2 4  ? -1.46288  -6.62854  -18.67526 1.000 237.92687 ? 5  DG B OP1   1 
ATOM 227 O OP2   . DG B 2 4  ? 0.18021   -6.99043  -16.74227 1.000 231.29765 ? 5  DG B OP2   1 
ATOM 228 O "O5'" . DG B 2 4  ? 0.44164   -5.04081  -18.27852 1.000 237.40151 ? 5  DG B "O5'" 1 
ATOM 229 C "C5'" . DG B 2 4  ? 1.04617   -4.03859  -17.46846 1.000 224.47869 ? 5  DG B "C5'" 1 
ATOM 230 C "C4'" . DG B 2 4  ? 0.68927   -2.64688  -17.96511 1.000 231.94557 ? 5  DG B "C4'" 1 
ATOM 231 O "O4'" . DG B 2 4  ? -0.08811  -1.94940  -16.95306 1.000 212.32728 ? 5  DG B "O4'" 1 
ATOM 232 C "C3'" . DG B 2 4  ? 1.88739   -1.75226  -18.27393 1.000 236.49116 ? 5  DG B "C3'" 1 
ATOM 233 O "O3'" . DG B 2 4  ? 1.65961   -1.01936  -19.46439 1.000 252.88429 ? 5  DG B "O3'" 1 
ATOM 234 C "C2'" . DG B 2 4  ? 1.97338   -0.83448  -17.05644 1.000 228.85918 ? 5  DG B "C2'" 1 
ATOM 235 C "C1'" . DG B 2 4  ? 0.51308   -0.70620  -16.64872 1.000 212.94627 ? 5  DG B "C1'" 1 
ATOM 236 N N9    . DG B 2 4  ? 0.33589   -0.44993  -15.22048 1.000 182.78640 ? 5  DG B N9    1 
ATOM 237 C C8    . DG B 2 4  ? 0.45784   -1.36410  -14.20551 1.000 178.98842 ? 5  DG B C8    1 
ATOM 238 N N7    . DG B 2 4  ? 0.24865   -0.86163  -13.02304 1.000 173.58314 ? 5  DG B N7    1 
ATOM 239 C C5    . DG B 2 4  ? -0.02622  0.47796   -13.26520 1.000 185.37764 ? 5  DG B C5    1 
ATOM 240 C C6    . DG B 2 4  ? -0.32904  1.51887   -12.35976 1.000 192.17642 ? 5  DG B C6    1 
ATOM 241 O O6    . DG B 2 4  ? -0.41660  1.45361   -11.13096 1.000 200.21588 ? 5  DG B O6    1 
ATOM 242 N N1    . DG B 2 4  ? -0.54386  2.73064   -13.01281 1.000 196.74666 ? 5  DG B N1    1 
ATOM 243 C C2    . DG B 2 4  ? -0.47265  2.90864   -14.37466 1.000 197.24457 ? 5  DG B C2    1 
ATOM 244 N N2    . DG B 2 4  ? -0.70584  4.15065   -14.82614 1.000 204.91412 ? 5  DG B N2    1 
ATOM 245 N N3    . DG B 2 4  ? -0.18691  1.93700   -15.23560 1.000 181.17821 ? 5  DG B N3    1 
ATOM 246 C C4    . DG B 2 4  ? 0.02346   0.75122   -14.61121 1.000 184.52381 ? 5  DG B C4    1 
ATOM 247 P P     . DC B 2 5  ? 2.88008   -0.24933  -20.16824 1.000 261.44842 ? 6  DC B P     1 
ATOM 248 O OP1   . DC B 2 5  ? 2.58493   -0.14540  -21.61606 1.000 231.41598 ? 6  DC B OP1   1 
ATOM 249 O OP2   . DC B 2 5  ? 4.12888   -0.89771  -19.70449 1.000 202.21483 ? 6  DC B OP2   1 
ATOM 250 O "O5'" . DC B 2 5  ? 2.83047   1.21087   -19.52073 1.000 234.09662 ? 6  DC B "O5'" 1 
ATOM 251 C "C5'" . DC B 2 5  ? 1.68315   2.03137   -19.69972 1.000 248.58295 ? 6  DC B "C5'" 1 
ATOM 252 C "C4'" . DC B 2 5  ? 1.87292   3.36964   -19.01030 1.000 252.22746 ? 6  DC B "C4'" 1 
ATOM 253 O "O4'" . DC B 2 5  ? 1.65727   3.21573   -17.58340 1.000 250.47315 ? 6  DC B "O4'" 1 
ATOM 254 C "C3'" . DC B 2 5  ? 3.26760   3.98550   -19.17112 1.000 246.50220 ? 6  DC B "C3'" 1 
ATOM 255 O "O3'" . DC B 2 5  ? 3.15830   5.34719   -19.57074 1.000 260.12550 ? 6  DC B "O3'" 1 
ATOM 256 C "C2'" . DC B 2 5  ? 3.88679   3.85238   -17.77768 1.000 232.46254 ? 6  DC B "C2'" 1 
ATOM 257 C "C1'" . DC B 2 5  ? 2.65905   3.91329   -16.88567 1.000 221.95001 ? 6  DC B "C1'" 1 
ATOM 258 N N1    . DC B 2 5  ? 2.85075   3.26384   -15.55052 1.000 196.72287 ? 6  DC B N1    1 
ATOM 259 C C2    . DC B 2 5  ? 2.62630   4.00087   -14.38140 1.000 198.04637 ? 6  DC B C2    1 
ATOM 260 O O2    . DC B 2 5  ? 2.27146   5.18080   -14.47178 1.000 206.58041 ? 6  DC B O2    1 
ATOM 261 N N3    . DC B 2 5  ? 2.80330   3.39733   -13.17794 1.000 204.83179 ? 6  DC B N3    1 
ATOM 262 C C4    . DC B 2 5  ? 3.18708   2.12208   -13.11970 1.000 209.45793 ? 6  DC B C4    1 
ATOM 263 N N4    . DC B 2 5  ? 3.34695   1.57255   -11.90888 1.000 198.60065 ? 6  DC B N4    1 
ATOM 264 C C5    . DC B 2 5  ? 3.42135   1.35456   -14.30016 1.000 207.83115 ? 6  DC B C5    1 
ATOM 265 C C6    . DC B 2 5  ? 3.24346   1.96020   -15.48145 1.000 190.73049 ? 6  DC B C6    1 
ATOM 266 P P     . DT B 2 6  ? 4.47904   6.20980   -19.88064 1.000 283.46712 ? 7  DT B P     1 
ATOM 267 O OP1   . DT B 2 6  ? 4.09296   7.31976   -20.78189 1.000 248.71837 ? 7  DT B OP1   1 
ATOM 268 O OP2   . DT B 2 6  ? 5.55148   5.26873   -20.27779 1.000 245.95116 ? 7  DT B OP2   1 
ATOM 269 O "O5'" . DT B 2 6  ? 4.87533   6.81879   -18.45759 1.000 248.81003 ? 7  DT B "O5'" 1 
ATOM 270 C "C5'" . DT B 2 6  ? 5.49110   8.09587   -18.37553 1.000 247.93790 ? 7  DT B "C5'" 1 
ATOM 271 C "C4'" . DT B 2 6  ? 4.85808   8.91589   -17.26817 1.000 244.90666 ? 7  DT B "C4'" 1 
ATOM 272 O "O4'" . DT B 2 6  ? 4.09989   8.03573   -16.40780 1.000 236.17125 ? 7  DT B "O4'" 1 
ATOM 273 C "C3'" . DT B 2 6  ? 5.84526   9.62875   -16.35703 1.000 249.79880 ? 7  DT B "C3'" 1 
ATOM 274 O "O3'" . DT B 2 6  ? 6.10121   10.93821  -16.84879 1.000 245.62105 ? 7  DT B "O3'" 1 
ATOM 275 C "C2'" . DT B 2 6  ? 5.10735   9.68185   -15.02501 1.000 240.94547 ? 7  DT B "C2'" 1 
ATOM 276 C "C1'" . DT B 2 6  ? 4.25888   8.41717   -15.05451 1.000 245.97946 ? 7  DT B "C1'" 1 
ATOM 277 N N1    . DT B 2 6  ? 4.84630   7.27287   -14.29836 1.000 235.51427 ? 7  DT B N1    1 
ATOM 278 C C2    . DT B 2 6  ? 4.93111   7.34453   -12.92577 1.000 219.18160 ? 7  DT B C2    1 
ATOM 279 O O2    . DT B 2 6  ? 4.55072   8.30668   -12.27783 1.000 210.28127 ? 7  DT B O2    1 
ATOM 280 N N3    . DT B 2 6  ? 5.47048   6.23734   -12.32761 1.000 219.39088 ? 7  DT B N3    1 
ATOM 281 C C4    . DT B 2 6  ? 5.93328   5.09165   -12.94837 1.000 217.85459 ? 7  DT B C4    1 
ATOM 282 O O4    . DT B 2 6  ? 6.40247   4.14806   -12.31711 1.000 206.15724 ? 7  DT B O4    1 
ATOM 283 C C5    . DT B 2 6  ? 5.81673   5.07984   -14.38674 1.000 212.78006 ? 7  DT B C5    1 
ATOM 284 C C7    . DT B 2 6  ? 6.28552   3.88906   -15.16687 1.000 173.38888 ? 7  DT B C7    1 
ATOM 285 C C6    . DT B 2 6  ? 5.28350   6.15801   -14.98676 1.000 220.06842 ? 7  DT B C6    1 
ATOM 286 P P     . DG B 2 7  ? 7.57866   11.56144  -16.75103 1.000 270.35282 ? 8  DG B P     1 
ATOM 287 O OP1   . DG B 2 7  ? 7.94093   12.03856  -18.10654 1.000 272.37091 ? 8  DG B OP1   1 
ATOM 288 O OP2   . DG B 2 7  ? 8.43080   10.56990  -16.05506 1.000 253.88199 ? 8  DG B OP2   1 
ATOM 289 O "O5'" . DG B 2 7  ? 7.41155   12.83518  -15.79038 1.000 259.73997 ? 8  DG B "O5'" 1 
ATOM 290 C "C5'" . DG B 2 7  ? 6.57563   12.76578  -14.63951 1.000 244.33214 ? 8  DG B "C5'" 1 
ATOM 291 C "C4'" . DG B 2 7  ? 7.36678   13.02349  -13.36796 1.000 260.01705 ? 8  DG B "C4'" 1 
ATOM 292 O "O4'" . DG B 2 7  ? 7.25799   11.87631  -12.48540 1.000 256.64331 ? 8  DG B "O4'" 1 
ATOM 293 C "C3'" . DG B 2 7  ? 8.86002   13.27169  -13.56091 1.000 262.24697 ? 8  DG B "C3'" 1 
ATOM 294 O "O3'" . DG B 2 7  ? 9.29277   14.28103  -12.65221 1.000 269.22734 ? 8  DG B "O3'" 1 
ATOM 295 C "C2'" . DG B 2 7  ? 9.48412   11.90926  -13.24737 1.000 229.23743 ? 8  DG B "C2'" 1 
ATOM 296 C "C1'" . DG B 2 7  ? 8.54290   11.36745  -12.18101 1.000 243.15644 ? 8  DG B "C1'" 1 
ATOM 297 N N9    . DG B 2 7  ? 8.45407   9.90851   -12.15977 1.000 230.13603 ? 8  DG B N9    1 
ATOM 298 C C8    . DG B 2 7  ? 8.32263   9.07200   -13.24259 1.000 213.86486 ? 8  DG B C8    1 
ATOM 299 N N7    . DG B 2 7  ? 8.24901   7.81056   -12.91947 1.000 215.66520 ? 8  DG B N7    1 
ATOM 300 C C5    . DG B 2 7  ? 8.33117   7.80913   -11.53226 1.000 238.34282 ? 8  DG B C5    1 
ATOM 301 C C6    . DG B 2 7  ? 8.30622   6.72777   -10.61849 1.000 222.58754 ? 8  DG B C6    1 
ATOM 302 O O6    . DG B 2 7  ? 8.20289   5.52038   -10.86373 1.000 214.44715 ? 8  DG B O6    1 
ATOM 303 N N1    . DG B 2 7  ? 8.41753   7.16161   -9.30172  1.000 199.97857 ? 8  DG B N1    1 
ATOM 304 C C2    . DG B 2 7  ? 8.53866   8.47438   -8.91465  1.000 223.38510 ? 8  DG B C2    1 
ATOM 305 N N2    . DG B 2 7  ? 8.63534   8.69733   -7.59667  1.000 194.55966 ? 8  DG B N2    1 
ATOM 306 N N3    . DG B 2 7  ? 8.56419   9.49951   -9.75990  1.000 244.29617 ? 8  DG B N3    1 
ATOM 307 C C4    . DG B 2 7  ? 8.45626   9.09270   -11.04883 1.000 241.42254 ? 8  DG B C4    1 
ATOM 308 P P     . DT B 2 8  ? 10.83909  14.70809  -12.56790 1.000 266.98322 ? 9  DT B P     1 
ATOM 309 O OP1   . DT B 2 8  ? 10.86725  16.15378  -12.26085 1.000 236.83212 ? 9  DT B OP1   1 
ATOM 310 O OP2   . DT B 2 8  ? 11.54656  14.18713  -13.76082 1.000 214.98670 ? 9  DT B OP2   1 
ATOM 311 O "O5'" . DT B 2 8  ? 11.37795  13.92344  -11.28624 1.000 256.92217 ? 9  DT B "O5'" 1 
ATOM 312 C "C5'" . DT B 2 8  ? 10.68294  14.01592  -10.05084 1.000 234.55318 ? 9  DT B "C5'" 1 
ATOM 313 C "C4'" . DT B 2 8  ? 11.49127  13.37006  -8.93911  1.000 223.08127 ? 9  DT B "C4'" 1 
ATOM 314 O "O4'" . DT B 2 8  ? 11.19679  11.95055  -8.89340  1.000 232.49215 ? 9  DT B "O4'" 1 
ATOM 315 C "C3'" . DT B 2 8  ? 13.00875  13.48275  -9.10510  1.000 240.59285 ? 9  DT B "C3'" 1 
ATOM 316 O "O3'" . DT B 2 8  ? 13.63418  13.75243  -7.85476  1.000 243.54251 ? 9  DT B "O3'" 1 
ATOM 317 C "C2'" . DT B 2 8  ? 13.40379  12.11926  -9.66196  1.000 224.60719 ? 9  DT B "C2'" 1 
ATOM 318 C "C1'" . DT B 2 8  ? 12.39700  11.20944  -8.98178  1.000 242.71721 ? 9  DT B "C1'" 1 
ATOM 319 N N1    . DT B 2 8  ? 12.12461  9.96459   -9.74301  1.000 234.90954 ? 9  DT B N1    1 
ATOM 320 C C2    . DT B 2 8  ? 11.91635  8.78896   -9.05871  1.000 230.89089 ? 9  DT B C2    1 
ATOM 321 O O2    . DT B 2 8  ? 11.94059  8.71067   -7.84164  1.000 235.01473 ? 9  DT B O2    1 
ATOM 322 N N3    . DT B 2 8  ? 11.67256  7.69727   -9.85369  1.000 228.29565 ? 9  DT B N3    1 
ATOM 323 C C4    . DT B 2 8  ? 11.62048  7.66661   -11.23894 1.000 224.87749 ? 9  DT B C4    1 
ATOM 324 O O4    . DT B 2 8  ? 11.39266  6.63115   -11.86597 1.000 207.56655 ? 9  DT B O4    1 
ATOM 325 C C5    . DT B 2 8  ? 11.85297  8.93850   -11.89277 1.000 214.42403 ? 9  DT B C5    1 
ATOM 326 C C7    . DT B 2 8  ? 11.82440  9.03692   -13.38814 1.000 199.28294 ? 9  DT B C7    1 
ATOM 327 C C6    . DT B 2 8  ? 12.09279  10.01063  -11.12161 1.000 217.99708 ? 9  DT B C6    1 
ATOM 328 P P     . DG B 2 9  ? 14.56065  15.05562  -7.70358  1.000 280.30082 ? 10 DG B P     1 
ATOM 329 O OP1   . DG B 2 9  ? 13.96810  15.91147  -6.64130  1.000 216.74606 ? 10 DG B OP1   1 
ATOM 330 O OP2   . DG B 2 9  ? 14.80890  15.59158  -9.06816  1.000 193.41658 ? 10 DG B OP2   1 
ATOM 331 O "O5'" . DG B 2 9  ? 15.93442  14.46373  -7.15330  1.000 263.78465 ? 10 DG B "O5'" 1 
ATOM 332 C "C5'" . DG B 2 9  ? 16.13877  14.36879  -5.74843  1.000 222.26512 ? 10 DG B "C5'" 1 
ATOM 333 C "C4'" . DG B 2 9  ? 16.83558  13.07459  -5.38493  1.000 226.90193 ? 10 DG B "C4'" 1 
ATOM 334 O "O4'" . DG B 2 9  ? 16.24242  11.98394  -6.14038  1.000 202.63281 ? 10 DG B "O4'" 1 
ATOM 335 C "C3'" . DG B 2 9  ? 18.33584  13.04855  -5.68909  1.000 251.25384 ? 10 DG B "C3'" 1 
ATOM 336 O "O3'" . DG B 2 9  ? 19.04271  12.45977  -4.61318  1.000 226.28596 ? 10 DG B "O3'" 1 
ATOM 337 C "C2'" . DG B 2 9  ? 18.42506  12.19322  -6.94699  1.000 242.80669 ? 10 DG B "C2'" 1 
ATOM 338 C "C1'" . DG B 2 9  ? 17.26054  11.23034  -6.74874  1.000 246.88029 ? 10 DG B "C1'" 1 
ATOM 339 N N9    . DG B 2 9  ? 16.76028  10.65266  -8.00452  1.000 256.40849 ? 10 DG B N9    1 
ATOM 340 C C8    . DG B 2 9  ? 16.63719  11.29855  -9.21189  1.000 264.56701 ? 10 DG B C8    1 
ATOM 341 N N7    . DG B 2 9  ? 16.17522  10.53971  -10.16609 1.000 261.27209 ? 10 DG B N7    1 
ATOM 342 C C5    . DG B 2 9  ? 15.98465  9.30299   -9.56665  1.000 236.95099 ? 10 DG B C5    1 
ATOM 343 C C6    . DG B 2 9  ? 15.50554  8.09027   -10.11629 1.000 201.18347 ? 10 DG B C6    1 
ATOM 344 O O6    . DG B 2 9  ? 15.14274  7.87135   -11.28185 1.000 196.36194 ? 10 DG B O6    1 
ATOM 345 N N1    . DG B 2 9  ? 15.46557  7.07340   -9.17005  1.000 185.65858 ? 10 DG B N1    1 
ATOM 346 C C2    . DG B 2 9  ? 15.84245  7.20376   -7.85349  1.000 208.02053 ? 10 DG B C2    1 
ATOM 347 N N2    . DG B 2 9  ? 15.72777  6.10378   -7.09806  1.000 164.95701 ? 10 DG B N2    1 
ATOM 348 N N3    . DG B 2 9  ? 16.29623  8.34003   -7.32134  1.000 218.06226 ? 10 DG B N3    1 
ATOM 349 C C4    . DG B 2 9  ? 16.34491  9.34829   -8.23019  1.000 239.20450 ? 10 DG B C4    1 
ATOM 350 P P     . DT C 3 1  ? -18.88335 -20.06562 -2.26885  1.000 205.74648 ? 0  DT C P     1 
ATOM 351 O OP1   . DT C 3 1  ? -17.76488 -19.41178 -2.98435  1.000 215.81649 ? 0  DT C OP1   1 
ATOM 352 O OP2   . DT C 3 1  ? -18.60538 -21.17224 -1.32347  1.000 222.85883 ? 0  DT C OP2   1 
ATOM 353 O "O5'" . DT C 3 1  ? -19.75322 -18.96210 -1.50103  1.000 228.86359 ? 0  DT C "O5'" 1 
ATOM 354 C "C5'" . DT C 3 1  ? -20.85246 -19.36756 -0.67874  1.000 214.89851 ? 0  DT C "C5'" 1 
ATOM 355 C "C4'" . DT C 3 1  ? -20.56520 -19.10311 0.78778   1.000 217.35608 ? 0  DT C "C4'" 1 
ATOM 356 O "O4'" . DT C 3 1  ? -19.67138 -20.12537 1.30139   1.000 233.80453 ? 0  DT C "O4'" 1 
ATOM 357 C "C3'" . DT C 3 1  ? -19.89106 -17.75447 1.07597   1.000 245.55223 ? 0  DT C "C3'" 1 
ATOM 358 O "O3'" . DT C 3 1  ? -20.70364 -16.95433 1.95446   1.000 270.03424 ? 0  DT C "O3'" 1 
ATOM 359 C "C2'" . DT C 3 1  ? -18.56274 -18.13961 1.72699   1.000 241.77977 ? 0  DT C "C2'" 1 
ATOM 360 C "C1'" . DT C 3 1  ? -18.84301 -19.53712 2.26015   1.000 237.37252 ? 0  DT C "C1'" 1 
ATOM 361 N N1    . DT C 3 1  ? -17.59733 -20.34013 2.39748   1.000 221.74834 ? 0  DT C N1    1 
ATOM 362 C C2    . DT C 3 1  ? -17.22565 -20.80589 3.64180   1.000 197.25912 ? 0  DT C C2    1 
ATOM 363 O O2    . DT C 3 1  ? -17.88552 -20.63443 4.65017   1.000 211.42591 ? 0  DT C O2    1 
ATOM 364 N N3    . DT C 3 1  ? -16.04238 -21.49848 3.65528   1.000 183.50342 ? 0  DT C N3    1 
ATOM 365 C C4    . DT C 3 1  ? -15.20912 -21.75618 2.58209   1.000 190.03102 ? 0  DT C C4    1 
ATOM 366 O O4    . DT C 3 1  ? -14.16673 -22.39088 2.69535   1.000 212.43012 ? 0  DT C O4    1 
ATOM 367 C C5    . DT C 3 1  ? -15.65474 -21.22964 1.31495   1.000 194.95511 ? 0  DT C C5    1 
ATOM 368 C C7    . DT C 3 1  ? -14.83190 -21.44213 0.08339   1.000 200.44089 ? 0  DT C C7    1 
ATOM 369 C C6    . DT C 3 1  ? -16.81093 -20.55022 1.28509   1.000 208.35305 ? 0  DT C C6    1 
ATOM 370 P P     . DC C 3 2  ? -20.16428 -15.54023 2.50960   1.000 267.96301 ? 1  DC C P     1 
ATOM 371 O OP1   . DC C 3 2  ? -21.34455 -14.69021 2.80050   1.000 245.41607 ? 1  DC C OP1   1 
ATOM 372 O OP2   . DC C 3 2  ? -19.11841 -15.06231 1.57716   1.000 179.39292 ? 1  DC C OP2   1 
ATOM 373 O "O5'" . DC C 3 2  ? -19.45111 -15.91248 3.89400   1.000 235.23211 ? 1  DC C "O5'" 1 
ATOM 374 C "C5'" . DC C 3 2  ? -20.17314 -16.62624 4.88893   1.000 240.25373 ? 1  DC C "C5'" 1 
ATOM 375 C "C4'" . DC C 3 2  ? -19.29079 -16.93242 6.08536   1.000 207.23206 ? 1  DC C "C4'" 1 
ATOM 376 O "O4'" . DC C 3 2  ? -18.30498 -17.92646 5.71542   1.000 203.56017 ? 1  DC C "O4'" 1 
ATOM 377 C "C3'" . DC C 3 2  ? -18.52450 -15.72756 6.62798   1.000 200.67108 ? 1  DC C "C3'" 1 
ATOM 378 O "O3'" . DC C 3 2  ? -18.89545 -15.46293 7.97510   1.000 219.05015 ? 1  DC C "O3'" 1 
ATOM 379 C "C2'" . DC C 3 2  ? -17.04636 -16.10956 6.51207   1.000 206.69016 ? 1  DC C "C2'" 1 
ATOM 380 C "C1'" . DC C 3 2  ? -17.06611 -17.61914 6.30244   1.000 196.60491 ? 1  DC C "C1'" 1 
ATOM 381 N N1    . DC C 3 2  ? -15.98064 -18.08302 5.38126   1.000 204.07017 ? 1  DC C N1    1 
ATOM 382 C C2    . DC C 3 2  ? -14.83124 -18.69199 5.90166   1.000 197.97546 ? 1  DC C C2    1 
ATOM 383 O O2    . DC C 3 2  ? -14.73965 -18.85658 7.12339   1.000 195.87441 ? 1  DC C O2    1 
ATOM 384 N N3    . DC C 3 2  ? -13.85633 -19.09002 5.04744   1.000 186.06726 ? 1  DC C N3    1 
ATOM 385 C C4    . DC C 3 2  ? -13.99177 -18.89395 3.73499   1.000 153.08661 ? 1  DC C C4    1 
ATOM 386 N N4    . DC C 3 2  ? -13.00530 -19.30346 2.93100   1.000 151.14675 ? 1  DC C N4    1 
ATOM 387 C C5    . DC C 3 2  ? -15.14975 -18.26876 3.18880   1.000 153.41607 ? 1  DC C C5    1 
ATOM 388 C C6    . DC C 3 2  ? -16.10427 -17.88051 4.03919   1.000 185.67766 ? 1  DC C C6    1 
ATOM 389 P P     . DT C 3 3  ? -18.30985 -14.16653 8.72492   1.000 263.99053 ? 2  DT C P     1 
ATOM 390 O OP1   . DT C 3 3  ? -19.24948 -13.81240 9.81000   1.000 247.52116 ? 2  DT C OP1   1 
ATOM 391 O OP2   . DT C 3 3  ? -17.95565 -13.15611 7.69960   1.000 198.30754 ? 2  DT C OP2   1 
ATOM 392 O "O5'" . DT C 3 3  ? -16.94662 -14.68709 9.37811   1.000 250.82643 ? 2  DT C "O5'" 1 
ATOM 393 C "C5'" . DT C 3 3  ? -16.94876 -15.82513 10.24072  1.000 212.92374 ? 2  DT C "C5'" 1 
ATOM 394 C "C4'" . DT C 3 3  ? -15.56305 -16.05573 10.81659  1.000 201.61736 ? 2  DT C "C4'" 1 
ATOM 395 O "O4'" . DT C 3 3  ? -14.72550 -16.70876 9.81793   1.000 196.36065 ? 2  DT C "O4'" 1 
ATOM 396 C "C3'" . DT C 3 3  ? -14.82637 -14.77239 11.21756  1.000 206.86576 ? 2  DT C "C3'" 1 
ATOM 397 O "O3'" . DT C 3 3  ? -14.16272 -14.93118 12.47295  1.000 202.61522 ? 2  DT C "O3'" 1 
ATOM 398 C "C2'" . DT C 3 3  ? -13.83199 -14.57970 10.08230  1.000 201.13437 ? 2  DT C "C2'" 1 
ATOM 399 C "C1'" . DT C 3 3  ? -13.50466 -16.01657 9.72275   1.000 203.78500 ? 2  DT C "C1'" 1 
ATOM 400 N N1    . DT C 3 3  ? -12.95584 -16.15063 8.34166   1.000 210.51334 ? 2  DT C N1    1 
ATOM 401 C C2    . DT C 3 3  ? -11.69952 -16.67388 8.17123   1.000 176.71679 ? 2  DT C C2    1 
ATOM 402 O O2    . DT C 3 3  ? -11.01108 -17.07241 9.09574   1.000 166.21935 ? 2  DT C O2    1 
ATOM 403 N N3    . DT C 3 3  ? -11.27470 -16.72633 6.86789   1.000 189.42994 ? 2  DT C N3    1 
ATOM 404 C C4    . DT C 3 3  ? -11.95765 -16.31069 5.74058   1.000 195.93362 ? 2  DT C C4    1 
ATOM 405 O O4    . DT C 3 3  ? -11.48366 -16.40441 4.60883   1.000 174.66146 ? 2  DT C O4    1 
ATOM 406 C C5    . DT C 3 3  ? -13.26559 -15.75830 5.98717   1.000 221.78607 ? 2  DT C C5    1 
ATOM 407 C C7    . DT C 3 3  ? -14.09951 -15.26725 4.83988   1.000 222.79658 ? 2  DT C C7    1 
ATOM 408 C C6    . DT C 3 3  ? -13.69597 -15.69790 7.26369   1.000 229.43580 ? 2  DT C C6    1 
ATOM 409 P P     . DG C 3 4  ? -13.75118 -13.63321 13.33183  1.000 245.49840 ? 3  DG C P     1 
ATOM 410 O OP1   . DG C 3 4  ? -14.95797 -13.19141 14.06775  1.000 263.68395 ? 3  DG C OP1   1 
ATOM 411 O OP2   . DG C 3 4  ? -13.03764 -12.68934 12.44080  1.000 190.02544 ? 3  DG C OP2   1 
ATOM 412 O "O5'" . DG C 3 4  ? -12.68842 -14.18124 14.39832  1.000 236.88701 ? 3  DG C "O5'" 1 
ATOM 413 C "C5'" . DG C 3 4  ? -12.00870 -15.41582 14.17338  1.000 237.77222 ? 3  DG C "C5'" 1 
ATOM 414 C "C4'" . DG C 3 4  ? -10.50559 -15.20217 14.06104  1.000 225.14318 ? 3  DG C "C4'" 1 
ATOM 415 O "O4'" . DG C 3 4  ? -10.08085 -15.47808 12.69684  1.000 206.35394 ? 3  DG C "O4'" 1 
ATOM 416 C "C3'" . DG C 3 4  ? -10.02106 -13.77953 14.36811  1.000 195.19053 ? 3  DG C "C3'" 1 
ATOM 417 O "O3'" . DG C 3 4  ? -8.75916  -13.81845 15.04148  1.000 170.60362 ? 3  DG C "O3'" 1 
ATOM 418 C "C2'" . DG C 3 4  ? -9.87915  -13.17876 12.97938  1.000 179.23164 ? 3  DG C "C2'" 1 
ATOM 419 C "C1'" . DG C 3 4  ? -9.34737  -14.37668 12.21802  1.000 156.87672 ? 3  DG C "C1'" 1 
ATOM 420 N N9    . DG C 3 4  ? -9.52111  -14.26418 10.77754  1.000 156.85826 ? 3  DG C N9    1 
ATOM 421 C C8    . DG C 3 4  ? -10.63187 -13.81483 10.10573  1.000 171.01497 ? 3  DG C C8    1 
ATOM 422 N N7    . DG C 3 4  ? -10.48725 -13.80487 8.80823   1.000 156.79463 ? 3  DG C N7    1 
ATOM 423 C C5    . DG C 3 4  ? -9.19159  -14.26872 8.61077   1.000 163.79407 ? 3  DG C C5    1 
ATOM 424 C C6    . DG C 3 4  ? -8.46799  -14.47547 7.41109   1.000 158.77788 ? 3  DG C C6    1 
ATOM 425 O O6    . DG C 3 4  ? -8.84042  -14.28478 6.24458   1.000 170.15841 ? 3  DG C O6    1 
ATOM 426 N N1    . DG C 3 4  ? -7.18247  -14.95717 7.66432   1.000 120.02345 ? 3  DG C N1    1 
ATOM 427 C C2    . DG C 3 4  ? -6.67089  -15.20503 8.91770   1.000 125.33687 ? 3  DG C C2    1 
ATOM 428 N N2    . DG C 3 4  ? -5.41565  -15.66538 8.97047   1.000 142.23654 ? 3  DG C N2    1 
ATOM 429 N N3    . DG C 3 4  ? -7.33905  -15.01575 10.04562  1.000 127.13250 ? 3  DG C N3    1 
ATOM 430 C C4    . DG C 3 4  ? -8.58690  -14.54799 9.81651   1.000 156.74143 ? 3  DG C C4    1 
ATOM 431 P P     . DA C 3 5  ? -8.21229  -12.51338 15.80785  1.000 227.93498 ? 4  DA C P     1 
ATOM 432 O OP1   . DA C 3 5  ? -8.99891  -12.37238 17.05112  1.000 234.19672 ? 4  DA C OP1   1 
ATOM 433 O OP2   . DA C 3 5  ? -8.15376  -11.39312 14.84456  1.000 225.88647 ? 4  DA C OP2   1 
ATOM 434 O "O5'" . DA C 3 5  ? -6.69790  -12.87227 16.18483  1.000 192.57412 ? 4  DA C "O5'" 1 
ATOM 435 C "C5'" . DA C 3 5  ? -6.15582  -14.14305 15.84963  1.000 196.16302 ? 4  DA C "C5'" 1 
ATOM 436 C "C4'" . DA C 3 5  ? -4.85101  -13.99353 15.08019  1.000 200.60963 ? 4  DA C "C4'" 1 
ATOM 437 O "O4'" . DA C 3 5  ? -5.11926  -14.03599 13.65128  1.000 194.97223 ? 4  DA C "O4'" 1 
ATOM 438 C "C3'" . DA C 3 5  ? -4.08587  -12.69221 15.33538  1.000 184.69400 ? 4  DA C "C3'" 1 
ATOM 439 O "O3'" . DA C 3 5  ? -2.67781  -12.96001 15.42348  1.000 224.75452 ? 4  DA C "O3'" 1 
ATOM 440 C "C2'" . DA C 3 5  ? -4.43400  -11.84545 14.11442  1.000 165.05927 ? 4  DA C "C2'" 1 
ATOM 441 C "C1'" . DA C 3 5  ? -4.56242  -12.90093 13.02809  1.000 175.02832 ? 4  DA C "C1'" 1 
ATOM 442 N N9    . DA C 3 5  ? -5.44334  -12.49045 11.94607  1.000 167.02711 ? 4  DA C N9    1 
ATOM 443 C C8    . DA C 3 5  ? -6.72045  -12.02118 12.06424  1.000 159.26354 ? 4  DA C C8    1 
ATOM 444 N N7    . DA C 3 5  ? -7.28036  -11.71889 10.91981  1.000 124.88452 ? 4  DA C N7    1 
ATOM 445 C C5    . DA C 3 5  ? -6.29977  -12.00728 9.98584   1.000 138.97396 ? 4  DA C C5    1 
ATOM 446 C C6    . DA C 3 5  ? -6.26962  -11.90346 8.58548   1.000 117.04688 ? 4  DA C C6    1 
ATOM 447 N N6    . DA C 3 5  ? -7.29759  -11.45834 7.86425   1.000 141.36505 ? 4  DA C N6    1 
ATOM 448 N N1    . DA C 3 5  ? -5.13859  -12.27363 7.95324   1.000 117.76603 ? 4  DA C N1    1 
ATOM 449 C C2    . DA C 3 5  ? -4.10960  -12.72042 8.68034   1.000 122.55931 ? 4  DA C C2    1 
ATOM 450 N N3    . DA C 3 5  ? -4.01767  -12.85888 10.00299  1.000 127.04743 ? 4  DA C N3    1 
ATOM 451 C C4    . DA C 3 5  ? -5.16096  -12.48481 10.60101  1.000 157.91666 ? 4  DA C C4    1 
ATOM 452 P P     . DC C 3 6  ? -1.58952  -11.78754 15.23788  1.000 219.57622 ? 5  DC C P     1 
ATOM 453 O OP1   . DC C 3 6  ? -0.36280  -12.24201 15.92906  1.000 192.85977 ? 5  DC C OP1   1 
ATOM 454 O OP2   . DC C 3 6  ? -2.18388  -10.48872 15.62477  1.000 179.73800 ? 5  DC C OP2   1 
ATOM 455 O "O5'" . DC C 3 6  ? -1.31010  -11.77236 13.66196  1.000 200.96840 ? 5  DC C "O5'" 1 
ATOM 456 C "C5'" . DC C 3 6  ? -0.93227  -12.97310 13.00006  1.000 197.04239 ? 5  DC C "C5'" 1 
ATOM 457 C "C4'" . DC C 3 6  ? -0.09172  -12.68607 11.76267  1.000 181.91249 ? 5  DC C "C4'" 1 
ATOM 458 O "O4'" . DC C 3 6  ? -0.94722  -12.30838 10.65330  1.000 190.84226 ? 5  DC C "O4'" 1 
ATOM 459 C "C3'" . DC C 3 6  ? 0.91834   -11.55822 11.90054  1.000 176.98152 ? 5  DC C "C3'" 1 
ATOM 460 O "O3'" . DC C 3 6  ? 2.05134   -11.83397 11.08384  1.000 192.44812 ? 5  DC C "O3'" 1 
ATOM 461 C "C2'" . DC C 3 6  ? 0.13489   -10.34946 11.39087  1.000 157.24165 ? 5  DC C "C2'" 1 
ATOM 462 C "C1'" . DC C 3 6  ? -0.68537  -10.96818 10.26571  1.000 180.99311 ? 5  DC C "C1'" 1 
ATOM 463 N N1    . DC C 3 6  ? -2.00634  -10.30819 10.02101  1.000 178.08591 ? 5  DC C N1    1 
ATOM 464 C C2    . DC C 3 6  ? -2.40443  -10.01910 8.70630   1.000 160.50512 ? 5  DC C C2    1 
ATOM 465 O O2    . DC C 3 6  ? -1.63928  -10.29138 7.77091   1.000 120.11168 ? 5  DC C O2    1 
ATOM 466 N N3    . DC C 3 6  ? -3.62140  -9.44930  8.49926   1.000 118.43075 ? 5  DC C N3    1 
ATOM 467 C C4    . DC C 3 6  ? -4.41596  -9.17769  9.53805   1.000 148.93615 ? 5  DC C C4    1 
ATOM 468 N N4    . DC C 3 6  ? -5.60145  -8.61409  9.28813   1.000 153.36547 ? 5  DC C N4    1 
ATOM 469 C C5    . DC C 3 6  ? -4.02913  -9.47083  10.88127  1.000 135.03779 ? 5  DC C C5    1 
ATOM 470 C C6    . DC C 3 6  ? -2.83371  -10.03887 11.07318  1.000 136.28103 ? 5  DC C C6    1 
ATOM 471 P P     . DT C 3 7  ? 3.39153   -10.96392 11.24145  1.000 246.19322 ? 6  DT C P     1 
ATOM 472 O OP1   . DT C 3 7  ? 4.50410   -11.71896 10.61910  1.000 199.38559 ? 6  DT C OP1   1 
ATOM 473 O OP2   . DT C 3 7  ? 3.48070   -10.53688 12.65842  1.000 200.59457 ? 6  DT C OP2   1 
ATOM 474 O "O5'" . DT C 3 7  ? 3.09381   -9.66384  10.35993  1.000 239.45252 ? 6  DT C "O5'" 1 
ATOM 475 C "C5'" . DT C 3 7  ? 4.05576   -9.20404  9.42007   1.000 239.07664 ? 6  DT C "C5'" 1 
ATOM 476 C "C4'" . DT C 3 7  ? 3.52859   -9.32320  8.00297   1.000 224.85513 ? 6  DT C "C4'" 1 
ATOM 477 O "O4'" . DT C 3 7  ? 2.07188   -9.28013  8.01691   1.000 178.70523 ? 6  DT C "O4'" 1 
ATOM 478 C "C3'" . DT C 3 7  ? 3.95537   -8.19043  7.07559   1.000 204.63903 ? 6  DT C "C3'" 1 
ATOM 479 O "O3'" . DT C 3 7  ? 4.03338   -8.66971  5.73723   1.000 196.87439 ? 6  DT C "O3'" 1 
ATOM 480 C "C2'" . DT C 3 7  ? 2.80596   -7.21199  7.24577   1.000 173.10379 ? 6  DT C "C2'" 1 
ATOM 481 C "C1'" . DT C 3 7  ? 1.64157   -8.17882  7.23978   1.000 194.99902 ? 6  DT C "C1'" 1 
ATOM 482 N N1    . DT C 3 7  ? 0.38096   -7.63130  7.82048   1.000 184.18641 ? 6  DT C N1    1 
ATOM 483 C C2    . DT C 3 7  ? -0.60292  -7.17213  6.97265   1.000 164.64305 ? 6  DT C C2    1 
ATOM 484 O O2    . DT C 3 7  ? -0.49017  -7.16795  5.76005   1.000 154.86352 ? 6  DT C O2    1 
ATOM 485 N N3    . DT C 3 7  ? -1.72891  -6.70025  7.59914   1.000 146.90095 ? 6  DT C N3    1 
ATOM 486 C C4    . DT C 3 7  ? -1.97167  -6.64626  8.95730   1.000 147.44466 ? 6  DT C C4    1 
ATOM 487 O O4    . DT C 3 7  ? -3.02360  -6.20403  9.42427   1.000 140.60163 ? 6  DT C O4    1 
ATOM 488 C C5    . DT C 3 7  ? -0.90286  -7.14500  9.79097   1.000 140.38777 ? 6  DT C C5    1 
ATOM 489 C C7    . DT C 3 7  ? -1.05324  -7.12836  11.28002  1.000 151.05783 ? 6  DT C C7    1 
ATOM 490 C C6    . DT C 3 7  ? 0.21195   -7.60956  9.19024   1.000 164.06656 ? 6  DT C C6    1 
ATOM 491 P P     . DC C 3 8  ? 4.87280   -7.86475  4.62744   1.000 198.98599 ? 7  DC C P     1 
ATOM 492 O OP1   . DC C 3 8  ? 6.06019   -8.69209  4.30904   1.000 199.95790 ? 7  DC C OP1   1 
ATOM 493 O OP2   . DC C 3 8  ? 5.04715   -6.46871  5.09489   1.000 160.76486 ? 7  DC C OP2   1 
ATOM 494 O "O5'" . DC C 3 8  ? 3.90165   -7.84445  3.35338   1.000 192.68173 ? 7  DC C "O5'" 1 
ATOM 495 C "C5'" . DC C 3 8  ? 2.53084   -7.51071  3.51221   1.000 185.10852 ? 7  DC C "C5'" 1 
ATOM 496 C "C4'" . DC C 3 8  ? 2.14510   -6.36401  2.59816   1.000 181.06038 ? 7  DC C "C4'" 1 
ATOM 497 O "O4'" . DC C 3 8  ? 0.97372   -5.69875  3.14094   1.000 152.77412 ? 7  DC C "O4'" 1 
ATOM 498 C "C3'" . DC C 3 8  ? 3.18473   -5.26061  2.47578   1.000 183.97778 ? 7  DC C "C3'" 1 
ATOM 499 O "O3'" . DC C 3 8  ? 2.92174   -4.50928  1.31374   1.000 185.29709 ? 7  DC C "O3'" 1 
ATOM 500 C "C2'" . DC C 3 8  ? 2.86642   -4.43537  3.70490   1.000 179.71624 ? 7  DC C "C2'" 1 
ATOM 501 C "C1'" . DC C 3 8  ? 1.34522   -4.41428  3.61552   1.000 159.35412 ? 7  DC C "C1'" 1 
ATOM 502 N N1    . DC C 3 8  ? 0.68910   -4.18859  4.91611   1.000 162.78789 ? 7  DC C N1    1 
ATOM 503 C C2    . DC C 3 8  ? -0.59826  -3.64577  4.96593   1.000 158.82390 ? 7  DC C C2    1 
ATOM 504 O O2    . DC C 3 8  ? -1.17710  -3.36089  3.90834   1.000 151.64507 ? 7  DC C O2    1 
ATOM 505 N N3    . DC C 3 8  ? -1.17505  -3.45148  6.17957   1.000 153.72090 ? 7  DC C N3    1 
ATOM 506 C C4    . DC C 3 8  ? -0.51207  -3.77251  7.29300   1.000 182.43519 ? 7  DC C C4    1 
ATOM 507 N N4    . DC C 3 8  ? -1.11131  -3.56592  8.46732   1.000 188.04193 ? 7  DC C N4    1 
ATOM 508 C C5    . DC C 3 8  ? 0.79916   -4.31768  7.25391   1.000 200.29220 ? 7  DC C C5    1 
ATOM 509 C C6    . DC C 3 8  ? 1.35297   -4.50526  6.05747   1.000 184.28189 ? 7  DC C C6    1 
ATOM 510 P P     . DG C 3 9  ? 3.91560   -4.54682  0.05537   1.000 212.47615 ? 8  DG C P     1 
ATOM 511 O OP1   . DG C 3 9  ? 3.80626   -5.89404  -0.55207  1.000 128.81781 ? 8  DG C OP1   1 
ATOM 512 O OP2   . DG C 3 9  ? 5.23837   -4.04804  0.50008   1.000 159.15521 ? 8  DG C OP2   1 
ATOM 513 O "O5'" . DG C 3 9  ? 3.27058   -3.46437  -0.93526  1.000 185.20310 ? 8  DG C "O5'" 1 
ATOM 514 C "C5'" . DG C 3 9  ? 1.85518   -3.45055  -1.13966  1.000 143.27293 ? 8  DG C "C5'" 1 
ATOM 515 C "C4'" . DG C 3 9  ? 1.29304   -2.03459  -1.10415  1.000 176.28541 ? 8  DG C "C4'" 1 
ATOM 516 O "O4'" . DG C 3 9  ? 0.79427   -1.72243  0.23069   1.000 202.53320 ? 8  DG C "O4'" 1 
ATOM 517 C "C3'" . DG C 3 9  ? 2.27781   -0.91771  -1.42981  1.000 148.64603 ? 8  DG C "C3'" 1 
ATOM 518 O "O3'" . DG C 3 9  ? 1.55236   0.16432   -1.99919  1.000 213.97113 ? 8  DG C "O3'" 1 
ATOM 519 C "C2'" . DG C 3 9  ? 2.77678   -0.55478  -0.03872  1.000 151.74339 ? 8  DG C "C2'" 1 
ATOM 520 C "C1'" . DG C 3 9  ? 1.45865   -0.56596  0.71102   1.000 152.29759 ? 8  DG C "C1'" 1 
ATOM 521 N N9    . DG C 3 9  ? 1.56937   -0.67390  2.16168   1.000 145.50001 ? 8  DG C N9    1 
ATOM 522 C C8    . DG C 3 9  ? 2.61797   -1.20036  2.88181   1.000 182.71554 ? 8  DG C C8    1 
ATOM 523 N N7    . DG C 3 9  ? 2.42042   -1.18996  4.17336   1.000 182.70172 ? 8  DG C N7    1 
ATOM 524 C C5    . DG C 3 9  ? 1.15375   -0.62209  4.31916   1.000 163.69433 ? 8  DG C C5    1 
ATOM 525 C C6    . DG C 3 9  ? 0.40618   -0.35226  5.49298   1.000 158.19690 ? 8  DG C C6    1 
ATOM 526 O O6    . DG C 3 9  ? 0.71382   -0.56400  6.67304   1.000 161.20700 ? 8  DG C O6    1 
ATOM 527 N N1    . DG C 3 9  ? -0.82916  0.22962   5.18793   1.000 142.47334 ? 8  DG C N1    1 
ATOM 528 C C2    . DG C 3 9  ? -1.27071  0.50667   3.91666   1.000 143.52117 ? 8  DG C C2    1 
ATOM 529 N N2    . DG C 3 9  ? -2.48514  1.06476   3.81385   1.000 130.01499 ? 8  DG C N2    1 
ATOM 530 N N3    . DG C 3 9  ? -0.57575  0.25679   2.81559   1.000 130.06441 ? 8  DG C N3    1 
ATOM 531 C C4    . DG C 3 9  ? 0.62723   -0.30765  3.09394   1.000 137.68843 ? 8  DG C C4    1 
ATOM 532 P P     . DT C 3 10 ? 2.25129   1.21653   -2.99109  1.000 233.24206 ? 9  DT C P     1 
ATOM 533 O OP1   . DT C 3 10 ? 2.23369   0.62413   -4.34868  1.000 122.49118 ? 9  DT C OP1   1 
ATOM 534 O OP2   . DT C 3 10 ? 3.52936   1.64995   -2.38103  1.000 217.33564 ? 9  DT C OP2   1 
ATOM 535 O "O5'" . DT C 3 10 ? 1.24886   2.46473   -2.96429  1.000 140.18402 ? 9  DT C "O5'" 1 
ATOM 536 C "C5'" . DT C 3 10 ? -0.12778  2.27788   -3.28223  1.000 130.71572 ? 9  DT C "C5'" 1 
ATOM 537 C "C4'" . DT C 3 10 ? -0.99882  3.32321   -2.59853  1.000 149.52583 ? 9  DT C "C4'" 1 
ATOM 538 O "O4'" . DT C 3 10 ? -0.97322  3.12310   -1.16332  1.000 168.76557 ? 9  DT C "O4'" 1 
ATOM 539 C "C3'" . DT C 3 10 ? -0.58870  4.77355   -2.82109  1.000 163.20703 ? 9  DT C "C3'" 1 
ATOM 540 O "O3'" . DT C 3 10 ? -1.74856  5.59433   -2.86374  1.000 153.97524 ? 9  DT C "O3'" 1 
ATOM 541 C "C2'" . DT C 3 10 ? 0.26046   5.07607   -1.59170  1.000 148.21609 ? 9  DT C "C2'" 1 
ATOM 542 C "C1'" . DT C 3 10 ? -0.46356  4.27568   -0.51799  1.000 121.79991 ? 9  DT C "C1'" 1 
ATOM 543 N N1    . DT C 3 10 ? 0.41960   3.81273   0.58895   1.000 153.30279 ? 9  DT C N1    1 
ATOM 544 C C2    . DT C 3 10 ? -0.05600  3.81682   1.88326   1.000 173.55600 ? 9  DT C C2    1 
ATOM 545 O O2    . DT C 3 10 ? -1.17143  4.20367   2.18307   1.000 184.66541 ? 9  DT C O2    1 
ATOM 546 N N3    . DT C 3 10 ? 0.83238   3.34928   2.82172   1.000 136.70449 ? 9  DT C N3    1 
ATOM 547 C C4    . DT C 3 10 ? 2.11728   2.88581   2.59703   1.000 151.20587 ? 9  DT C C4    1 
ATOM 548 O O4    . DT C 3 10 ? 2.84488   2.48718   3.50315   1.000 128.59089 ? 9  DT C O4    1 
ATOM 549 C C5    . DT C 3 10 ? 2.54688   2.90510   1.21851   1.000 176.33094 ? 9  DT C C5    1 
ATOM 550 C C7    . DT C 3 10 ? 3.92372   2.43790   0.85530   1.000 164.57320 ? 9  DT C C7    1 
ATOM 551 C C6    . DT C 3 10 ? 1.68619   3.35597   0.29234   1.000 149.69862 ? 9  DT C C6    1 
ATOM 552 P P     . DG C 3 11 ? -2.23158  6.23628   -4.25468  1.000 195.14214 ? 10 DG C P     1 
ATOM 553 O OP1   . DG C 3 11 ? -3.71270  6.27111   -4.23387  1.000 174.90081 ? 10 DG C OP1   1 
ATOM 554 O OP2   . DG C 3 11 ? -1.50393  5.53684   -5.34498  1.000 121.64206 ? 10 DG C OP2   1 
ATOM 555 O "O5'" . DG C 3 11 ? -1.71163  7.74561   -4.17553  1.000 199.05058 ? 10 DG C "O5'" 1 
ATOM 556 C "C5'" . DG C 3 11 ? -0.31381  8.00701   -4.18711  1.000 193.31438 ? 10 DG C "C5'" 1 
ATOM 557 C "C4'" . DG C 3 11 ? 0.05104   8.93886   -5.32266  1.000 227.92371 ? 10 DG C "C4'" 1 
ATOM 558 O "O4'" . DG C 3 11 ? 1.37202   8.59845   -5.80974  1.000 225.61080 ? 10 DG C "O4'" 1 
ATOM 559 C "C3'" . DG C 3 11 ? -0.87887  8.85922   -6.52444  1.000 185.08317 ? 10 DG C "C3'" 1 
ATOM 560 O "O3'" . DG C 3 11 ? -1.83440  9.89981   -6.44736  1.000 182.29005 ? 10 DG C "O3'" 1 
ATOM 561 C "C2'" . DG C 3 11 ? 0.05666   9.05655   -7.71014  1.000 181.78395 ? 10 DG C "C2'" 1 
ATOM 562 C "C1'" . DG C 3 11 ? 1.34661   8.43061   -7.21033  1.000 191.68449 ? 10 DG C "C1'" 1 
ATOM 563 N N9    . DG C 3 11 ? 1.48708   7.00816   -7.52012  1.000 138.83800 ? 10 DG C N9    1 
ATOM 564 C C8    . DG C 3 11 ? 1.45915   5.95873   -6.63125  1.000 140.35396 ? 10 DG C C8    1 
ATOM 565 N N7    . DG C 3 11 ? 1.62801   4.79427   -7.19673  1.000 183.26201 ? 10 DG C N7    1 
ATOM 566 C C5    . DG C 3 11 ? 1.78591   5.08867   -8.54422  1.000 169.19919 ? 10 DG C C5    1 
ATOM 567 C C6    . DG C 3 11 ? 2.00288   4.22734   -9.64776  1.000 171.98379 ? 10 DG C C6    1 
ATOM 568 O O6    . DG C 3 11 ? 2.10535   2.99157   -9.65551  1.000 158.30304 ? 10 DG C O6    1 
ATOM 569 N N1    . DG C 3 11 ? 2.10688   4.93945   -10.83817 1.000 189.17252 ? 10 DG C N1    1 
ATOM 570 C C2    . DG C 3 11 ? 2.01472   6.30690   -10.95007 1.000 199.25904 ? 10 DG C C2    1 
ATOM 571 N N2    . DG C 3 11 ? 2.13270   6.80947   -12.18431 1.000 214.46258 ? 10 DG C N2    1 
ATOM 572 N N3    . DG C 3 11 ? 1.80422   7.12415   -9.92658  1.000 167.28090 ? 10 DG C N3    1 
ATOM 573 C C4    . DG C 3 11 ? 1.69868   6.44791   -8.75728  1.000 152.36075 ? 10 DG C C4    1 
ATOM 574 P P     . DC C 3 12 ? -3.31835  9.67200   -7.01323  1.000 213.19315 ? 11 DC C P     1 
ATOM 575 O OP1   . DC C 3 12 ? -4.15790  10.81103  -6.57647  1.000 181.76964 ? 11 DC C OP1   1 
ATOM 576 O OP2   . DC C 3 12 ? -3.71509  8.29163   -6.66584  1.000 206.46852 ? 11 DC C OP2   1 
ATOM 577 O "O5'" . DC C 3 12 ? -3.13021  9.73471   -8.59687  1.000 149.77946 ? 11 DC C "O5'" 1 
ATOM 578 C "C5'" . DC C 3 12 ? -2.53518  10.87836  -9.19336  1.000 146.29019 ? 11 DC C "C5'" 1 
ATOM 579 C "C4'" . DC C 3 12 ? -2.23502  10.61319  -10.65222 1.000 188.30236 ? 11 DC C "C4'" 1 
ATOM 580 O "O4'" . DC C 3 12 ? -1.16423  9.64792   -10.74807 1.000 205.04817 ? 11 DC C "O4'" 1 
ATOM 581 C "C3'" . DC C 3 12 ? -3.40101  10.02594  -11.42470 1.000 204.64728 ? 11 DC C "C3'" 1 
ATOM 582 O "O3'" . DC C 3 12 ? -4.10556  11.06797  -12.07729 1.000 240.43490 ? 11 DC C "O3'" 1 
ATOM 583 C "C2'" . DC C 3 12 ? -2.73710  9.09797   -12.43452 1.000 164.24538 ? 11 DC C "C2'" 1 
ATOM 584 C "C1'" . DC C 3 12 ? -1.43696  8.69926   -11.76025 1.000 171.18078 ? 11 DC C "C1'" 1 
ATOM 585 N N1    . DC C 3 12 ? -1.42740  7.34097   -11.13713 1.000 173.88515 ? 11 DC C N1    1 
ATOM 586 C C2    . DC C 3 12 ? -0.99705  6.23262   -11.87941 1.000 186.16527 ? 11 DC C C2    1 
ATOM 587 O O2    . DC C 3 12 ? -0.67566  6.38179   -13.06360 1.000 191.96903 ? 11 DC C O2    1 
ATOM 588 N N3    . DC C 3 12 ? -0.95508  5.01682   -11.27790 1.000 174.38176 ? 11 DC C N3    1 
ATOM 589 C C4    . DC C 3 12 ? -1.31023  4.89446   -9.99762  1.000 167.65502 ? 11 DC C C4    1 
ATOM 590 N N4    . DC C 3 12 ? -1.25586  3.68023   -9.44458  1.000 151.25822 ? 11 DC C N4    1 
ATOM 591 C C5    . DC C 3 12 ? -1.73716  6.01312   -9.22574  1.000 165.46277 ? 11 DC C C5    1 
ATOM 592 C C6    . DC C 3 12 ? -1.77567  7.20306   -9.82807  1.000 141.30572 ? 11 DC C C6    1 
ATOM 593 P P     . DT C 3 13 ? -5.66786  10.90691  -12.41131 1.000 252.97479 ? 12 DT C P     1 
ATOM 594 O OP1   . DT C 3 13 ? -6.24304  12.26544  -12.49803 1.000 248.81573 ? 12 DT C OP1   1 
ATOM 595 O OP2   . DT C 3 13 ? -6.23739  9.91588   -11.47355 1.000 223.46835 ? 12 DT C OP2   1 
ATOM 596 O "O5'" . DT C 3 13 ? -5.68165  10.25087  -13.86421 1.000 192.68417 ? 12 DT C "O5'" 1 
ATOM 597 C "C5'" . DT C 3 13 ? -4.74589  10.67761  -14.83449 1.000 199.60500 ? 12 DT C "C5'" 1 
ATOM 598 C "C4'" . DT C 3 13 ? -4.48291  9.57522   -15.84002 1.000 220.38857 ? 12 DT C "C4'" 1 
ATOM 599 O "O4'" . DT C 3 13 ? -3.85323  8.44690   -15.17375 1.000 228.13308 ? 12 DT C "O4'" 1 
ATOM 600 C "C3'" . DT C 3 13 ? -5.73328  9.02484   -16.52179 1.000 203.76294 ? 12 DT C "C3'" 1 
ATOM 601 O "O3'" . DT C 3 13 ? -5.47514  8.78678   -17.89633 1.000 264.35175 ? 12 DT C "O3'" 1 
ATOM 602 C "C2'" . DT C 3 13 ? -5.99539  7.72666   -15.76811 1.000 188.97880 ? 12 DT C "C2'" 1 
ATOM 603 C "C1'" . DT C 3 13 ? -4.58313  7.26951   -15.43334 1.000 207.97285 ? 12 DT C "C1'" 1 
ATOM 604 N N1    . DT C 3 13 ? -4.51446  6.38647   -14.22372 1.000 199.49135 ? 12 DT C N1    1 
ATOM 605 C C2    . DT C 3 13 ? -3.99211  5.11245   -14.33302 1.000 184.83235 ? 12 DT C C2    1 
ATOM 606 O O2    . DT C 3 13 ? -3.56970  4.65119   -15.37612 1.000 204.74584 ? 12 DT C O2    1 
ATOM 607 N N3    . DT C 3 13 ? -3.97758  4.39893   -13.16011 1.000 167.76567 ? 12 DT C N3    1 
ATOM 608 C C4    . DT C 3 13 ? -4.42939  4.82294   -11.92339 1.000 194.19643 ? 12 DT C C4    1 
ATOM 609 O O4    . DT C 3 13 ? -4.37773  4.11503   -10.92591 1.000 188.87281 ? 12 DT C O4    1 
ATOM 610 C C5    . DT C 3 13 ? -4.96575  6.16359   -11.88642 1.000 203.25697 ? 12 DT C C5    1 
ATOM 611 C C7    . DT C 3 13 ? -5.48612  6.73714   -10.60222 1.000 187.35303 ? 12 DT C C7    1 
ATOM 612 C C6    . DT C 3 13 ? -4.98690  6.86423   -13.02321 1.000 197.51080 ? 12 DT C C6    1 
ATOM 613 P P     . DA D 4 1  ? 13.94409  18.02108  4.81292   1.000 402.19750 ? 11 DA D P     1 
ATOM 614 O OP1   . DA D 4 1  ? 13.32176  18.90629  5.81643   1.000 357.40104 ? 11 DA D OP1   1 
ATOM 615 O OP2   . DA D 4 1  ? 14.06333  18.46948  3.41159   1.000 364.44081 ? 11 DA D OP2   1 
ATOM 616 O "O5'" . DA D 4 1  ? 13.15989  16.63093  4.81006   1.000 302.72569 ? 11 DA D "O5'" 1 
ATOM 617 C "C5'" . DA D 4 1  ? 13.86363  15.42552  4.54909   1.000 297.65175 ? 11 DA D "C5'" 1 
ATOM 618 C "C4'" . DA D 4 1  ? 13.70092  14.45048  5.69757   1.000 291.87623 ? 11 DA D "C4'" 1 
ATOM 619 O "O4'" . DA D 4 1  ? 12.37568  14.59141  6.26846   1.000 284.75102 ? 11 DA D "O4'" 1 
ATOM 620 C "C3'" . DA D 4 1  ? 13.83182  12.98331  5.32161   1.000 280.68738 ? 11 DA D "C3'" 1 
ATOM 621 O "O3'" . DA D 4 1  ? 14.38328  12.26806  6.41096   1.000 289.71024 ? 11 DA D "O3'" 1 
ATOM 622 C "C2'" . DA D 4 1  ? 12.38551  12.57512  5.05364   1.000 268.71599 ? 11 DA D "C2'" 1 
ATOM 623 C "C1'" . DA D 4 1  ? 11.62820  13.39817  6.08459   1.000 269.70330 ? 11 DA D "C1'" 1 
ATOM 624 N N9    . DA D 4 1  ? 10.29239  13.77610  5.64010   1.000 262.02733 ? 11 DA D N9    1 
ATOM 625 C C8    . DA D 4 1  ? 9.88091   13.92515  4.35042   1.000 257.10030 ? 11 DA D C8    1 
ATOM 626 N N7    . DA D 4 1  ? 8.63414   14.29642  4.22546   1.000 253.93460 ? 11 DA D N7    1 
ATOM 627 C C5    . DA D 4 1  ? 8.18802   14.39200  5.52766   1.000 252.22408 ? 11 DA D C5    1 
ATOM 628 C C6    . DA D 4 1  ? 6.94198   14.73555  6.06404   1.000 253.56271 ? 11 DA D C6    1 
ATOM 629 N N6    . DA D 4 1  ? 5.89143   15.05952  5.31175   1.000 272.86350 ? 11 DA D N6    1 
ATOM 630 N N1    . DA D 4 1  ? 6.81664   14.73467  7.40608   1.000 250.84894 ? 11 DA D N1    1 
ATOM 631 C C2    . DA D 4 1  ? 7.87887   14.40594  8.15154   1.000 257.23342 ? 11 DA D C2    1 
ATOM 632 N N3    . DA D 4 1  ? 9.10622   14.06107  7.75683   1.000 261.69048 ? 11 DA D N3    1 
ATOM 633 C C4    . DA D 4 1  ? 9.19390   14.07467  6.41685   1.000 258.80075 ? 11 DA D C4    1 
ATOM 634 P P     . DC D 4 2  ? 14.47903  10.66501  6.38390   1.000 346.79896 ? 12 DC D P     1 
ATOM 635 O OP1   . DC D 4 2  ? 15.77353  10.29682  6.99982   1.000 319.02972 ? 12 DC D OP1   1 
ATOM 636 O OP2   . DC D 4 2  ? 14.20259  10.17845  5.01378   1.000 288.91757 ? 12 DC D OP2   1 
ATOM 637 O "O5'" . DC D 4 2  ? 13.27538  10.21175  7.33925   1.000 279.47060 ? 12 DC D "O5'" 1 
ATOM 638 C "C5'" . DC D 4 2  ? 12.98164  10.97825  8.51083   1.000 268.10108 ? 12 DC D "C5'" 1 
ATOM 639 C "C4'" . DC D 4 2  ? 11.83870  10.36313  9.30201   1.000 257.45764 ? 12 DC D "C4'" 1 
ATOM 640 O "O4'" . DC D 4 2  ? 10.57664  10.95363  8.89220   1.000 276.15456 ? 12 DC D "O4'" 1 
ATOM 641 C "C3'" . DC D 4 2  ? 11.67162  8.85346   9.14146   1.000 280.12921 ? 12 DC D "C3'" 1 
ATOM 642 O "O3'" . DC D 4 2  ? 11.36982  8.27405   10.40326  1.000 284.78892 ? 12 DC D "O3'" 1 
ATOM 643 C "C2'" . DC D 4 2  ? 10.49110  8.73859   8.17518   1.000 258.55137 ? 12 DC D "C2'" 1 
ATOM 644 C "C1'" . DC D 4 2  ? 9.65026   9.92634   8.60619   1.000 269.75007 ? 12 DC D "C1'" 1 
ATOM 645 N N1    . DC D 4 2  ? 8.72077   10.42543  7.55933   1.000 243.85296 ? 12 DC D N1    1 
ATOM 646 C C2    . DC D 4 2  ? 7.44054   10.86438  7.92227   1.000 227.12193 ? 12 DC D C2    1 
ATOM 647 O O2    . DC D 4 2  ? 7.09794   10.80908  9.11135   1.000 227.61751 ? 12 DC D O2    1 
ATOM 648 N N3    . DC D 4 2  ? 6.61048   11.33255  6.95614   1.000 222.73478 ? 12 DC D N3    1 
ATOM 649 C C4    . DC D 4 2  ? 7.02171   11.37250  5.68635   1.000 222.54591 ? 12 DC D C4    1 
ATOM 650 N N4    . DC D 4 2  ? 6.17425   11.84026  4.76567   1.000 218.41098 ? 12 DC D N4    1 
ATOM 651 C C5    . DC D 4 2  ? 8.32378   10.93535  5.30209   1.000 233.39674 ? 12 DC D C5    1 
ATOM 652 C C6    . DC D 4 2  ? 9.13178   10.47579  6.26077   1.000 236.95279 ? 12 DC D C6    1 
ATOM 653 P P     . DG D 4 3  ? 11.63464  6.71159   10.66269  1.000 311.03473 ? 13 DG D P     1 
ATOM 654 O OP1   . DG D 4 3  ? 12.64588  6.61096   11.74058  1.000 249.80964 ? 13 DG D OP1   1 
ATOM 655 O OP2   . DG D 4 3  ? 11.89933  6.08306   9.35028   1.000 262.96626 ? 13 DG D OP2   1 
ATOM 656 O "O5'" . DG D 4 3  ? 10.23146  6.17086   11.21864  1.000 279.06066 ? 13 DG D "O5'" 1 
ATOM 657 C "C5'" . DG D 4 3  ? 9.90380   6.35750   12.59515  1.000 276.15139 ? 13 DG D "C5'" 1 
ATOM 658 C "C4'" . DG D 4 3  ? 8.41602   6.59407   12.78234  1.000 268.06452 ? 13 DG D "C4'" 1 
ATOM 659 O "O4'" . DG D 4 3  ? 7.89794   7.35069   11.65233  1.000 277.96390 ? 13 DG D "O4'" 1 
ATOM 660 C "C3'" . DG D 4 3  ? 7.56032   5.32783   12.85802  1.000 240.69761 ? 13 DG D "C3'" 1 
ATOM 661 O "O3'" . DG D 4 3  ? 6.46110   5.54310   13.74503  1.000 259.69564 ? 13 DG D "O3'" 1 
ATOM 662 C "C2'" . DG D 4 3  ? 7.08554   5.18099   11.42007  1.000 221.52361 ? 13 DG D "C2'" 1 
ATOM 663 C "C1'" . DG D 4 3  ? 6.82671   6.63551   11.07263  1.000 270.40428 ? 13 DG D "C1'" 1 
ATOM 664 N N9    . DG D 4 3  ? 6.79372   6.90433   9.63803   1.000 265.02061 ? 13 DG D N9    1 
ATOM 665 C C8    . DG D 4 3  ? 7.76369   6.59931   8.71478   1.000 249.48728 ? 13 DG D C8    1 
ATOM 666 N N7    . DG D 4 3  ? 7.45498   6.95912   7.50033   1.000 239.23832 ? 13 DG D N7    1 
ATOM 667 C C5    . DG D 4 3  ? 6.20035   7.54193   7.62649   1.000 231.47955 ? 13 DG D C5    1 
ATOM 668 C C6    . DG D 4 3  ? 5.36354   8.11917   6.64511   1.000 204.00551 ? 13 DG D C6    1 
ATOM 669 O O6    . DG D 4 3  ? 5.57645   8.22996   5.43194   1.000 191.16228 ? 13 DG D O6    1 
ATOM 670 N N1    . DG D 4 3  ? 4.17311   8.59614   7.19445   1.000 189.19798 ? 13 DG D N1    1 
ATOM 671 C C2    . DG D 4 3  ? 3.84019   8.52215   8.52627   1.000 209.95945 ? 13 DG D C2    1 
ATOM 672 N N2    . DG D 4 3  ? 2.65033   9.03408   8.87532   1.000 187.41360 ? 13 DG D N2    1 
ATOM 673 N N3    . DG D 4 3  ? 4.61848   7.98255   9.45570   1.000 236.65779 ? 13 DG D N3    1 
ATOM 674 C C4    . DG D 4 3  ? 5.77864   7.51446   8.93476   1.000 244.60373 ? 13 DG D C4    1 
ATOM 675 P P     . DG D 4 4  ? 5.65501   4.30209   14.37840  1.000 287.01340 ? 14 DG D P     1 
ATOM 676 O OP1   . DG D 4 4  ? 6.31507   3.97129   15.66020  1.000 276.69912 ? 14 DG D OP1   1 
ATOM 677 O OP2   . DG D 4 4  ? 5.49263   3.24851   13.35145  1.000 240.63881 ? 14 DG D OP2   1 
ATOM 678 O "O5'" . DG D 4 4  ? 4.20217   4.90410   14.68690  1.000 265.62341 ? 14 DG D "O5'" 1 
ATOM 679 C "C5'" . DG D 4 4  ? 3.78906   6.12183   14.07377  1.000 257.28577 ? 14 DG D "C5'" 1 
ATOM 680 C "C4'" . DG D 4 4  ? 2.45853   5.95585   13.35565  1.000 256.94347 ? 14 DG D "C4'" 1 
ATOM 681 O "O4'" . DG D 4 4  ? 2.65561   6.15758   11.92838  1.000 243.41612 ? 14 DG D "O4'" 1 
ATOM 682 C "C3'" . DG D 4 4  ? 1.81177   4.57235   13.47364  1.000 253.33717 ? 14 DG D "C3'" 1 
ATOM 683 O "O3'" . DG D 4 4  ? 0.40849   4.69041   13.29961  1.000 270.08014 ? 14 DG D "O3'" 1 
ATOM 684 C "C2'" . DG D 4 4  ? 2.41064   3.87248   12.27067  1.000 205.42036 ? 14 DG D "C2'" 1 
ATOM 685 C "C1'" . DG D 4 4  ? 2.24965   4.98644   11.25249  1.000 228.13134 ? 14 DG D "C1'" 1 
ATOM 686 N N9    . DG D 4 4  ? 3.04973   4.81662   10.04950  1.000 216.75238 ? 14 DG D N9    1 
ATOM 687 C C8    . DG D 4 4  ? 4.25284   4.16299   9.93946   1.000 224.47042 ? 14 DG D C8    1 
ATOM 688 N N7    . DG D 4 4  ? 4.73492   4.16302   8.72772   1.000 215.39030 ? 14 DG D N7    1 
ATOM 689 C C5    . DG D 4 4  ? 3.78583   4.85967   7.98482   1.000 196.25649 ? 14 DG D C5    1 
ATOM 690 C C6    . DG D 4 4  ? 3.76210   5.17986   6.60611   1.000 180.08539 ? 14 DG D C6    1 
ATOM 691 O O6    . DG D 4 4  ? 4.60105   4.90427   5.73814   1.000 172.09428 ? 14 DG D O6    1 
ATOM 692 N N1    . DG D 4 4  ? 2.61578   5.89743   6.26511   1.000 181.07003 ? 14 DG D N1    1 
ATOM 693 C C2    . DG D 4 4  ? 1.62302   6.25875   7.14395   1.000 190.11169 ? 14 DG D C2    1 
ATOM 694 N N2    . DG D 4 4  ? 0.59662   6.94970   6.62628   1.000 176.48240 ? 14 DG D N2    1 
ATOM 695 N N3    . DG D 4 4  ? 1.63332   5.96427   8.43746   1.000 181.83917 ? 14 DG D N3    1 
ATOM 696 C C4    . DG D 4 4  ? 2.74412   5.26454   8.78584   1.000 196.60997 ? 14 DG D C4    1 
ATOM 697 P P     . DA D 4 5  ? -0.57787  4.90128   14.54802  1.000 300.65983 ? 15 DA D P     1 
ATOM 698 O OP1   . DA D 4 5  ? 0.13221   5.69569   15.57795  1.000 255.51587 ? 15 DA D OP1   1 
ATOM 699 O OP2   . DA D 4 5  ? -1.13924  3.57229   14.88878  1.000 213.59325 ? 15 DA D OP2   1 
ATOM 700 O "O5'" . DA D 4 5  ? -1.76447  5.77943   13.92637  1.000 240.55682 ? 15 DA D "O5'" 1 
ATOM 701 C "C5'" . DA D 4 5  ? -1.58833  6.41903   12.65869  1.000 207.29267 ? 15 DA D "C5'" 1 
ATOM 702 C "C4'" . DA D 4 5  ? -2.63254  5.93569   11.66568  1.000 241.41994 ? 15 DA D "C4'" 1 
ATOM 703 O "O4'" . DA D 4 5  ? -1.99160  5.59249   10.40191  1.000 249.64215 ? 15 DA D "O4'" 1 
ATOM 704 C "C3'" . DA D 4 5  ? -3.37853  4.66987   12.08433  1.000 234.26877 ? 15 DA D "C3'" 1 
ATOM 705 O "O3'" . DA D 4 5  ? -4.65221  4.64330   11.46270  1.000 229.71719 ? 15 DA D "O3'" 1 
ATOM 706 C "C2'" . DA D 4 5  ? -2.49021  3.59885   11.48338  1.000 197.43277 ? 15 DA D "C2'" 1 
ATOM 707 C "C1'" . DA D 4 5  ? -2.24352  4.22865   10.12279  1.000 199.97086 ? 15 DA D "C1'" 1 
ATOM 708 N N9    . DA D 4 5  ? -1.10415  3.67081   9.40595   1.000 187.25872 ? 15 DA D N9    1 
ATOM 709 C C8    . DA D 4 5  ? -0.08605  2.93061   9.93485   1.000 191.44125 ? 15 DA D C8    1 
ATOM 710 N N7    . DA D 4 5  ? 0.81072   2.55775   9.05483   1.000 182.50899 ? 15 DA D N7    1 
ATOM 711 C C5    . DA D 4 5  ? 0.34665   3.08630   7.86089   1.000 185.18917 ? 15 DA D C5    1 
ATOM 712 C C6    . DA D 4 5  ? 0.85142   3.04247   6.54690   1.000 166.18357 ? 15 DA D C6    1 
ATOM 713 N N6    . DA D 4 5  ? 1.98244   2.41147   6.21855   1.000 156.79648 ? 15 DA D N6    1 
ATOM 714 N N1    . DA D 4 5  ? 0.14789   3.67472   5.58294   1.000 149.84567 ? 15 DA D N1    1 
ATOM 715 C C2    . DA D 4 5  ? -0.98780  4.30578   5.91765   1.000 161.78791 ? 15 DA D C2    1 
ATOM 716 N N3    . DA D 4 5  ? -1.56112  4.41678   7.12006   1.000 161.71834 ? 15 DA D N3    1 
ATOM 717 C C4    . DA D 4 5  ? -0.83484  3.77638   8.05678   1.000 183.24241 ? 15 DA D C4    1 
ATOM 718 P P     . DC D 4 6  ? -5.92966  5.33640   12.14585  1.000 273.35016 ? 16 DC D P     1 
ATOM 719 O OP1   . DC D 4 6  ? -5.49158  6.53968   12.88916  1.000 222.44551 ? 16 DC D OP1   1 
ATOM 720 O OP2   . DC D 4 6  ? -6.67089  4.26430   12.84379  1.000 229.44683 ? 16 DC D OP2   1 
ATOM 721 O "O5'" . DC D 4 6  ? -6.81559  5.78542   10.89060  1.000 243.88965 ? 16 DC D "O5'" 1 
ATOM 722 C "C5'" . DC D 4 6  ? -6.21026  5.89374   9.59831   1.000 237.86682 ? 16 DC D "C5'" 1 
ATOM 723 C "C4'" . DC D 4 6  ? -6.63401  4.74628   8.69234   1.000 228.89660 ? 16 DC D "C4'" 1 
ATOM 724 O "O4'" . DC D 4 6  ? -5.46684  4.08798   8.17267   1.000 214.54051 ? 16 DC D "O4'" 1 
ATOM 725 C "C3'" . DC D 4 6  ? -7.43745  3.65562   9.37856   1.000 225.87728 ? 16 DC D "C3'" 1 
ATOM 726 O "O3'" . DC D 4 6  ? -8.84679  3.91849   9.23571   1.000 239.60218 ? 16 DC D "O3'" 1 
ATOM 727 C "C2'" . DC D 4 6  ? -6.99639  2.34322   8.69841   1.000 178.64936 ? 16 DC D "C2'" 1 
ATOM 728 C "C1'" . DC D 4 6  ? -5.76541  2.73798   7.87336   1.000 199.90835 ? 16 DC D "C1'" 1 
ATOM 729 N N1    . DC D 4 6  ? -4.53656  1.92807   8.17047   1.000 173.03313 ? 16 DC D N1    1 
ATOM 730 C C2    . DC D 4 6  ? -3.62930  1.64400   7.14302   1.000 135.38638 ? 16 DC D C2    1 
ATOM 731 O O2    . DC D 4 6  ? -3.87372  2.04419   6.00210   1.000 151.86317 ? 16 DC D O2    1 
ATOM 732 N N3    . DC D 4 6  ? -2.50876  0.93334   7.42914   1.000 131.32317 ? 16 DC D N3    1 
ATOM 733 C C4    . DC D 4 6  ? -2.28385  0.51845   8.67618   1.000 172.68546 ? 16 DC D C4    1 
ATOM 734 N N4    . DC D 4 6  ? -1.16817  -0.18133  8.91438   1.000 190.05469 ? 16 DC D N4    1 
ATOM 735 C C5    . DC D 4 6  ? -3.19512  0.79939   9.73544   1.000 176.67089 ? 16 DC D C5    1 
ATOM 736 C C6    . DC D 4 6  ? -4.29517  1.50328   9.44138   1.000 181.70714 ? 16 DC D C6    1 
ATOM 737 P P     . DG D 4 7  ? -9.62336  3.71568   7.83653   1.000 217.00788 ? 17 DG D P     1 
ATOM 738 O OP1   . DG D 4 7  ? -8.73700  3.97848   6.68425   1.000 202.44294 ? 17 DG D OP1   1 
ATOM 739 O OP2   . DG D 4 7  ? -10.89160 4.46892   7.93131   1.000 216.62850 ? 17 DG D OP2   1 
ATOM 740 O "O5'" . DG D 4 7  ? -10.01012 2.17058   7.84414   1.000 181.17053 ? 17 DG D "O5'" 1 
ATOM 741 C "C5'" . DG D 4 7  ? -10.85350 1.64572   6.83290   1.000 194.82281 ? 17 DG D "C5'" 1 
ATOM 742 C "C4'" . DG D 4 7  ? -10.07284 1.38058   5.56016   1.000 190.53268 ? 17 DG D "C4'" 1 
ATOM 743 O "O4'" . DG D 4 7  ? -8.66814  1.15785   5.87793   1.000 218.66492 ? 17 DG D "O4'" 1 
ATOM 744 C "C3'" . DG D 4 7  ? -10.50102 0.14099   4.79180   1.000 206.85861 ? 17 DG D "C3'" 1 
ATOM 745 O "O3'" . DG D 4 7  ? -10.16100 0.31686   3.45021   1.000 171.81846 ? 17 DG D "O3'" 1 
ATOM 746 C "C2'" . DG D 4 7  ? -9.61994  -0.91774  5.42422   1.000 218.26137 ? 17 DG D "C2'" 1 
ATOM 747 C "C1'" . DG D 4 7  ? -8.31080  -0.15256  5.47790   1.000 209.52927 ? 17 DG D "C1'" 1 
ATOM 748 N N9    . DG D 4 7  ? -7.37075  -0.70307  6.43713   1.000 196.27435 ? 17 DG D N9    1 
ATOM 749 C C8    . DG D 4 7  ? -7.57238  -0.86201  7.78360   1.000 225.74383 ? 17 DG D C8    1 
ATOM 750 N N7    . DG D 4 7  ? -6.56128  -1.39789  8.39837   1.000 202.36454 ? 17 DG D N7    1 
ATOM 751 C C5    . DG D 4 7  ? -5.63049  -1.61378  7.39435   1.000 175.91011 ? 17 DG D C5    1 
ATOM 752 C C6    . DG D 4 7  ? -4.34082  -2.16952  7.46770   1.000 165.18133 ? 17 DG D C6    1 
ATOM 753 O O6    . DG D 4 7  ? -3.75625  -2.59324  8.47092   1.000 146.54658 ? 17 DG D O6    1 
ATOM 754 N N1    . DG D 4 7  ? -3.72326  -2.21025  6.22007   1.000 138.05736 ? 17 DG D N1    1 
ATOM 755 C C2    . DG D 4 7  ? -4.28969  -1.76488  5.04713   1.000 149.59232 ? 17 DG D C2    1 
ATOM 756 N N2    . DG D 4 7  ? -3.54282  -1.88471  3.93934   1.000 132.68795 ? 17 DG D N2    1 
ATOM 757 N N3    . DG D 4 7  ? -5.50562  -1.23989  4.96689   1.000 141.53234 ? 17 DG D N3    1 
ATOM 758 C C4    . DG D 4 7  ? -6.11400  -1.19622  6.17678   1.000 150.85985 ? 17 DG D C4    1 
ATOM 759 P P     . DA D 4 8  ? -10.58532 -0.76522  2.35055   1.000 223.09856 ? 18 DA D P     1 
ATOM 760 O OP1   . DA D 4 8  ? -10.21744 -0.12899  1.06976   1.000 242.24735 ? 18 DA D OP1   1 
ATOM 761 O OP2   . DA D 4 8  ? -11.95471 -1.23502  2.66209   1.000 182.84920 ? 18 DA D OP2   1 
ATOM 762 O "O5'" . DA D 4 8  ? -9.61814  -2.00865  2.59188   1.000 200.38891 ? 18 DA D "O5'" 1 
ATOM 763 C "C5'" . DA D 4 8  ? -9.83563  -3.20134  1.87108   1.000 163.62086 ? 18 DA D "C5'" 1 
ATOM 764 C "C4'" . DA D 4 8  ? -8.61562  -3.55312  1.03959   1.000 175.44663 ? 18 DA D "C4'" 1 
ATOM 765 O "O4'" . DA D 4 8  ? -7.43035  -3.01219  1.67373   1.000 201.10270 ? 18 DA D "O4'" 1 
ATOM 766 C "C3'" . DA D 4 8  ? -8.37451  -5.05068  0.84954   1.000 143.13073 ? 18 DA D "C3'" 1 
ATOM 767 O "O3'" . DA D 4 8  ? -8.75690  -5.43529  -0.46033  1.000 144.45482 ? 18 DA D "O3'" 1 
ATOM 768 C "C2'" . DA D 4 8  ? -6.86987  -5.21697  1.04295   1.000 173.64437 ? 18 DA D "C2'" 1 
ATOM 769 C "C1'" . DA D 4 8  ? -6.49152  -4.03434  1.91941   1.000 201.51784 ? 18 DA D "C1'" 1 
ATOM 770 N N9    . DA D 4 8  ? -6.47597  -4.31372  3.35790   1.000 173.81026 ? 18 DA D N9    1 
ATOM 771 C C8    . DA D 4 8  ? -7.50035  -4.13039  4.24616   1.000 160.77610 ? 18 DA D C8    1 
ATOM 772 N N7    . DA D 4 8  ? -7.19174  -4.44102  5.48316   1.000 135.20046 ? 18 DA D N7    1 
ATOM 773 C C5    . DA D 4 8  ? -5.87009  -4.84390  5.40339   1.000 157.62898 ? 18 DA D C5    1 
ATOM 774 C C6    . DA D 4 8  ? -4.95556  -5.29929  6.37229   1.000 153.05441 ? 18 DA D C6    1 
ATOM 775 N N6    . DA D 4 8  ? -5.26079  -5.42772  7.66494   1.000 152.97100 ? 18 DA D N6    1 
ATOM 776 N N1    . DA D 4 8  ? -3.71260  -5.61795  5.96094   1.000 133.27941 ? 18 DA D N1    1 
ATOM 777 C C2    . DA D 4 8  ? -3.40957  -5.49018  4.66616   1.000 158.91802 ? 18 DA D C2    1 
ATOM 778 N N3    . DA D 4 8  ? -4.18078  -5.07534  3.66310   1.000 172.86087 ? 18 DA D N3    1 
ATOM 779 C C4    . DA D 4 8  ? -5.40955  -4.76459  4.10231   1.000 161.54238 ? 18 DA D C4    1 
ATOM 780 P P     . DG D 4 9  ? -9.16684  -6.95804  -0.76427  1.000 140.22766 ? 19 DG D P     1 
ATOM 781 O OP1   . DG D 4 9  ? -9.82756  -6.99180  -2.08829  1.000 182.69376 ? 19 DG D OP1   1 
ATOM 782 O OP2   . DG D 4 9  ? -9.86598  -7.47553  0.43406   1.000 148.58995 ? 19 DG D OP2   1 
ATOM 783 O "O5'" . DG D 4 9  ? -7.76787  -7.72426  -0.86773  1.000 144.82567 ? 19 DG D "O5'" 1 
ATOM 784 C "C5'" . DG D 4 9  ? -6.79167  -7.30498  -1.81773  1.000 160.54375 ? 19 DG D "C5'" 1 
ATOM 785 C "C4'" . DG D 4 9  ? -5.41948  -7.83523  -1.44211  1.000 178.25866 ? 19 DG D "C4'" 1 
ATOM 786 O "O4'" . DG D 4 9  ? -5.14413  -7.50456  -0.05387  1.000 172.83485 ? 19 DG D "O4'" 1 
ATOM 787 C "C3'" . DG D 4 9  ? -5.26854  -9.34902  -1.56035  1.000 189.35289 ? 19 DG D "C3'" 1 
ATOM 788 O "O3'" . DG D 4 9  ? -3.99323  -9.69031  -2.07756  1.000 164.55264 ? 19 DG D "O3'" 1 
ATOM 789 C "C2'" . DG D 4 9  ? -5.43821  -9.83942  -0.12903  1.000 139.57772 ? 19 DG D "C2'" 1 
ATOM 790 C "C1'" . DG D 4 9  ? -4.90357  -8.67628  0.69486   1.000 125.32382 ? 19 DG D "C1'" 1 
ATOM 791 N N9    . DG D 4 9  ? -5.56851  -8.55507  1.99315   1.000 128.61617 ? 19 DG D N9    1 
ATOM 792 C C8    . DG D 4 9  ? -6.89163  -8.25366  2.22352   1.000 154.41887 ? 19 DG D C8    1 
ATOM 793 N N7    . DG D 4 9  ? -7.20883  -8.23212  3.48920   1.000 133.92310 ? 19 DG D N7    1 
ATOM 794 C C5    . DG D 4 9  ? -6.01952  -8.54955  4.14148   1.000 154.89595 ? 19 DG D C5    1 
ATOM 795 C C6    . DG D 4 9  ? -5.74152  -8.67696  5.52531   1.000 150.67922 ? 19 DG D C6    1 
ATOM 796 O O6    . DG D 4 9  ? -6.51298  -8.53073  6.47881   1.000 138.80332 ? 19 DG D O6    1 
ATOM 797 N N1    . DG D 4 9  ? -4.40338  -9.01189  5.75559   1.000 143.92807 ? 19 DG D N1    1 
ATOM 798 C C2    . DG D 4 9  ? -3.46578  -9.19634  4.76837   1.000 189.86815 ? 19 DG D C2    1 
ATOM 799 N N2    . DG D 4 9  ? -2.22701  -9.51631  5.16895   1.000 190.36400 ? 19 DG D N2    1 
ATOM 800 N N3    . DG D 4 9  ? -3.71823  -9.07860  3.47388   1.000 188.41500 ? 19 DG D N3    1 
ATOM 801 C C4    . DG D 4 9  ? -5.00948  -8.75421  3.23402   1.000 146.81258 ? 19 DG D C4    1 
ATOM 802 P P     . DT D 4 10 ? -3.59559  -11.23878 -2.25314  1.000 201.91242 ? 20 DT D P     1 
ATOM 803 O OP1   . DT D 4 10 ? -2.52725  -11.32574 -3.27401  1.000 186.20190 ? 20 DT D OP1   1 
ATOM 804 O OP2   . DT D 4 10 ? -4.83944  -12.02537 -2.40938  1.000 165.54824 ? 20 DT D OP2   1 
ATOM 805 O "O5'" . DT D 4 10 ? -2.98638  -11.63252 -0.83510  1.000 150.09874 ? 20 DT D "O5'" 1 
ATOM 806 C "C5'" . DT D 4 10 ? -1.96193  -10.83097 -0.26433  1.000 173.19447 ? 20 DT D "C5'" 1 
ATOM 807 C "C4'" . DT D 4 10 ? -1.22096  -11.60393 0.80124   1.000 194.16665 ? 20 DT D "C4'" 1 
ATOM 808 O "O4'" . DT D 4 10 ? -1.88322  -11.40972 2.07617   1.000 147.40533 ? 20 DT D "O4'" 1 
ATOM 809 C "C3'" . DT D 4 10 ? -1.17366  -13.10949 0.56208   1.000 197.59143 ? 20 DT D "C3'" 1 
ATOM 810 O "O3'" . DT D 4 10 ? 0.09915   -13.62300 0.90939   1.000 197.74017 ? 20 DT D "O3'" 1 
ATOM 811 C "C2'" . DT D 4 10 ? -2.27531  -13.64845 1.47004   1.000 167.71491 ? 20 DT D "C2'" 1 
ATOM 812 C "C1'" . DT D 4 10 ? -2.26326  -12.65361 2.62187   1.000 140.65800 ? 20 DT D "C1'" 1 
ATOM 813 N N1    . DT D 4 10 ? -3.59418  -12.48779 3.28703   1.000 143.65957 ? 20 DT D N1    1 
ATOM 814 C C2    . DT D 4 10 ? -3.68922  -12.65411 4.65353   1.000 144.79845 ? 20 DT D C2    1 
ATOM 815 O O2    . DT D 4 10 ? -2.73794  -12.93600 5.36232   1.000 118.70923 ? 20 DT D O2    1 
ATOM 816 N N3    . DT D 4 10 ? -4.94664  -12.47702 5.16553   1.000 106.48812 ? 20 DT D N3    1 
ATOM 817 C C4    . DT D 4 10 ? -6.09464  -12.15745 4.46835   1.000 149.66723 ? 20 DT D C4    1 
ATOM 818 O O4    . DT D 4 10 ? -7.17958  -12.02060 5.02030   1.000 147.41292 ? 20 DT D O4    1 
ATOM 819 C C5    . DT D 4 10 ? -5.93128  -11.99857 3.04446   1.000 170.44128 ? 20 DT D C5    1 
ATOM 820 C C7    . DT D 4 10 ? -7.11693  -11.65869 2.19388   1.000 169.92588 ? 20 DT D C7    1 
ATOM 821 C C6    . DT D 4 10 ? -4.70226  -12.16710 2.52407   1.000 132.77433 ? 20 DT D C6    1 
ATOM 822 P P     . DC D 4 11 ? 0.46334   -15.15728 0.59761   1.000 254.28714 ? 21 DC D P     1 
ATOM 823 O OP1   . DC D 4 11 ? 1.90900   -15.23004 0.29484   1.000 182.90415 ? 21 DC D OP1   1 
ATOM 824 O OP2   . DC D 4 11 ? -0.51947  -15.68694 -0.37184  1.000 229.54069 ? 21 DC D OP2   1 
ATOM 825 O "O5'" . DC D 4 11 ? 0.20922   -15.88390 1.99176   1.000 199.72039 ? 21 DC D "O5'" 1 
ATOM 826 C "C5'" . DC D 4 11 ? 0.68961   -15.28063 3.17326   1.000 158.79614 ? 21 DC D "C5'" 1 
ATOM 827 C "C4'" . DC D 4 11 ? 0.12042   -15.95312 4.40588   1.000 179.14192 ? 21 DC D "C4'" 1 
ATOM 828 O "O4'" . DC D 4 11 ? -1.22434  -15.47318 4.66873   1.000 206.45052 ? 21 DC D "O4'" 1 
ATOM 829 C "C3'" . DC D 4 11 ? 0.01976   -17.47797 4.34638   1.000 181.97754 ? 21 DC D "C3'" 1 
ATOM 830 O "O3'" . DC D 4 11 ? 0.45909   -17.98998 5.59354   1.000 232.00200 ? 21 DC D "O3'" 1 
ATOM 831 C "C2'" . DC D 4 11 ? -1.48109  -17.70506 4.12911   1.000 153.47712 ? 21 DC D "C2'" 1 
ATOM 832 C "C1'" . DC D 4 11 ? -2.04657  -16.57705 4.96139   1.000 155.10719 ? 21 DC D "C1'" 1 
ATOM 833 N N1    . DC D 4 11 ? -3.45515  -16.20806 4.65063   1.000 155.01685 ? 21 DC D N1    1 
ATOM 834 C C2    . DC D 4 11 ? -4.37920  -16.12513 5.69207   1.000 124.41719 ? 21 DC D C2    1 
ATOM 835 O O2    . DC D 4 11 ? -4.00600  -16.39481 6.83310   1.000 121.62466 ? 21 DC D O2    1 
ATOM 836 N N3    . DC D 4 11 ? -5.65632  -15.76741 5.41941   1.000 99.82937  ? 21 DC D N3    1 
ATOM 837 C C4    . DC D 4 11 ? -6.01259  -15.49245 4.16600   1.000 147.71090 ? 21 DC D C4    1 
ATOM 838 N N4    . DC D 4 11 ? -7.28181  -15.14419 3.94102   1.000 148.73284 ? 21 DC D N4    1 
ATOM 839 C C5    . DC D 4 11 ? -5.07975  -15.55937 3.08603   1.000 170.04963 ? 21 DC D C5    1 
ATOM 840 C C6    . DC D 4 11 ? -3.82198  -15.91655 3.37322   1.000 141.88909 ? 21 DC D C6    1 
ATOM 841 P P     . DA D 4 12 ? 0.50728   -19.56462 5.90557   1.000 336.52743 ? 22 DA D P     1 
ATOM 842 O OP1   . DA D 4 12 ? 1.93865   -19.93607 5.97157   1.000 279.14152 ? 22 DA D OP1   1 
ATOM 843 O OP2   . DA D 4 12 ? -0.40177  -20.32355 5.01688   1.000 273.28268 ? 22 DA D OP2   1 
ATOM 844 O "O5'" . DA D 4 12 ? -0.10502  -19.63643 7.37531   1.000 282.84159 ? 22 DA D "O5'" 1 
ATOM 845 C "C5'" . DA D 4 12 ? -1.10352  -18.71200 7.76455   1.000 221.38955 ? 22 DA D "C5'" 1 
ATOM 846 C "C4'" . DA D 4 12 ? -2.27596  -19.43890 8.37528   1.000 244.19860 ? 22 DA D "C4'" 1 
ATOM 847 O "O4'" . DA D 4 12 ? -3.50310  -18.86626 7.86921   1.000 230.95162 ? 22 DA D "O4'" 1 
ATOM 848 C "C3'" . DA D 4 12 ? -2.33696  -20.92809 8.03265   1.000 229.77546 ? 22 DA D "C3'" 1 
ATOM 849 O "O3'" . DA D 4 12 ? -2.67021  -21.69006 9.18541   1.000 235.16055 ? 22 DA D "O3'" 1 
ATOM 850 C "C2'" . DA D 4 12 ? -3.42147  -20.99885 6.96531   1.000 140.66056 ? 22 DA D "C2'" 1 
ATOM 851 C "C1'" . DA D 4 12 ? -4.34578  -19.90365 7.44753   1.000 185.31583 ? 22 DA D "C1'" 1 
ATOM 852 N N9    . DA D 4 12 ? -5.23118  -19.38781 6.42531   1.000 140.82969 ? 22 DA D N9    1 
ATOM 853 C C8    . DA D 4 12 ? -4.96186  -19.23063 5.09630   1.000 147.55248 ? 22 DA D C8    1 
ATOM 854 N N7    . DA D 4 12 ? -5.96603  -18.73422 4.41304   1.000 137.24995 ? 22 DA D N7    1 
ATOM 855 C C5    . DA D 4 12 ? -6.95571  -18.55709 5.36649   1.000 127.75860 ? 22 DA D C5    1 
ATOM 856 C C6    . DA D 4 12 ? -8.26801  -18.06325 5.29178   1.000 153.49516 ? 22 DA D C6    1 
ATOM 857 N N6    . DA D 4 12 ? -8.83370  -17.64274 4.15915   1.000 164.28602 ? 22 DA D N6    1 
ATOM 858 N N1    . DA D 4 12 ? -8.98307  -18.02219 6.43547   1.000 160.78246 ? 22 DA D N1    1 
ATOM 859 C C2    . DA D 4 12 ? -8.41716  -18.44369 7.56588   1.000 125.80048 ? 22 DA D C2    1 
ATOM 860 N N3    . DA D 4 12 ? -7.19790  -18.92440 7.75840   1.000 129.52883 ? 22 DA D N3    1 
ATOM 861 C C4    . DA D 4 12 ? -6.51291  -18.95413 6.60717   1.000 128.25004 ? 22 DA D C4    1 
# 
loop_
_atom_site_anisotrop.id 
_atom_site_anisotrop.type_symbol 
_atom_site_anisotrop.pdbx_label_atom_id 
_atom_site_anisotrop.pdbx_label_alt_id 
_atom_site_anisotrop.pdbx_label_comp_id 
_atom_site_anisotrop.pdbx_label_asym_id 
_atom_site_anisotrop.pdbx_label_seq_id 
_atom_site_anisotrop.pdbx_PDB_ins_code 
_atom_site_anisotrop.U[1][1] 
_atom_site_anisotrop.U[2][2] 
_atom_site_anisotrop.U[3][3] 
_atom_site_anisotrop.U[1][2] 
_atom_site_anisotrop.U[1][3] 
_atom_site_anisotrop.U[2][3] 
_atom_site_anisotrop.pdbx_auth_seq_id 
_atom_site_anisotrop.pdbx_auth_comp_id 
_atom_site_anisotrop.pdbx_auth_asym_id 
_atom_site_anisotrop.pdbx_auth_atom_id 
1   P P     . DC A 1  ? 2.52288 5.31963 5.15851 0.27732  0.24894  -0.39401 14 DC A P     
2   O OP1   . DC A 1  ? 1.73976 4.44717 4.36526 0.19027  0.27604  -0.31438 14 DC A OP1   
3   O OP2   . DC A 1  ? 1.60720 4.66050 4.30861 0.33059  0.28036  -0.40141 14 DC A OP2   
4   O "O5'" . DC A 1  ? 2.19705 4.84077 4.73322 0.31553  0.22991  -0.45066 14 DC A "O5'" 
5   C "C5'" . DC A 1  ? 1.56791 4.11725 4.03587 0.28297  0.26588  -0.41651 14 DC A "C5'" 
6   C "C4'" . DC A 1  ? 1.59135 3.90370 3.99747 0.22264  0.24162  -0.39648 14 DC A "C4'" 
7   O "O4'" . DC A 1  ? 2.00374 4.30671 4.42370 0.14887  0.28195  -0.31582 14 DC A "O4'" 
8   C "C3'" . DC A 1  ? 1.60929 3.76027 3.91636 0.23233  0.23393  -0.42146 14 DC A "C3'" 
9   O "O3'" . DC A 1  ? 1.78823 3.73349 4.04537 0.19947  0.18894  -0.42980 14 DC A "O3'" 
10  C "C2'" . DC A 1  ? 1.80983 3.97921 4.09709 0.19047  0.29648  -0.35696 14 DC A "C2'" 
11  C "C1'" . DC A 1  ? 1.62754 3.81502 3.97028 0.12466  0.30914  -0.29307 14 DC A "C1'" 
12  N N1    . DC A 1  ? 1.62286 3.92971 3.99787 0.09137  0.37071  -0.22469 14 DC A N1    
13  C C2    . DC A 1  ? 1.53121 3.81254 3.93636 0.01974  0.38453  -0.15529 14 DC A C2    
14  O O2    . DC A 1  ? 1.55777 3.71748 3.96049 -0.01430 0.34696  -0.15297 14 DC A O2    
15  N N3    . DC A 1  ? 1.50466 3.89505 3.94080 -0.01041 0.43621  -0.09199 14 DC A N3    
16  C C4    . DC A 1  ? 1.47723 3.99990 3.91384 0.02765  0.47570  -0.09614 14 DC A C4    
17  N N4    . DC A 1  ? 1.45263 4.08119 3.92114 -0.00582 0.52449  -0.03013 14 DC A N4    
18  C C5    . DC A 1  ? 1.47751 4.02819 3.88153 0.10184  0.46375  -0.16812 14 DC A C5    
19  C C6    . DC A 1  ? 1.55944 3.99859 3.93429 0.13107  0.40996  -0.23007 14 DC A C6    
20  P P     . DA A 2  ? 2.41698 4.21390 4.59857 0.23812  0.13660  -0.49385 15 DA A P     
21  O OP1   . DA A 2  ? 1.54261 3.41533 3.76882 0.29974  0.08890  -0.55838 15 DA A OP1   
22  O OP2   . DA A 2  ? 2.08702 3.86523 4.20680 0.25138  0.16908  -0.49035 15 DA A OP2   
23  O "O5'" . DA A 2  ? 2.05260 3.63771 4.18435 0.17889  0.10396  -0.47461 15 DA A "O5'" 
24  C "C5'" . DA A 2  ? 1.43268 2.89550 3.49780 0.12907  0.13280  -0.42937 15 DA A "C5'" 
25  C "C4'" . DA A 2  ? 1.58258 2.98511 3.66396 0.06124  0.14030  -0.37616 15 DA A "C4'" 
26  O "O4'" . DA A 2  ? 1.48779 3.03361 3.62859 0.03945  0.19420  -0.32418 15 DA A "O4'" 
27  C "C3'" . DA A 2  ? 1.90049 3.12425 3.90047 0.01228  0.14563  -0.34488 15 DA A "C3'" 
28  O "O3'" . DA A 2  ? 2.20714 3.34443 4.21857 -0.03816 0.12317  -0.32031 15 DA A "O3'" 
29  C "C2'" . DA A 2  ? 2.11352 3.40845 4.10943 -0.00355 0.21185  -0.29648 15 DA A "C2'" 
30  C "C1'" . DA A 2  ? 1.94038 3.41637 4.03362 -0.00473 0.23542  -0.27275 15 DA A "C1'" 
31  N N9    . DA A 2  ? 1.88789 3.51602 4.00652 0.01196  0.29064  -0.24960 15 DA A N9    
32  C C8    . DA A 2  ? 1.54625 3.28690 3.67045 0.07213  0.30048  -0.28768 15 DA A C8    
33  N N7    . DA A 2  ? 1.30952 3.18488 3.45974 0.07337  0.35433  -0.25319 15 DA A N7    
34  C C5    . DA A 2  ? 1.36777 3.21490 3.53299 0.00812  0.37976  -0.18639 15 DA A C5    
35  C C6    . DA A 2  ? 1.27886 3.22028 3.47439 -0.02521 0.43305  -0.12253 15 DA A C6    
36  N N6    . DA A 2  ? 1.24808 3.34360 3.46413 0.00405  0.47514  -0.11521 15 DA A N6    
37  N N1    . DA A 2  ? 1.28941 3.15892 3.49257 -0.08968 0.43855  -0.06639 15 DA A N1    
38  C C2    . DA A 2  ? 1.32296 3.04008 3.50273 -0.11680 0.39576  -0.07578 15 DA A C2    
39  N N3    . DA A 2  ? 1.34706 2.96922 3.49705 -0.09130 0.34658  -0.13189 15 DA A N3    
40  C C4    . DA A 2  ? 1.60494 3.29913 3.75050 -0.02901 0.34042  -0.18492 15 DA A C4    
41  P P     . DC A 3  ? 2.31862 3.34277 4.28862 -0.10358 0.14835  -0.26177 16 DC A P     
42  O OP1   . DC A 3  ? 1.64453 2.79251 3.66779 -0.12571 0.20087  -0.20948 16 DC A OP1   
43  O OP2   . DC A 3  ? 2.10010 3.01139 4.06701 -0.13459 0.10110  -0.26590 16 DC A OP2   
44  O "O5'" . DC A 3  ? 1.70141 2.59620 3.57031 -0.09984 0.15422  -0.26874 16 DC A "O5'" 
45  C "C5'" . DC A 3  ? 1.98528 2.88684 3.81996 -0.11401 0.20815  -0.22997 16 DC A "C5'" 
46  C "C4'" . DC A 3  ? 1.92998 2.80422 3.77611 -0.17002 0.23432  -0.17215 16 DC A "C4'" 
47  O "O4'" . DC A 3  ? 1.71512 2.75114 3.63185 -0.17187 0.27789  -0.13833 16 DC A "O4'" 
48  C "C3'" . DC A 3  ? 1.76749 2.52473 3.53421 -0.19732 0.25980  -0.14197 16 DC A "C3'" 
49  O "O3'" . DC A 3  ? 1.61113 2.29898 3.37962 -0.24781 0.26061  -0.10198 16 DC A "O3'" 
50  C "C2'" . DC A 3  ? 1.49987 2.37321 3.27975 -0.18164 0.31479  -0.11988 16 DC A "C2'" 
51  C "C1'" . DC A 3  ? 1.78972 2.82824 3.66983 -0.18113 0.32690  -0.10442 16 DC A "C1'" 
52  N N1    . DC A 3  ? 1.71777 2.91977 3.63306 -0.13891 0.35981  -0.11381 16 DC A N1    
53  C C2    . DC A 3  ? 1.35295 2.66243 3.30068 -0.15463 0.41230  -0.06478 16 DC A C2    
54  O O2    . DC A 3  ? 1.36231 2.62511 3.31069 -0.20358 0.42824  -0.01433 16 DC A O2    
55  N N3    . DC A 3  ? 1.31980 2.78149 3.29682 -0.11491 0.44168  -0.07444 16 DC A N3    
56  C C4    . DC A 3  ? 1.31725 2.81969 3.29068 -0.05928 0.41867  -0.13295 16 DC A C4    
57  N N4    . DC A 3  ? 1.28852 2.94282 3.28843 -0.01819 0.44759  -0.14347 16 DC A N4    
58  C C5    . DC A 3  ? 1.34778 2.73626 3.28961 -0.04273 0.36225  -0.18348 16 DC A C5    
59  C C6    . DC A 3  ? 1.37714 2.62083 3.29147 -0.08482 0.33573  -0.17033 16 DC A C6    
60  P P     . DA A 4  ? 2.17055 2.69704 3.84863 -0.27768 0.26734  -0.08056 17 DA A P     
61  O OP1   . DA A 4  ? 1.96059 2.41464 3.65056 -0.32191 0.24807  -0.05554 17 DA A OP1   
62  O OP2   . DA A 4  ? 1.78086 2.21809 3.38633 -0.25182 0.24285  -0.11955 17 DA A OP2   
63  O "O5'" . DA A 4  ? 2.04840 2.63360 3.71817 -0.28117 0.32727  -0.04098 17 DA A "O5'" 
64  C "C5'" . DA A 4  ? 2.05952 2.74139 3.79489 -0.30605 0.35765  0.00452  17 DA A "C5'" 
65  C "C4'" . DA A 4  ? 1.65667 2.39674 3.37792 -0.30122 0.41166  0.03452  17 DA A "C4'" 
66  O "O4'" . DA A 4  ? 1.64161 2.53961 3.41102 -0.26352 0.43169  0.01959  17 DA A "O4'" 
67  C "C3'" . DA A 4  ? 1.46217 2.09149 3.08712 -0.29117 0.42356  0.02627  17 DA A "C3'" 
68  O "O3'" . DA A 4  ? 1.46985 2.06940 3.07337 -0.31927 0.45940  0.07310  17 DA A "O3'" 
69  C "C2'" . DA A 4  ? 1.46801 2.19049 3.09185 -0.24460 0.43979  -0.00204 17 DA A "C2'" 
70  C "C1'" . DA A 4  ? 1.39443 2.29051 3.11048 -0.24066 0.46292  0.01626  17 DA A "C1'" 
71  N N9    . DA A 4  ? 1.36496 2.38117 3.10767 -0.19139 0.46526  -0.02049 17 DA A N9    
72  C C8    . DA A 4  ? 1.37260 2.37781 3.10849 -0.15423 0.42470  -0.07618 17 DA A C8    
73  N N7    . DA A 4  ? 1.34659 2.47688 3.11065 -0.10949 0.43464  -0.10241 17 DA A N7    
74  C C5    . DA A 4  ? 1.31714 2.55220 3.10807 -0.11961 0.48793  -0.05900 17 DA A C5    
75  C C6    . DA A 4  ? 1.43309 2.82751 3.25860 -0.08719 0.52313  -0.05880 17 DA A C6    
76  N N6    . DA A 4  ? 1.58723 3.06372 3.42520 -0.03219 0.50785  -0.10969 17 DA A N6    
77  N N1    . DA A 4  ? 1.61045 3.07699 3.45668 -0.11246 0.57249  -0.00466 17 DA A N1    
78  C C2    . DA A 4  ? 1.56153 2.94105 3.39554 -0.16502 0.58273  0.04381  17 DA A C2    
79  N N3    . DA A 4  ? 1.47367 2.70083 3.27350 -0.19593 0.55199  0.04546  17 DA A N3    
80  C C4    . DA A 4  ? 1.32810 2.49242 3.10755 -0.17124 0.50625  -0.00708 17 DA A C4    
81  P P     . DC A 5  ? 2.05678 2.48563 3.58899 -0.34980 0.44589  0.08694  18 DC A P     
82  O OP1   . DC A 5  ? 1.54137 1.97742 3.08143 -0.37805 0.48101  0.13836  18 DC A OP1   
83  O OP2   . DC A 5  ? 1.93076 2.28867 3.47150 -0.36374 0.39565  0.06618  18 DC A OP2   
84  O "O5'" . DC A 5  ? 1.83092 2.17816 3.27112 -0.32388 0.44967  0.06185  18 DC A "O5'" 
85  C "C5'" . DC A 5  ? 1.69088 1.97131 3.06839 -0.33293 0.48000  0.08814  18 DC A "C5'" 
86  C "C4'" . DC A 5  ? 1.82927 1.99266 3.11649 -0.32003 0.46147  0.06279  18 DC A "C4'" 
87  O "O4'" . DC A 5  ? 2.04049 2.21294 3.33377 -0.29690 0.42355  0.01927  18 DC A "O4'" 
88  C "C3'" . DC A 5  ? 1.99538 2.02196 3.23002 -0.34515 0.43960  0.06926  18 DC A "C3'" 
89  O "O3'" . DC A 5  ? 2.07795 2.04641 3.24627 -0.34694 0.46959  0.09125  18 DC A "O3'" 
90  C "C2'" . DC A 5  ? 2.03783 1.99211 3.23550 -0.33476 0.39191  0.02924  18 DC A "C2'" 
91  C "C1'" . DC A 5  ? 2.16355 2.21429 3.40480 -0.30563 0.38226  -0.00001 18 DC A "C1'" 
92  N N1    . DC A 5  ? 1.86789 1.93772 3.16348 -0.30603 0.33797  -0.02754 18 DC A N1    
93  C C2    . DC A 5  ? 1.76368 1.72802 3.02496 -0.31662 0.29080  -0.04829 18 DC A C2    
94  O O2    . DC A 5  ? 1.75046 1.60932 2.93561 -0.32552 0.28628  -0.04346 18 DC A O2    
95  N N3    . DC A 5  ? 1.69786 1.68409 3.01132 -0.31613 0.25114  -0.07267 18 DC A N3    
96  C C4    . DC A 5  ? 1.65757 1.76776 3.05304 -0.30368 0.25781  -0.07741 18 DC A C4    
97  N N4    . DC A 5  ? 1.80773 1.93846 3.25327 -0.30193 0.21757  -0.10182 18 DC A N4    
98  C C5    . DC A 5  ? 1.67985 1.90377 3.10972 -0.29167 0.30604  -0.05673 18 DC A C5    
99  C C6    . DC A 5  ? 1.71253 1.90945 3.09073 -0.29426 0.34407  -0.03221 18 DC A C6    
100 P P     . DC A 6  ? 3.09217 2.99309 4.24690 -0.37594 0.48059  0.12579  19 DC A P     
101 O OP1   . DC A 6  ? 3.00757 2.96285 4.16586 -0.37438 0.52999  0.15976  19 DC A OP1   
102 O OP2   . DC A 6  ? 2.64542 2.54995 3.86194 -0.40036 0.45110  0.12888  19 DC A OP2   
103 O "O5'" . DC A 6  ? 2.96342 2.72691 4.02083 -0.37395 0.46168  0.11216  19 DC A "O5'" 
104 C "C5'" . DC A 6  ? 2.77934 2.49810 3.79927 -0.36121 0.42618  0.07700  19 DC A "C5'" 
105 C "C4'" . DC A 6  ? 2.99574 2.61191 3.99037 -0.37865 0.38423  0.06453  19 DC A "C4'" 
106 O "O4'" . DC A 6  ? 2.76419 2.40734 3.81366 -0.38225 0.34534  0.04010  19 DC A "O4'" 
107 C "C3'" . DC A 6  ? 2.86466 2.43664 3.86998 -0.40286 0.38780  0.08952  19 DC A "C3'" 
108 O "O3'" . DC A 6  ? 3.02240 2.47517 3.95831 -0.40838 0.36095  0.07867  19 DC A "O3'" 
109 C "C2'" . DC A 6  ? 2.47578 2.10670 3.57220 -0.41995 0.36629  0.08929  19 DC A "C2'" 
110 C "C1'" . DC A 6  ? 2.40055 2.02538 3.49383 -0.40807 0.32846  0.05118  19 DC A "C1'" 
111 N N1    . DC A 6  ? 2.24318 1.96217 3.42653 -0.40997 0.31345  0.04231  19 DC A N1    
112 C C2    . DC A 6  ? 2.23927 1.92692 3.44042 -0.41622 0.26527  0.01600  19 DC A C2    
113 O O2    . DC A 6  ? 2.34525 1.92603 3.48542 -0.42148 0.23578  0.00119  19 DC A O2    
114 N N3    . DC A 6  ? 2.18297 1.96349 3.46794 -0.41533 0.25238  0.00786  19 DC A N3    
115 C C4    . DC A 6  ? 2.11062 2.01464 3.45800 -0.40799 0.28626  0.02504  19 DC A C4    
116 N N4    . DC A 6  ? 2.13171 2.13405 3.56055 -0.40444 0.27291  0.01599  19 DC A N4    
117 C C5    . DC A 6  ? 2.10358 2.04067 3.43269 -0.40309 0.33536  0.05278  19 DC A C5    
118 C C6    . DC A 6  ? 2.16895 2.00882 3.41683 -0.40475 0.34674  0.06048  19 DC A C6    
119 P P     . DG A 7  ? 3.26589 2.64076 4.17000 -0.42184 0.36803  0.10078  20 DG A P     
120 O OP1   . DG A 7  ? 3.11914 2.45468 3.93982 -0.40262 0.39533  0.10552  20 DG A OP1   
121 O OP2   . DG A 7  ? 2.69418 2.13080 3.67754 -0.44079 0.38329  0.13068  20 DG A OP2   
122 O "O5'" . DG A 7  ? 3.10706 2.38235 3.98709 -0.43515 0.31617  0.07897  20 DG A "O5'" 
123 C "C5'" . DG A 7  ? 2.78940 1.99762 3.59501 -0.42288 0.29254  0.05217  20 DG A "C5'" 
124 C "C4'" . DG A 7  ? 2.99625 2.15265 3.81464 -0.43806 0.24017  0.02952  20 DG A "C4'" 
125 O "O4'" . DG A 7  ? 3.41649 2.65419 4.32202 -0.44606 0.22744  0.02388  20 DG A "O4'" 
126 C "C3'" . DG A 7  ? 3.36833 2.45001 4.18885 -0.45746 0.21772  0.03622  20 DG A "C3'" 
127 O "O3'" . DG A 7  ? 3.44078 2.44010 4.21950 -0.46146 0.17234  0.01004  20 DG A "O3'" 
128 C "C2'" . DG A 7  ? 3.04245 2.19884 3.96882 -0.47895 0.21457  0.05277  20 DG A "C2'" 
129 C "C1'" . DG A 7  ? 3.23163 2.46268 4.19710 -0.47095 0.20590  0.03331  20 DG A "C1'" 
130 N N9    . DG A 7  ? 2.93873 2.28844 3.99823 -0.47617 0.22487  0.04956  20 DG A N9    
131 C C8    . DG A 7  ? 2.53003 1.95978 3.61656 -0.47014 0.27110  0.07576  20 DG A C8    
132 N N7    . DG A 7  ? 2.28712 1.82652 3.46053 -0.47524 0.27884  0.08551  20 DG A N7    
133 C C5    . DG A 7  ? 2.45631 1.98724 3.66376 -0.48445 0.23486  0.06383  20 DG A C5    
134 C C6    . DG A 7  ? 2.28859 1.91674 3.58684 -0.49057 0.22194  0.06211  20 DG A C6    
135 O O6    . DG A 7  ? 1.94946 1.69788 3.31658 -0.48839 0.24846  0.08006  20 DG A O6    
136 N N1    . DG A 7  ? 2.47170 2.05142 3.77661 -0.49888 0.17289  0.03685  20 DG A N1    
137 C C2    . DG A 7  ? 2.61378 2.06746 3.84510 -0.50189 0.14053  0.01645  20 DG A C2    
138 N N2    . DG A 7  ? 2.75749 2.18228 4.00836 -0.51110 0.09389  -0.00555 20 DG A N2    
139 N N3    . DG A 7  ? 2.60622 1.97327 3.75061 -0.49521 0.15304  0.01783  20 DG A N3    
140 C C4    . DG A 7  ? 2.68543 2.09743 3.82373 -0.48621 0.20069  0.04176  20 DG A C4    
141 P P     . DT A 8  ? 3.70702 2.59591 4.44796 -0.47274 0.14176  0.00664  21 DT A P     
142 O OP1   . DT A 8  ? 3.63502 2.45231 4.26960 -0.45132 0.14371  -0.00734 21 DT A OP1   
143 O OP2   . DT A 8  ? 3.16865 2.06878 3.96171 -0.48816 0.15424  0.03503  21 DT A OP2   
144 O "O5'" . DT A 8  ? 3.11790 1.98134 3.89346 -0.49172 0.08833  -0.01437 21 DT A "O5'" 
145 C "C5'" . DT A 8  ? 2.85917 1.80889 3.71915 -0.50142 0.08162  -0.01544 21 DT A "C5'" 
146 C "C4'" . DT A 8  ? 2.94744 1.90286 3.88692 -0.53006 0.05488  -0.00376 21 DT A "C4'" 
147 O "O4'" . DT A 8  ? 2.77154 1.84760 3.80417 -0.53592 0.07908  0.01627  21 DT A "O4'" 
148 C "C3'" . DT A 8  ? 3.06734 1.95161 3.99343 -0.54365 0.04966  0.01509  21 DT A "C3'" 
149 O "O3'" . DT A 8  ? 3.00247 1.80448 3.92581 -0.56217 -0.00290 0.00172  21 DT A "O3'" 
150 C "C2'" . DT A 8  ? 3.40355 2.37979 4.42093 -0.55996 0.07523  0.05174  21 DT A "C2'" 
151 C "C1'" . DT A 8  ? 3.17038 2.25304 4.26081 -0.56134 0.07482  0.04530  21 DT A "C1'" 
152 N N1    . DT A 8  ? 3.06234 2.27139 4.22753 -0.56250 0.11537  0.07423  21 DT A N1    
153 C C2    . DT A 8  ? 2.69815 2.00543 3.95869 -0.57609 0.10624  0.08188  21 DT A C2    
154 O O2    . DT A 8  ? 2.24544 1.53925 3.53489 -0.58800 0.06586  0.06636  21 DT A O2    
155 N N3    . DT A 8  ? 2.60438 2.03193 3.92584 -0.57436 0.14639  0.10900  21 DT A N3    
156 C C4    . DT A 8  ? 2.73905 2.19297 4.03645 -0.56245 0.19295  0.12940  21 DT A C4    
157 O O4    . DT A 8  ? 2.49040 2.05848 3.84650 -0.56215 0.22641  0.15375  21 DT A O4    
158 C C5    . DT A 8  ? 2.89758 2.24062 4.09575 -0.54925 0.19945  0.12028  21 DT A C5    
159 C C7    . DT A 8  ? 2.72975 2.09108 3.89517 -0.53519 0.24790  0.14116  21 DT A C7    
160 C C6    . DT A 8  ? 2.95930 2.18925 4.09670 -0.54903 0.16121  0.09327  21 DT A C6    
161 P P     . DG B 1  ? 1.69841 2.60382 2.43501 -0.13297 0.38550  -0.03844 2  DG B P     
162 O OP1   . DG B 1  ? 1.62838 2.54107 2.33885 -0.16263 0.38579  -0.08704 2  DG B OP1   
163 O OP2   . DG B 1  ? 1.77668 2.71174 2.54308 -0.10461 0.41469  0.01883  2  DG B OP2   
164 O "O5'" . DG B 1  ? 1.77952 2.69290 2.50811 -0.11520 0.34206  -0.04596 2  DG B "O5'" 
165 C "C5'" . DG B 1  ? 1.54379 2.45748 2.30407 -0.08250 0.34105  -0.00354 2  DG B "C5'" 
166 C "C4'" . DG B 1  ? 1.75667 2.69559 2.50386 -0.07023 0.30898  -0.02699 2  DG B "C4'" 
167 O "O4'" . DG B 1  ? 1.96337 2.90318 2.75359 -0.04323 0.33004  0.00272  2  DG B "O4'" 
168 C "C3'" . DG B 1  ? 1.52061 2.50184 2.23116 -0.08361 0.29542  -0.06508 2  DG B "C3'" 
169 O "O3'" . DG B 1  ? 1.86038 2.87513 2.52456 -0.07752 0.24744  -0.09642 2  DG B "O3'" 
170 C "C2'" . DG B 1  ? 1.71407 2.71115 2.46361 -0.06725 0.33317  -0.03497 2  DG B "C2'" 
171 C "C1'" . DG B 1  ? 1.36227 2.33894 2.14958 -0.04042 0.34041  -0.00613 2  DG B "C1'" 
172 N N9    . DG B 1  ? 1.53006 2.46960 2.35955 -0.02910 0.39116  0.02255  2  DG B N9    
173 C C8    . DG B 1  ? 1.68208 2.57610 2.50810 -0.02603 0.42063  0.06771  2  DG B C8    
174 N N7    . DG B 1  ? 1.47276 2.29764 2.33123 -0.02959 0.46690  0.04365  2  DG B N7    
175 C C5    . DG B 1  ? 1.24444 2.14978 2.09796 -0.03457 0.44751  -0.01037 2  DG B C5    
176 C C6    . DG B 1  ? 1.40019 2.37771 2.24611 -0.02971 0.45742  -0.02558 2  DG B C6    
177 O O6    . DG B 1  ? 1.79811 2.81916 2.62200 -0.04020 0.47984  -0.03097 2  DG B O6    
178 N N1    . DG B 1  ? 1.67987 2.72078 2.53360 0.00448  0.43008  0.00095  2  DG B N1    
179 C C2    . DG B 1  ? 1.82961 2.88931 2.65255 0.01501  0.37806  0.00714  2  DG B C2    
180 N N2    . DG B 1  ? 2.01226 3.13518 2.79291 0.04102  0.33670  0.01486  2  DG B N2    
181 N N3    . DG B 1  ? 1.42615 2.45742 2.24303 -0.00067 0.36333  0.00104  2  DG B N3    
182 C C4    . DG B 1  ? 1.30633 2.26635 2.15059 -0.01835 0.40333  0.00853  2  DG B C4    
183 P P     . DA B 2  ? 2.26846 3.33889 2.88110 -0.08666 0.22333  -0.13774 3  DA B P     
184 O OP1   . DA B 2  ? 2.20507 3.28731 2.76103 -0.08707 0.17832  -0.17360 3  DA B OP1   
185 O OP2   . DA B 2  ? 2.10878 3.17573 2.72828 -0.11222 0.25202  -0.14852 3  DA B OP2   
186 O "O5'" . DA B 2  ? 1.18759 2.30264 1.81065 -0.06020 0.22502  -0.11850 3  DA B "O5'" 
187 C "C5'" . DA B 2  ? 1.98596 3.11540 2.59698 -0.03428 0.19884  -0.11022 3  DA B "C5'" 
188 C "C4'" . DA B 2  ? 1.92499 3.11245 2.52390 -0.01288 0.19333  -0.10492 3  DA B "C4'" 
189 O "O4'" . DA B 2  ? 1.81888 2.99168 2.47624 -0.00130 0.23653  -0.06532 3  DA B "O4'" 
190 C "C3'" . DA B 2  ? 1.87697 3.11553 2.44035 -0.02376 0.18508  -0.13374 3  DA B "C3'" 
191 O "O3'" . DA B 2  ? 1.92628 3.22560 2.44190 -0.00152 0.15234  -0.14741 3  DA B "O3'" 
192 C "C2'" . DA B 2  ? 1.83734 3.06786 2.45554 -0.02912 0.23557  -0.10575 3  DA B "C2'" 
193 C "C1'" . DA B 2  ? 1.60862 2.81431 2.27275 -0.00493 0.25875  -0.06472 3  DA B "C1'" 
194 N N9    . DA B 2  ? 1.51276 2.66857 2.24276 -0.01200 0.32012  -0.03598 3  DA B N9    
195 C C8    . DA B 2  ? 1.46562 2.56422 2.22459 -0.03272 0.35072  -0.02980 3  DA B C8    
196 N N7    . DA B 2  ? 1.18453 2.24206 1.99934 -0.03158 0.41202  -0.00071 3  DA B N7    
197 C C5    . DA B 2  ? 1.15586 2.24444 1.97933 -0.01442 0.42204  0.00131  3  DA B C5    
198 C C6    . DA B 2  ? 1.54587 2.61728 2.40807 -0.01361 0.47704  0.00583  3  DA B C6    
199 N N6    . DA B 2  ? 1.57516 2.56190 2.44151 -0.03673 0.51827  -0.00415 3  DA B N6    
200 N N1    . DA B 2  ? 1.71680 2.85056 2.55777 0.00908  0.46046  0.01204  3  DA B N1    
201 C C2    . DA B 2  ? 1.21050 2.40679 2.00176 0.03047  0.39879  0.01404  3  DA B C2    
202 N N3    . DA B 2  ? 1.18892 2.39981 1.93998 0.02589  0.34832  -0.00413 3  DA B N3    
203 C C4    . DA B 2  ? 1.46923 2.62488 2.23832 0.00136  0.36201  -0.01220 3  DA B C4    
204 P P     . DA B 3  ? 2.18456 3.55108 2.65807 -0.00557 0.13955  -0.17640 4  DA B P     
205 O OP1   . DA B 3  ? 2.22906 3.63979 2.63554 0.01441  0.09747  -0.20591 4  DA B OP1   
206 O OP2   . DA B 3  ? 2.01674 3.36817 2.49184 -0.03926 0.15200  -0.19970 4  DA B OP2   
207 O "O5'" . DA B 3  ? 1.77932 3.17307 2.29412 0.00967  0.17098  -0.13884 4  DA B "O5'" 
208 C "C5'" . DA B 3  ? 1.64876 3.05018 2.17632 0.04060  0.17215  -0.10683 4  DA B "C5'" 
209 C "C4'" . DA B 3  ? 1.82007 3.26062 2.37134 0.05491  0.19892  -0.08013 4  DA B "C4'" 
210 O "O4'" . DA B 3  ? 2.16700 3.55256 2.79091 0.04511  0.25620  -0.04813 4  DA B "O4'" 
211 C "C3'" . DA B 3  ? 2.12704 3.62640 2.65060 0.04497  0.19286  -0.10372 4  DA B "C3'" 
212 O "O3'" . DA B 3  ? 2.46879 4.02642 2.98426 0.07192  0.19370  -0.08419 4  DA B "O3'" 
213 C "C2'" . DA B 3  ? 1.94236 3.39680 2.52219 0.01504  0.24303  -0.09551 4  DA B "C2'" 
214 C "C1'" . DA B 3  ? 1.81875 3.21836 2.46109 0.02773  0.28772  -0.05163 4  DA B "C1'" 
215 N N9    . DA B 3  ? 1.60607 2.93034 2.30366 0.00283  0.33889  -0.04207 4  DA B N9    
216 C C8    . DA B 3  ? 1.63795 2.91719 2.33326 -0.02062 0.33284  -0.05889 4  DA B C8    
217 N N7    . DA B 3  ? 1.71875 2.93477 2.46468 -0.03573 0.38692  -0.04033 4  DA B N7    
218 C C5    . DA B 3  ? 1.65798 2.86920 2.44528 -0.02344 0.43701  -0.01423 4  DA B C5    
219 C C6    . DA B 3  ? 1.79184 2.94058 2.63762 -0.03043 0.51313  0.00897  4  DA B C6    
220 N N6    . DA B 3  ? 1.63291 2.71483 2.49181 -0.04254 0.53962  0.02828  4  DA B N6    
221 N N1    . DA B 3  ? 1.78059 2.94160 2.64610 -0.02278 0.54964  0.01237  4  DA B N1    
222 C C2    . DA B 3  ? 1.93882 3.17901 2.76801 0.00142  0.50643  0.01424  4  DA B C2    
223 N N3    . DA B 3  ? 1.92816 3.23101 2.70381 0.01645  0.43537  0.00441  4  DA B N3    
224 C C4    . DA B 3  ? 1.67590 2.95680 2.43322 -0.00016 0.40572  -0.01527 4  DA B C4    
225 P P     . DG B 4  ? 2.72314 4.36786 3.16167 0.08874  0.14713  -0.11521 5  DG B P     
226 O OP1   . DG B 4  ? 2.31933 3.98898 2.73183 0.12550  0.12844  -0.09795 5  DG B OP1   
227 O OP2   . DG B 4  ? 2.25100 3.89590 2.64135 0.06742  0.11607  -0.16590 5  DG B OP2   
228 O "O5'" . DG B 4  ? 2.28951 3.98380 2.74687 0.08493  0.17248  -0.10481 5  DG B "O5'" 
229 C "C5'" . DG B 4  ? 2.12089 3.78219 2.62608 0.05169  0.21281  -0.10518 5  DG B "C5'" 
230 C "C4'" . DG B 4  ? 2.20052 3.83993 2.77242 0.05738  0.27277  -0.06029 5  DG B "C4'" 
231 O "O4'" . DG B 4  ? 1.96300 3.51039 2.59408 0.03936  0.31863  -0.04397 5  DG B "O4'" 
232 C "C3'" . DG B 4  ? 2.24107 3.91663 2.82789 0.04155  0.30301  -0.06306 5  DG B "C3'" 
233 O "O3'" . DG B 4  ? 2.43236 4.13493 3.04116 0.06678  0.33146  -0.02651 5  DG B "O3'" 
234 C "C2'" . DG B 4  ? 2.15304 3.75000 2.79258 0.00526  0.35656  -0.06319 5  DG B "C2'" 
235 C "C1'" . DG B 4  ? 1.96472 3.48423 2.64204 0.01543  0.37785  -0.03686 5  DG B "C1'" 
236 N N9    . DG B 4  ? 1.59932 3.04253 2.30320 -0.01417 0.40178  -0.04580 5  DG B N9    
237 C C8    . DG B 4  ? 1.56584 3.00010 2.23482 -0.03051 0.35951  -0.07734 5  DG B C8    
238 N N7    . DG B 4  ? 1.51015 2.87661 2.20860 -0.05407 0.39116  -0.07579 5  DG B N7    
239 C C5    . DG B 4  ? 1.65447 2.97740 2.41163 -0.05230 0.46270  -0.03992 5  DG B C5    
240 C C6    . DG B 4  ? 1.75101 2.99818 2.55262 -0.06688 0.52289  -0.01672 5  DG B C6    
241 O O6    . DG B 4  ? 1.86649 3.08012 2.66069 -0.08526 0.51706  -0.02332 5  DG B O6    
242 N N1    . DG B 4  ? 1.80352 3.01807 2.65388 -0.05721 0.59400  0.01653  5  DG B N1    
243 C C2    . DG B 4  ? 1.79567 3.05009 2.64863 -0.04267 0.60202  0.01514  5  DG B C2    
244 N N2    . DG B 4  ? 1.89917 3.10338 2.78326 -0.04806 0.66971  0.02525  5  DG B N2    
245 N N3    . DG B 4  ? 1.57905 2.91839 2.38651 -0.02493 0.53763  0.00139  5  DG B N3    
246 C C4    . DG B 4  ? 1.62755 2.99365 2.38987 -0.03004 0.47217  -0.02478 5  DG B C4    
247 P P     . DC B 5  ? 2.51990 4.28079 3.13315 0.05972  0.35575  -0.02608 6  DC B P     
248 O OP1   . DC B 5  ? 2.12423 3.94327 2.72525 0.09897  0.35028  0.00490  6  DC B OP1   
249 O OP2   . DC B 5  ? 1.76916 3.57783 2.33625 0.03586  0.31587  -0.07346 6  DC B OP2   
250 O "O5'" . DC B 5  ? 2.17717 3.85496 2.86247 0.03131  0.44082  -0.00827 6  DC B "O5'" 
251 C "C5'" . DC B 5  ? 2.36632 3.97953 3.09919 0.04335  0.49300  0.02680  6  DC B "C5'" 
252 C "C4'" . DC B 5  ? 2.42112 3.95338 3.20900 0.00962  0.57751  0.02986  6  DC B "C4'" 
253 O "O4'" . DC B 5  ? 2.41821 3.87870 3.21993 -0.01543 0.58283  0.01461  6  DC B "O4'" 
254 C "C3'" . DC B 5  ? 2.33750 3.90316 3.12529 -0.01242 0.60570  0.02087  6  DC B "C3'" 
255 O "O3'" . DC B 5  ? 2.51149 4.03151 3.34059 -0.02098 0.68882  0.04032  6  DC B "O3'" 
256 C "C2'" . DC B 5  ? 2.17247 3.70325 2.95681 -0.04734 0.60284  -0.00443 6  DC B "C2'" 
257 C "C1'" . DC B 5  ? 2.06028 3.49773 2.87506 -0.04736 0.62297  0.00682  6  DC B "C1'" 
258 N N1    . DC B 5  ? 1.75381 3.17386 2.54690 -0.06829 0.58610  -0.01679 6  DC B N1    
259 C C2    . DC B 5  ? 1.78696 3.12879 2.60911 -0.08674 0.63279  -0.00141 6  DC B C2    
260 O O2    . DC B 5  ? 1.89937 3.18282 2.76693 -0.08083 0.70805  0.03838  6  DC B O2    
261 N N3    . DC B 5  ? 1.88440 3.22176 2.67651 -0.10893 0.59186  -0.02982 6  DC B N3    
262 C C4    . DC B 5  ? 1.94160 3.33460 2.68224 -0.11378 0.51719  -0.07409 6  DC B C4    
263 N N4    . DC B 5  ? 1.81911 3.19691 2.52989 -0.13906 0.48434  -0.10867 6  DC B N4    
264 C C5    . DC B 5  ? 1.90555 3.37504 2.61605 -0.09080 0.47226  -0.08397 6  DC B C5    
265 C C6    . DC B 5  ? 1.67491 3.16023 2.41175 -0.06787 0.50542  -0.05285 6  DC B C6    
266 P P     . DT B 6  ? 2.79725 4.34089 3.63232 -0.04265 0.73550  0.03977  7  DT B P     
267 O OP1   . DT B 6  ? 2.35582 3.88061 3.21373 -0.04053 0.80063  0.05710  7  DT B OP1   
268 O OP2   . DT B 6  ? 2.30153 3.95638 3.08711 -0.03662 0.66191  0.01993  7  DT B OP2   
269 O "O5'" . DT B 6  ? 2.37813 3.83760 3.23792 -0.07722 0.78455  0.03744  7  DT B "O5'" 
270 C "C5'" . DT B 6  ? 2.37241 3.78899 3.25911 -0.09560 0.86669  0.05780  7  DT B "C5'" 
271 C "C4'" . DT B 6  ? 2.37424 3.66701 3.26409 -0.09583 0.89476  0.09226  7  DT B "C4'" 
272 O "O4'" . DT B 6  ? 2.26872 3.54944 3.15527 -0.08963 0.84775  0.08425  7  DT B "O4'" 
273 C "C3'" . DT B 6  ? 2.42595 3.76309 3.30217 -0.10924 0.90515  0.12748  7  DT B "C3'" 
274 O "O3'" . DT B 6  ? 2.37362 3.71162 3.24725 -0.09697 0.95026  0.18267  7  DT B "O3'" 
275 C "C2'" . DT B 6  ? 2.32067 3.65369 3.18047 -0.11149 0.87583  0.14801  7  DT B "C2'" 
276 C "C1'" . DT B 6  ? 2.39587 3.68288 3.26735 -0.09692 0.83903  0.11656  7  DT B "C1'" 
277 N N1    . DT B 6  ? 2.25027 3.59325 3.10497 -0.12793 0.78728  0.05614  7  DT B N1    
278 C C2    . DT B 6  ? 2.05559 3.38630 2.88601 -0.15956 0.76793  0.03587  7  DT B C2    
279 O O2    . DT B 6  ? 1.94786 3.26157 2.78030 -0.16789 0.79783  0.06555  7  DT B O2    
280 N N3    . DT B 6  ? 2.06437 3.41640 2.85509 -0.18793 0.70346  -0.03223 7  DT B N3    
281 C C4    . DT B 6  ? 2.03438 3.44635 2.79677 -0.18312 0.64557  -0.07069 7  DT B C4    
282 O O4    . DT B 6  ? 1.89128 3.33158 2.61018 -0.20502 0.58648  -0.12377 7  DT B O4    
283 C C5    . DT B 6  ? 1.95307 3.39960 2.73201 -0.15023 0.65545  -0.04581 7  DT B C5    
284 C C7    . DT B 6  ? 1.43900 2.97459 2.17441 -0.13977 0.58306  -0.08103 7  DT B C7    
285 C C6    . DT B 6  ? 2.04452 3.44594 2.87114 -0.12870 0.72846  0.00823  7  DT B C6    
286 P P     . DG B 7  ? 2.66340 4.08113 3.52765 -0.13710 0.97569  0.16890  8  DG B P     
287 O OP1   . DG B 7  ? 2.69120 4.08934 3.56831 -0.12070 1.01973  0.18346  8  DG B OP1   
288 O OP2   . DG B 7  ? 2.44327 3.90454 3.29855 -0.17927 0.94034  0.09499  8  DG B OP2   
289 O "O5'" . DG B 7  ? 2.52053 3.99117 3.35723 -0.17194 0.98544  0.19153  8  DG B "O5'" 
290 C "C5'" . DG B 7  ? 2.33544 3.78701 3.16107 -0.19483 0.96541  0.17037  8  DG B "C5'" 
291 C "C4'" . DG B 7  ? 2.55359 3.95661 3.36926 -0.26073 0.98015  0.10436  8  DG B "C4'" 
292 O "O4'" . DG B 7  ? 2.52721 3.88929 3.33478 -0.26859 0.93103  0.05572  8  DG B "O4'" 
293 C "C3'" . DG B 7  ? 2.57902 3.99752 3.38765 -0.29439 1.00003  0.07114  8  DG B "C3'" 
294 O "O3'" . DG B 7  ? 2.69198 4.05679 3.48065 -0.35543 1.03219  0.02937  8  DG B "O3'" 
295 C "C2'" . DG B 7  ? 2.16409 3.58666 2.95922 -0.30387 0.94456  0.01043  8  DG B "C2'" 
296 C "C1'" . DG B 7  ? 2.36034 3.73061 3.14788 -0.30632 0.91033  -0.00914 8  DG B "C1'" 
297 N N9    . DG B 7  ? 2.19340 3.57808 2.97264 -0.29026 0.84896  -0.03919 8  DG B N9    
298 C C8    . DG B 7  ? 1.97058 3.39350 2.76180 -0.24930 0.82573  -0.02287 8  DG B C8    
299 N N7    . DG B 7  ? 1.99704 3.43219 2.76506 -0.25102 0.76147  -0.06684 8  DG B N7    
300 C C5    . DG B 7  ? 2.30432 3.70286 3.04876 -0.29088 0.74650  -0.10838 8  DG B C5    
301 C C6    . DG B 7  ? 2.11715 3.51152 2.82865 -0.30813 0.68654  -0.16133 8  DG B C6    
302 O O6    . DG B 7  ? 2.00863 3.43835 2.70103 -0.29105 0.62963  -0.18049 8  DG B O6    
303 N N1    . DG B 7  ? 1.85302 3.19700 2.54825 -0.35033 0.69639  -0.19591 8  DG B N1    
304 C C2    . DG B 7  ? 2.16019 3.46190 2.86554 -0.37672 0.75339  -0.18751 8  DG B C2    
305 N N2    . DG B 7  ? 1.82018 3.06921 2.50299 -0.41958 0.75386  -0.23502 8  DG B N2    
306 N N3    . DG B 7  ? 2.41353 3.72355 3.14505 -0.36297 0.80626  -0.13876 8  DG B N3    
307 C C4    . DG B 7  ? 2.35331 3.71481 3.10483 -0.31741 0.80049  -0.09702 8  DG B C4    
308 P P     . DT B 8  ? 2.66528 4.04167 3.43720 -0.40659 1.05382  -0.01749 9  DT B P     
309 O OP1   . DT B 8  ? 2.30338 3.62575 3.06940 -0.44539 1.11315  -0.01817 9  DT B OP1   
310 O OP2   . DT B 8  ? 1.97657 3.43304 2.75891 -0.37670 1.04479  0.00370  9  DT B OP2   
311 O "O5'" . DT B 8  ? 2.55864 3.90230 3.30093 -0.45160 1.00934  -0.10302 9  DT B "O5'" 
312 C "C5'" . DT B 8  ? 2.30585 3.56843 3.03766 -0.47367 1.00451  -0.13346 9  DT B "C5'" 
313 C "C4'" . DT B 8  ? 2.17546 3.42786 2.87276 -0.52112 0.96657  -0.21639 9  DT B "C4'" 
314 O "O4'" . DT B 8  ? 2.28496 3.57212 2.97655 -0.49316 0.90125  -0.22614 9  DT B "O4'" 
315 C "C3'" . DT B 8  ? 2.38723 3.69231 3.06189 -0.56190 0.96863  -0.26031 9  DT B "C3'" 
316 O "O3'" . DT B 8  ? 2.45013 3.71136 3.09202 -0.62278 0.97113  -0.33303 9  DT B "O3'" 
317 C "C2'" . DT B 8  ? 2.15974 3.54921 2.82510 -0.53658 0.90521  -0.27096 9  DT B "C2'" 
318 C "C1'" . DT B 8  ? 2.40126 3.75631 3.06458 -0.51499 0.86149  -0.27611 9  DT B "C1'" 
319 N N1    . DT B 8  ? 2.28133 3.69566 2.94849 -0.46894 0.80839  -0.25863 9  DT B N1    
320 C C2    . DT B 8  ? 2.23773 3.65517 2.87991 -0.46897 0.74742  -0.29727 9  DT B C2    
321 O O2    . DT B 8  ? 2.31179 3.68722 2.93048 -0.50277 0.73591  -0.34254 9  DT B O2    
322 N N3    . DT B 8  ? 2.18701 3.65800 2.82918 -0.42808 0.70037  -0.28301 9  DT B N3    
323 C C4    . DT B 8  ? 2.12032 3.63897 2.78503 -0.38846 0.70844  -0.23849 9  DT B C4    
324 O O4    . DT B 8  ? 1.88880 3.45204 2.54574 -0.35636 0.66073  -0.23678 9  DT B O4    
325 C C5    . DT B 8  ? 1.98054 3.49286 2.67375 -0.38837 0.77657  -0.19670 9  DT B C5    
326 C C7    . DT B 8  ? 1.76514 3.32330 2.48340 -0.34645 0.79513  -0.14750 9  DT B C7    
327 C C6    . DT B 8  ? 2.04248 3.50572 2.73470 -0.42801 0.82194  -0.20698 9  DT B C6    
328 P P     . DG B 9  ? 2.92769 4.16405 3.55843 -0.67681 1.03061  -0.35861 10 DG B P     
329 O OP1   . DG B 9  ? 2.16048 3.28811 2.78678 -0.70533 1.06896  -0.37939 10 DG B OP1   
330 O OP2   . DG B 9  ? 1.80223 3.08942 2.45730 -0.65188 1.06471  -0.30014 10 DG B OP2   
331 O "O5'" . DG B 9  ? 2.71416 4.00567 3.30280 -0.72528 0.99184  -0.43756 10 DG B "O5'" 
332 C "C5'" . DG B 9  ? 2.21510 3.45968 2.77028 -0.77068 0.97829  -0.50721 10 DG B "C5'" 
333 C "C4'" . DG B 9  ? 2.26100 3.57943 2.78083 -0.77985 0.90650  -0.55953 10 DG B "C4'" 
334 O "O4'" . DG B 9  ? 1.93159 3.29994 2.46760 -0.72230 0.85878  -0.51812 10 DG B "O4'" 
335 C "C3'" . DG B 9  ? 2.55072 3.95313 3.04265 -0.81720 0.89621  -0.60188 10 DG B "C3'" 
336 O "O3'" . DG B 9  ? 2.24315 3.66638 2.68831 -0.85784 0.85520  -0.67768 10 DG B "O3'" 
337 C "C2'" . DG B 9  ? 2.40879 3.90282 2.91394 -0.76976 0.85732  -0.56339 10 DG B "C2'" 
338 C "C1'" . DG B 9  ? 2.46476 3.93581 2.97976 -0.72354 0.81566  -0.54014 10 DG B "C1'" 
339 N N9    . DG B 9  ? 2.56004 4.07963 3.10268 -0.66423 0.79655  -0.48146 10 DG B N9    
340 C C8    . DG B 9  ? 2.64643 4.18183 3.22408 -0.63597 0.83830  -0.42108 10 DG B C8    
341 N N7    . DG B 9  ? 2.58425 4.16477 3.17812 -0.58356 0.80877  -0.38152 10 DG B N7    
342 C C5    . DG B 9  ? 2.28023 3.87571 2.84711 -0.57774 0.74189  -0.41828 10 DG B C5    
343 C C6    . DG B 9  ? 1.81368 3.45253 2.37786 -0.53241 0.68566  -0.40486 10 DG B C6    
344 O O6    . DG B 9  ? 1.73374 3.40675 2.32037 -0.48770 0.68380  -0.35910 10 DG B O6    
345 N N1    . DG B 9  ? 1.62898 3.26835 2.15685 -0.54289 0.62839  -0.45275 10 DG B N1    
346 C C2    . DG B 9  ? 1.93364 3.53770 2.43249 -0.58977 0.62626  -0.50661 10 DG B C2    
347 N N2    . DG B 9  ? 1.39733 3.00924 1.86104 -0.58942 0.56910  -0.54398 10 DG B N2    
348 N N3    . DG B 9  ? 2.07378 3.63673 2.57485 -0.63370 0.67807  -0.52347 10 DG B N3    
349 C C4    . DG B 9  ? 2.33111 3.89122 2.86635 -0.62585 0.73378  -0.47785 10 DG B C4    
350 P P     . DT C 1  ? 2.28008 2.55592 2.98143 -0.12404 0.03599  -0.18520 0  DT C P     
351 O OP1   . DT C 1  ? 2.38114 2.69833 3.12057 -0.07471 0.02069  -0.18736 0  DT C OP1   
352 O OP2   . DT C 1  ? 2.55404 2.69924 3.21434 -0.16099 0.00644  -0.17028 0  DT C OP2   
353 O "O5'" . DT C 1  ? 2.58476 2.87755 3.23346 -0.13998 0.07643  -0.16280 0  DT C "O5'" 
354 C "C5'" . DT C 1  ? 2.43386 2.69098 3.04034 -0.19191 0.10304  -0.16048 0  DT C "C5'" 
355 C "C4'" . DT C 1  ? 2.53549 2.67649 3.04658 -0.22323 0.10189  -0.12254 0  DT C "C4'" 
356 O "O4'" . DT C 1  ? 2.79577 2.81519 3.27255 -0.23921 0.05319  -0.10549 0  DT C "O4'" 
357 C "C3'" . DT C 1  ? 2.89883 3.04511 3.38593 -0.19156 0.10359  -0.09981 0  DT C "C3'" 
358 O "O3'" . DT C 1  ? 3.22903 3.36978 3.66126 -0.21855 0.14813  -0.08963 0  DT C "O3'" 
359 C "C2'" . DT C 1  ? 2.90404 2.93459 3.34789 -0.19176 0.05094  -0.07285 0  DT C "C2'" 
360 C "C1'" . DT C 1  ? 2.89152 2.82826 3.29930 -0.23898 0.03263  -0.06975 0  DT C "C1'" 
361 N N1    . DT C 1  ? 2.72312 2.56828 3.13403 -0.22780 -0.03148 -0.05600 0  DT C N1    
362 C C2    . DT C 1  ? 2.49098 2.19482 2.80915 -0.26524 -0.06479 -0.01992 0  DT C C2    
363 O O2    . DT C 1  ? 2.72159 2.36760 2.94403 -0.31320 -0.03916 0.00020  0  DT C O2    
364 N N3    . DT C 1  ? 2.33295 1.96419 2.67514 -0.24519 -0.13038 -0.00959 0  DT C N3    
365 C C4    . DT C 1  ? 2.35965 2.04851 2.81215 -0.19415 -0.15770 -0.03651 0  DT C C4    
366 O O4    . DT C 1  ? 2.65703 2.27679 3.13755 -0.17749 -0.21615 -0.02924 0  DT C O4    
367 C C5    . DT C 1  ? 2.34635 2.18172 2.87934 -0.16255 -0.11336 -0.07508 0  DT C C5    
368 C C7    . DT C 1  ? 2.35566 2.26202 2.99816 -0.11323 -0.13099 -0.10948 0  DT C C7    
369 C C6    . DT C 1  ? 2.50231 2.40577 3.00839 -0.17968 -0.05705 -0.08006 0  DT C C6    
370 P P     . DC C 2  ? 3.22067 3.34821 3.61250 -0.19818 0.15741  -0.06708 1  DC C P     
371 O OP1   . DC C 2  ? 2.91776 3.10051 3.30642 -0.21038 0.21614  -0.07766 1  DC C OP1   
372 O OP2   . DC C 2  ? 2.06415 2.23876 2.51320 -0.14230 0.12817  -0.06688 1  DC C OP2   
373 O "O5'" . DC C 2  ? 2.89191 2.86987 3.17596 -0.23857 0.12808  -0.03470 1  DC C "O5'" 
374 C "C5'" . DC C 2  ? 3.00895 2.90595 3.21363 -0.30188 0.14520  -0.02791 1  DC C "C5'" 
375 C "C4'" . DC C 2  ? 2.67606 2.42610 2.77171 -0.33325 0.10281  0.00870  1  DC C "C4'" 
376 O "O4'" . DC C 2  ? 2.63566 2.33674 2.76196 -0.31519 0.03647  0.01774  1  DC C "O4'" 
377 C "C3'" . DC C 2  ? 2.61455 2.34263 2.66741 -0.31545 0.09578  0.02662  1  DC C "C3'" 
378 O "O3'" . DC C 2  ? 2.91852 2.55723 2.84715 -0.37131 0.12008  0.04314  1  DC C "O3'" 
379 C "C2'" . DC C 2  ? 2.70432 2.37686 2.77211 -0.28644 0.01986  0.04589  1  DC C "C2'" 
380 C "C1'" . DC C 2  ? 2.58764 2.21168 2.67076 -0.30283 -0.01478 0.04594  1  DC C "C1'" 
381 N N1    . DC C 2  ? 2.64124 2.29056 2.82193 -0.25212 -0.06869 0.03770  1  DC C N1    
382 C C2    . DC C 2  ? 2.60639 2.15122 2.76455 -0.25075 -0.14068 0.06234  1  DC C C2    
383 O O2    . DC C 2  ? 2.65700 2.08340 2.70193 -0.29344 -0.16369 0.09552  1  DC C O2    
384 N N3    . DC C 2  ? 2.41035 1.98703 2.67232 -0.20351 -0.18360 0.04749  1  DC C N3    
385 C C4    . DC C 2  ? 1.91584 1.61706 2.28370 -0.16374 -0.15451 0.01116  1  DC C C4    
386 N N4    . DC C 2  ? 1.84940 1.57846 2.31503 -0.12207 -0.19157 -0.00754 1  DC C N4    
387 C C5    . DC C 2  ? 1.88255 1.68529 2.26126 -0.16568 -0.08701 -0.00896 1  DC C C5    
388 C C6    . DC C 2  ? 2.32931 2.10442 2.62118 -0.20760 -0.04789 0.00469  1  DC C C6    
389 P P     . DT C 3  ? 3.51880 3.12681 3.38482 -0.36655 0.12372  0.05650  2  DT C P     
390 O OP1   . DT C 3  ? 3.35891 2.92301 3.12274 -0.42520 0.18224  0.05330  2  DT C OP1   
391 O OP2   . DT C 3  ? 2.61421 2.33386 2.58671 -0.30124 0.13101  0.04069  2  DT C OP2   
392 O "O5'" . DT C 3  ? 3.41531 2.90070 3.21427 -0.37370 0.04082  0.09225  2  DT C "O5'" 
393 C "C5'" . DT C 3  ? 3.01119 2.36952 2.70942 -0.42770 0.00724  0.11814  2  DT C "C5'" 
394 C "C4'" . DT C 3  ? 2.91896 2.17354 2.56805 -0.42239 -0.07904 0.15218  2  DT C "C4'" 
395 O "O4'" . DT C 3  ? 2.79978 2.09091 2.57012 -0.36915 -0.13491 0.14746  2  DT C "O4'" 
396 C "C3'" . DT C 3  ? 2.99175 2.25121 2.61700 -0.40506 -0.08606 0.15613  2  DT C "C3'" 
397 O "O3'" . DT C 3  ? 3.02832 2.15005 2.52008 -0.44589 -0.14079 0.19138  2  DT C "O3'" 
398 C "C2'" . DT C 3  ? 2.84275 2.18749 2.61195 -0.33365 -0.12374 0.14384  2  DT C "C2'" 
399 C "C1'" . DT C 3  ? 2.87601 2.18029 2.68660 -0.32796 -0.17917 0.15241  2  DT C "C1'" 
400 N N1    . DT C 3  ? 2.87406 2.28269 2.84179 -0.26432 -0.19285 0.12685  2  DT C N1    
401 C C2    . DT C 3  ? 2.43736 1.81383 2.46324 -0.23418 -0.26811 0.13454  2  DT C C2    
402 O O2    . DT C 3  ? 2.36433 1.62859 2.32266 -0.25411 -0.33266 0.16479  2  DT C O2    
403 N N3    . DT C 3  ? 2.51637 1.99717 2.68393 -0.18033 -0.26642 0.10407  2  DT C N3    
404 C C4    . DT C 3  ? 2.53212 2.13777 2.77469 -0.15527 -0.20387 0.07211  2  DT C C4    
405 O O4    . DT C 3  ? 2.19766 1.88556 2.55311 -0.11168 -0.20681 0.04618  2  DT C O4    
406 C C5    . DT C 3  ? 2.87165 2.50435 3.05086 -0.18500 -0.13543 0.06971  2  DT C C5    
407 C C7    . DT C 3  ? 2.81549 2.57967 3.07009 -0.15879 -0.07395 0.03899  2  DT C C7    
408 C C6    . DT C 3  ? 3.04269 2.57974 3.09510 -0.23696 -0.13024 0.09437  2  DT C C6    
409 P P     . DG C 4  ? 3.60824 2.70264 3.01696 -0.45949 -0.13321 0.19500  3  DG C P     
410 O OP1   . DG C 4  ? 3.87962 2.95637 3.18280 -0.51566 -0.05167 0.18356  3  DG C OP1   
411 O OP2   . DG C 4  ? 2.82761 2.02795 2.36453 -0.39427 -0.13571 0.17489  3  DG C OP2   
412 O "O5'" . DG C 4  ? 3.58565 2.53280 2.88219 -0.48888 -0.22943 0.23752  3  DG C "O5'" 
413 C "C5'" . DG C 4  ? 3.60189 2.49523 2.93714 -0.47317 -0.31120 0.26089  3  DG C "C5'" 
414 C "C4'" . DG C 4  ? 3.41983 2.31095 2.82363 -0.42772 -0.39735 0.27000  3  DG C "C4'" 
415 O "O4'" . DG C 4  ? 3.08399 2.08401 2.67252 -0.36049 -0.40579 0.24491  3  DG C "O4'" 
416 C "C3'" . DG C 4  ? 3.03330 1.95944 2.42361 -0.41989 -0.38364 0.25821  3  DG C "C3'" 
417 O "O3'" . DG C 4  ? 2.75921 1.60654 2.11642 -0.41939 -0.47982 0.28353  3  DG C "O3'" 
418 C "C2'" . DG C 4  ? 2.72089 1.80039 2.28870 -0.35338 -0.34430 0.22109  3  DG C "C2'" 
419 C "C1'" . DG C 4  ? 2.39831 1.48691 2.07538 -0.31700 -0.40120 0.22391  3  DG C "C1'" 
420 N N9    . DG C 4  ? 2.30103 1.52593 2.13295 -0.26409 -0.35686 0.18884  3  DG C N9    
421 C C8    . DG C 4  ? 2.44037 1.75708 2.30034 -0.25957 -0.26970 0.16385  3  DG C C8    
422 N N7    . DG C 4  ? 2.17784 1.60438 2.17526 -0.20917 -0.25319 0.13723  3  DG C N7    
423 C C5    . DG C 4  ? 2.24757 1.65738 2.31847 -0.17907 -0.32751 0.14071  3  DG C C5    
424 C C6    . DG C 4  ? 2.10533 1.60206 2.32545 -0.12603 -0.34114 0.11489  3  DG C C6    
425 O O6    . DG C 4  ? 2.18527 1.78893 2.49104 -0.09632 -0.29139 0.08663  3  DG C O6    
426 N N1    . DG C 4  ? 1.61502 1.06345 1.88187 -0.10963 -0.42322 0.12297  3  DG C N1    
427 C C2    . DG C 4  ? 1.75297 1.08103 1.92822 -0.13937 -0.49178 0.15664  3  DG C C2    
428 N N2    . DG C 4  ? 1.95033 1.25202 2.20199 -0.11359 -0.57306 0.15894  3  DG C N2    
429 N N3    . DG C 4  ? 1.85727 1.09684 1.87635 -0.19208 -0.48217 0.18461  3  DG C N3    
430 C C4    . DG C 4  ? 2.22990 1.51831 2.20725 -0.20982 -0.39471 0.17261  3  DG C C4    
431 P P     . DA C 5  ? 3.51335 2.34596 2.80119 -0.43511 -0.48390 0.28040  4  DA C P     
432 O OP1   . DA C 5  ? 3.69416 2.42264 2.78161 -0.51057 -0.45292 0.29648  4  DA C OP1   
433 O OP2   . DA C 5  ? 3.39780 2.36825 2.81661 -0.38703 -0.42385 0.24166  4  DA C OP2   
434 O "O5'" . DA C 5  ? 3.07777 1.84942 2.38975 -0.41731 -0.60749 0.30451  4  DA C "O5'" 
435 C "C5'" . DA C 5  ? 3.10954 1.84903 2.49473 -0.39090 -0.68463 0.32307  4  DA C "C5'" 
436 C "C4'" . DA C 5  ? 3.07824 1.89877 2.64523 -0.32549 -0.74099 0.30416  4  DA C "C4'" 
437 O "O4'" . DA C 5  ? 2.90829 1.86092 2.63884 -0.27429 -0.67989 0.26757  4  DA C "O4'" 
438 C "C3'" . DA C 5  ? 2.85873 1.71935 2.43945 -0.31953 -0.74639 0.28847  4  DA C "C3'" 
439 O "O3'" . DA C 5  ? 3.34091 2.18879 3.00995 -0.28957 -0.85179 0.29471  4  DA C "O3'" 
440 C "C2'" . DA C 5  ? 2.51777 1.52704 2.22669 -0.27938 -0.65102 0.24551  4  DA C "C2'" 
441 C "C1'" . DA C 5  ? 2.58409 1.64635 2.41984 -0.23870 -0.64971 0.23559  4  DA C "C1'" 
442 N N9    . DA C 5  ? 2.42262 1.59742 2.32623 -0.21715 -0.55000 0.20510  4  DA C N9    
443 C C8    . DA C 5  ? 2.34973 1.53478 2.16679 -0.24673 -0.46457 0.20100  4  DA C C8    
444 N N7    . DA C 5  ? 1.84495 1.14263 1.75747 -0.21434 -0.39433 0.17298  4  DA C N7    
445 C C5    . DA C 5  ? 1.95186 1.31493 2.01360 -0.16394 -0.43110 0.15691  4  DA C C5    
446 C C6    . DA C 5  ? 1.58795 1.07110 1.78820 -0.11709 -0.39095 0.12619  4  DA C C6    
447 N N6    . DA C 5  ? 1.86711 1.42652 2.07760 -0.11042 -0.31012 0.11009  4  DA C N6    
448 N N1    . DA C 5  ? 1.54142 1.06361 1.86953 -0.07835 -0.43813 0.11124  4  DA C N1    
449 C C2    . DA C 5  ? 1.62571 1.07504 1.95594 -0.08160 -0.52520 0.12651  4  DA C C2    
450 N N3    . DA C 5  ? 1.76291 1.09544 1.96887 -0.12122 -0.57886 0.15965  4  DA C N3    
451 C C4    . DA C 5  ? 2.21357 1.50596 2.28058 -0.16379 -0.52475 0.17375  4  DA C C4    
452 P P     . DC C 6  ? 3.21536 2.14358 2.98395 -0.26294 -0.86544 0.26669  5  DC C P     
453 O OP1   . DC C 6  ? 2.89602 1.75454 2.67723 -0.25990 -0.99230 0.28788  5  DC C OP1   
454 O OP2   . DC C 6  ? 2.73983 1.68125 2.40815 -0.29714 -0.78713 0.25422  5  DC C OP2   
455 O "O5'" . DC C 6  ? 2.85843 1.93418 2.84329 -0.19761 -0.82063 0.22596  5  DC C "O5'" 
456 C "C5'" . DC C 6  ? 2.76370 1.85312 2.86990 -0.15871 -0.86597 0.22357  5  DC C "C5'" 
457 C "C4'" . DC C 6  ? 2.45741 1.68157 2.77286 -0.10122 -0.85034 0.17987  5  DC C "C4'" 
458 O "O4'" . DC C 6  ? 2.52273 1.84683 2.88158 -0.08539 -0.74237 0.15295  5  DC C "O4'" 
459 C "C3'" . DC C 6  ? 2.35980 1.63283 2.73186 -0.09507 -0.86606 0.16141  5  DC C "C3'" 
460 O "O3'" . DC C 6  ? 2.46217 1.81774 3.03224 -0.04589 -0.90149 0.12993  5  DC C "O3'" 
461 C "C2'" . DC C 6  ? 2.09509 1.44209 2.43728 -0.10308 -0.75202 0.14221  5  DC C "C2'" 
462 C "C1'" . DC C 6  ? 2.35582 1.76451 2.75658 -0.07756 -0.68786 0.12851  5  DC C "C1'" 
463 N N1    . DC C 6  ? 2.33870 1.77380 2.65397 -0.09556 -0.58675 0.12720  5  DC C N1    
464 C C2    . DC C 6  ? 2.04755 1.59411 2.45681 -0.06347 -0.50985 0.09942  5  DC C C2    
465 O O2    . DC C 6  ? 1.46324 1.08381 2.01664 -0.02491 -0.52043 0.07432  5  DC C O2    
466 N N3    . DC C 6  ? 1.53006 1.10006 1.86970 -0.07648 -0.42676 0.09949  5  DC C N3    
467 C C4    . DC C 6  ? 1.99183 1.48365 2.18341 -0.11996 -0.41203 0.12065  5  DC C C4    
468 N N4    . DC C 6  ? 2.05255 1.57723 2.19741 -0.12832 -0.32945 0.11528  5  DC C N4    
469 C C5    . DC C 6  ? 1.89013 1.26624 1.97445 -0.15790 -0.48228 0.14694  5  DC C C5    
470 C C6    . DC C 6  ? 1.89395 1.24335 2.04074 -0.14379 -0.57154 0.15197  5  DC C C6    
471 P P     . DT C 7  ? 3.09400 2.49832 3.76190 -0.03610 -0.94393 0.10792  6  DT C P     
472 O OP1   . DT C 7  ? 2.41693 1.87671 3.28211 0.01122  -1.00276 0.08099  6  DT C OP1   
473 O OP2   . DT C 7  ? 2.60285 1.90240 3.11642 -0.08237 -1.00140 0.14023  6  DT C OP2   
474 O "O5'" . DT C 7  ? 2.96015 2.47382 3.66413 -0.03185 -0.83007 0.07627  6  DT C "O5'" 
475 C "C5'" . DT C 7  ? 2.85834 2.48603 3.73946 0.00126  -0.81131 0.03438  6  DT C "C5'" 
476 C "C4'" . DT C 7  ? 2.61989 2.34279 3.58079 0.03043  -0.72142 0.00845  6  DT C "C4'" 
477 O "O4'" . DT C 7  ? 2.09353 1.78244 2.91402 0.01074  -0.65624 0.03119  6  DT C "O4'" 
478 C "C3'" . DT C 7  ? 2.29644 2.12829 3.35063 0.04173  -0.64862 -0.02594 6  DT C "C3'" 
479 O "O3'" . DT C 7  ? 2.12564 2.04899 3.30569 0.07650  -0.60395 -0.05800 6  DT C "O3'" 
480 C "C2'" . DT C 7  ? 1.95306 1.76326 2.86084 0.01409  -0.57149 -0.00613 6  DT C "C2'" 
481 C "C1'" . DT C 7  ? 2.27282 2.03839 3.09786 0.01294  -0.56071 0.01509  6  DT C "C1'" 
482 N N1    . DT C 7  ? 2.20920 1.91961 2.86942 -0.01983 -0.51166 0.04121  6  DT C N1    
483 C C2    . DT C 7  ? 1.94764 1.71474 2.59330 -0.01172 -0.42147 0.03499  6  DT C C2    
484 O O2    . DT C 7  ? 1.76027 1.61642 2.50742 0.01813  -0.38021 0.01198  6  DT C O2    
485 N N3    . DT C 7  ? 1.78621 1.50211 2.29324 -0.04111 -0.38135 0.05515  6  DT C N3    
486 C C4    . DT C 7  ? 1.87157 1.48526 2.24539 -0.08155 -0.41501 0.07854  6  DT C C4    
487 O O4    . DT C 7  ? 1.83468 1.41291 2.09463 -0.10775 -0.36676 0.08928  6  DT C O4    
488 C C5    . DT C 7  ? 1.80116 1.35305 2.17989 -0.09176 -0.51162 0.08761  6  DT C C5    
489 C C7    . DT C 7  ? 2.02771 1.46137 2.25043 -0.13964 -0.55783 0.11463  6  DT C C7    
490 C C6    . DT C 7  ? 2.03469 1.63858 2.56051 -0.05841 -0.55806 0.06945  6  DT C C6    
491 P P     . DC C 8  ? 2.06520 2.10756 3.38781 0.09333  -0.54721 -0.10148 7  DC C P     
492 O OP1   . DC C 8  ? 2.00449 2.09162 3.50138 0.12193  -0.60325 -0.13672 7  DC C OP1   
493 O OP2   . DC C 8  ? 1.60172 1.63782 2.86879 0.06594  -0.52336 -0.09416 7  DC C OP2   
494 O "O5'" . DC C 8  ? 1.96929 2.07372 3.27801 0.10614  -0.45040 -0.11030 7  DC C "O5'" 
495 C "C5'" . DC C 8  ? 1.93641 2.00071 3.09616 0.08938  -0.40261 -0.07880 7  DC C "C5'" 
496 C "C4'" . DC C 8  ? 1.86671 1.99723 3.01552 0.08909  -0.31022 -0.08580 7  DC C "C4'" 
497 O "O4'" . DC C 8  ? 1.57499 1.65244 2.57729 0.06792  -0.27620 -0.05306 7  DC C "O4'" 
498 C "C3'" . DC C 8  ? 1.86730 2.03905 3.08396 0.08226  -0.29546 -0.10369 7  DC C "C3'" 
499 O "O3'" . DC C 8  ? 1.85616 2.09710 3.08717 0.08850  -0.21108 -0.11385 7  DC C "O3'" 
500 C "C2'" . DC C 8  ? 1.88073 1.97139 2.97627 0.05180  -0.31168 -0.07401 7  DC C "C2'" 
501 C "C1'" . DC C 8  ? 1.67272 1.73609 2.64591 0.04857  -0.26204 -0.04824 7  DC C "C1'" 
502 N N1    . DC C 8  ? 1.79354 1.76193 2.62972 0.01941  -0.28452 -0.01911 7  DC C N1    
503 C C2    . DC C 8  ? 1.78582 1.73387 2.51489 0.00985  -0.22572 -0.00080 7  DC C C2    
504 O O2    . DC C 8  ? 1.66755 1.67640 2.41787 0.02860  -0.16267 -0.00521 7  DC C O2    
505 N N3    . DC C 8  ? 1.79115 1.65332 2.39623 -0.02080 -0.24047 0.01968  7  DC C N3    
506 C C4    . DC C 8  ? 2.18840 1.98182 2.76149 -0.04317 -0.31386 0.02631  7  DC C C4    
507 N N4    . DC C 8  ? 2.33389 2.04017 2.77068 -0.07852 -0.32258 0.04506  7  DC C N4    
508 C C5    . DC C 8  ? 2.37257 2.18416 3.05345 -0.03107 -0.38262 0.01224  7  DC C C5    
509 C C6    . DC C 8  ? 2.09444 1.99645 2.91097 0.00106  -0.36310 -0.01226 7  DC C C6    
510 P P     . DG C 9  ? 2.11775 2.45931 3.49606 0.10448  -0.17787 -0.15703 8  DG C P     
511 O OP1   . DG C 9  ? 1.02807 1.39957 2.46686 0.12844  -0.19219 -0.17765 8  DG C OP1   
512 O OP2   . DG C 9  ? 1.40809 1.76198 2.87710 0.09320  -0.21014 -0.17736 8  DG C OP2   
513 O "O5'" . DG C 9  ? 1.77809 2.15809 3.10070 0.10022  -0.08510 -0.14756 8  DG C "O5'" 
514 C "C5'" . DG C 9  ? 1.29187 1.64997 2.50188 0.10458  -0.05143 -0.11880 8  DG C "C5'" 
515 C "C4'" . DG C 9  ? 1.74639 2.08275 2.86890 0.09117  0.00012  -0.09188 8  DG C "C4'" 
516 O "O4'" . DG C 9  ? 2.13769 2.39030 3.16736 0.07469  -0.03095 -0.06573 8  DG C "O4'" 
517 C "C3'" . DG C 9  ? 1.36955 1.73329 2.54503 0.07771  0.03189  -0.10410 8  DG C "C3'" 
518 O "O3'" . DG C 9  ? 2.22151 2.58360 3.32482 0.07566  0.09616  -0.08069 8  DG C "O3'" 
519 C "C2'" . DG C 9  ? 1.43552 1.73485 2.59518 0.05716  -0.02009 -0.09832 8  DG C "C2'" 
520 C "C1'" . DG C 9  ? 1.50873 1.73913 2.53875 0.05475  -0.02492 -0.06498 8  DG C "C1'" 
521 N N9    . DG C 9  ? 1.46520 1.61901 2.44412 0.03503  -0.08485 -0.05549 8  DG C N9    
522 C C8    . DG C 9  ? 1.92188 2.06027 2.96021 0.02690  -0.15625 -0.07043 8  DG C C8    
523 N N7    . DG C 9  ? 1.97725 2.03477 2.92981 0.00550  -0.20248 -0.05360 8  DG C N7    
524 C C5    . DG C 9  ? 1.78776 1.80851 2.62335 -0.00130 -0.15197 -0.03034 8  DG C C5    
525 C C6    . DG C 9  ? 1.78898 1.72500 2.49678 -0.02633 -0.16175 -0.01041 8  DG C C6    
526 O O6    . DG C 9  ? 1.86699 1.73576 2.52239 -0.05099 -0.22039 -0.00545 8  DG C O6    
527 N N1    . DG C 9  ? 1.61435 1.54773 2.25126 -0.02197 -0.09398 0.00323  8  DG C N1    
528 C C2    . DG C 9  ? 1.59176 1.59154 2.26985 0.00418  -0.03397 0.00290  8  DG C C2    
529 N N2    . DG C 9  ? 1.44804 1.43599 2.05594 0.00818  0.01869  0.01756  8  DG C N2    
530 N N3    . DG C 9  ? 1.36277 1.43573 2.14337 0.02404  -0.02617 -0.01228 8  DG C N3    
531 C C4    . DG C 9  ? 1.43107 1.51181 2.28865 0.01937  -0.08353 -0.03069 8  DG C C4    
532 P P     . DT C 10 ? 2.43726 2.84298 3.58190 0.06549  0.15671  -0.08926 9  DT C P     
533 O OP1   . DT C 10 ? 0.99765 1.47553 2.18093 0.07947  0.19103  -0.10627 9  DT C OP1   
534 O OP2   . DT C 10 ? 2.21279 2.61343 3.43154 0.04383  0.13360  -0.11038 9  DT C OP2   
535 O "O5'" . DT C 10 ? 1.31160 1.66830 2.34646 0.06259  0.20067  -0.04972 9  DT C "O5'" 
536 C "C5'" . DT C 10 ? 1.22036 1.57023 2.17601 0.08231  0.21668  -0.02459 9  DT C "C5'" 
537 C "C4'" . DT C 10 ? 1.51066 1.79327 2.37737 0.07911  0.23212  0.00655  9  DT C "C4'" 
538 O "O4'" . DT C 10 ? 1.78156 2.00612 2.62463 0.06526  0.18612  0.00358  9  DT C "O4'" 
539 C "C3'" . DT C 10 ? 1.69479 1.95354 2.55279 0.06519  0.27457  0.01825  9  DT C "C3'" 
540 O "O3'" . DT C 10 ? 1.61687 1.83711 2.39638 0.07762  0.30516  0.04993  9  DT C "O3'" 
541 C "C2'" . DT C 10 ? 1.51303 1.72639 2.39211 0.03937  0.24080  0.00308  9  DT C "C2'" 
542 C "C1'" . DT C 10 ? 1.20694 1.38325 2.03765 0.04344  0.19465  0.00585  9  DT C "C1'" 
543 N N1    . DT C 10 ? 1.60442 1.75497 2.46541 0.02303  0.13513  -0.01409 9  DT C N1    
544 C C2    . DT C 10 ? 1.90912 1.98961 2.69560 0.00902  0.10429  -0.00643 9  DT C C2    
545 O O2    . DT C 10 ? 2.08975 2.13189 2.79480 0.01229  0.12951  0.01158  9  DT C O2    
546 N N3    . DT C 10 ? 1.44164 1.49888 2.25362 -0.01020 0.04184  -0.02240 9  DT C N3    
547 C C4    . DT C 10 ? 1.57470 1.67687 2.49358 -0.01237 0.00613  -0.04695 9  DT C C4    
548 O O4    . DT C 10 ? 1.28969 1.36666 2.22952 -0.02743 -0.05773 -0.05857 9  DT C O4    
549 C C5    . DT C 10 ? 1.83798 2.01914 2.84266 0.00319  0.04844  -0.05940 9  DT C C5    
550 C C7    . DT C 10 ? 1.62477 1.86671 2.76155 0.00138  0.02227  -0.09347 9  DT C C7    
551 C C6    . DT C 10 ? 1.50863 1.70697 2.47226 0.01792  0.11060  -0.04136 9  DT C C6    
552 P P     . DG C 11 ? 2.13823 2.38363 2.89265 0.09366  0.35600  0.07515  10 DG C P     
553 O OP1   . DG C 11 ? 1.90736 2.13830 2.59978 0.11943  0.35977  0.09957  10 DG C OP1   
554 O OP2   . DG C 11 ? 1.16551 1.48243 1.97391 0.09173  0.36377  0.05610  10 DG C OP2   
555 O "O5'" . DG C 11 ? 2.20906 2.40138 2.95257 0.07497  0.39078  0.08886  10 DG C "O5'" 
556 C "C5'" . DG C 11 ? 2.11281 2.31450 2.91775 0.04556  0.39602  0.06643  10 DG C "C5'" 
557 C "C4'" . DG C 11 ? 2.55228 2.75680 3.35099 0.03584  0.44953  0.08376  10 DG C "C4'" 
558 O "O4'" . DG C 11 ? 2.47823 2.73719 3.35676 0.01132  0.45807  0.05170  10 DG C "O4'" 
559 C "C3'" . DG C 11 ? 2.01934 2.24819 2.76479 0.06123  0.47383  0.11326  10 DG C "C3'" 
560 O "O3'" . DG C 11 ? 2.02780 2.19293 2.70546 0.07674  0.49102  0.15203  10 DG C "O3'" 
561 C "C2'" . DG C 11 ? 1.95668 2.22352 2.72676 0.03923  0.51422  0.10766  10 DG C "C2'" 
562 C "C1'" . DG C 11 ? 2.03606 2.34287 2.90420 0.01495  0.49499  0.05915  10 DG C "C1'" 
563 N N9    . DG C 11 ? 1.32519 1.70636 2.24366 0.02652  0.47006  0.02750  10 DG C N9    
564 C C8    . DG C 11 ? 1.32611 1.72089 2.28581 0.03803  0.41563  0.00338  10 DG C C8    
565 N N7    . DG C 11 ? 1.83264 2.29258 2.83791 0.04737  0.40502  -0.02349 10 DG C N7    
566 C C5    . DG C 11 ? 1.64752 2.14368 2.63758 0.03943  0.45800  -0.01999 10 DG C C5    
567 C C6    . DG C 11 ? 1.64944 2.21737 2.66779 0.04107  0.47664  -0.04634 10 DG C C6    
568 O O6    . DG C 11 ? 1.44196 2.05690 2.51594 0.05324  0.44854  -0.08006 10 DG C O6    
569 N N1    . DG C 11 ? 1.88004 2.45713 2.85054 0.02442  0.53524  -0.03085 10 DG C N1    
570 C C2    . DG C 11 ? 2.04850 2.56719 2.95525 0.01005  0.56859  0.00901  10 DG C C2    
571 N N2    . DG C 11 ? 2.25532 2.78322 3.11006 -0.00796 0.62202  0.02380  10 DG C N2    
572 N N3    . DG C 11 ? 1.67218 2.12234 2.56138 0.01158  0.55129  0.03267  10 DG C N3    
573 C C4    . DG C 11 ? 1.47043 1.91613 2.40246 0.02581  0.49703  0.01440  10 DG C C4    
574 P P     . DC C 12 ? 2.43451 2.61135 3.05451 0.11591  0.48698  0.18234  11 DC C P     
575 O OP1   . DC C 12 ? 2.07590 2.17904 2.65148 0.13134  0.49846  0.21297  11 DC C OP1   
576 O OP2   . DC C 12 ? 2.32470 2.55345 2.96672 0.12869  0.44904  0.15756  11 DC C OP2   
577 O "O5'" . DC C 12 ? 1.62661 1.84147 2.22285 0.11445  0.51728  0.20070  11 DC C "O5'" 
578 C "C5'" . DC C 12 ? 1.60417 1.77698 2.17721 0.09341  0.55815  0.22376  11 DC C "C5'" 
579 C "C4'" . DC C 12 ? 2.12886 2.34933 2.67646 0.08366  0.58440  0.23111  11 DC C "C4'" 
580 O "O4'" . DC C 12 ? 2.29446 2.58378 2.91266 0.05962  0.58520  0.18184  11 DC C "O4'" 
581 C "C3'" . DC C 12 ? 2.34060 2.59811 2.83695 0.11680  0.56687  0.25114  11 DC C "C3'" 
582 O "O3'" . DC C 12 ? 2.83739 3.04093 3.25711 0.13122  0.58100  0.30502  11 DC C "O3'" 
583 C "C2'" . DC C 12 ? 1.79890 2.13313 2.30855 0.09776  0.58115  0.22260  11 DC C "C2'" 
584 C "C1'" . DC C 12 ? 1.84812 2.20561 2.45035 0.06857  0.58470  0.17296  11 DC C "C1'" 
585 N N1    . DC C 12 ? 1.84162 2.25447 2.51075 0.08043  0.54429  0.12952  11 DC C N1    
586 C C2    . DC C 12 ? 1.95976 2.44893 2.66474 0.07408  0.54776  0.09264  11 DC C C2    
587 O O2    . DC C 12 ? 2.03545 2.54972 2.70877 0.05706  0.58703  0.09490  11 DC C O2    
588 N N3    . DC C 12 ? 1.77600 2.30438 2.54533 0.08523  0.50871  0.05490  11 DC C N3    
589 C C4    . DC C 12 ? 1.69681 2.18949 2.48383 0.09816  0.46819  0.05616  11 DC C C4    
590 N N4    . DC C 12 ? 1.46099 1.98370 2.30244 0.10652  0.42846  0.02343  11 DC C N4    
591 C C5    . DC C 12 ? 1.70732 2.12649 2.45302 0.10110  0.46800  0.09017  11 DC C C5    
592 C C6    . DC C 12 ? 1.43088 1.81350 2.12459 0.09376  0.50633  0.12418  11 DC C C6    
593 P P     . DT C 13 ? 3.00896 3.22165 3.38128 0.17727  0.54974  0.33654  12 DT C P     
594 O OP1   . DT C 13 ? 3.00039 3.12945 3.32403 0.19424  0.55808  0.38850  12 DT C OP1   
595 O OP2   . DT C 13 ? 2.60467 2.85813 3.02796 0.19656  0.51393  0.30311  12 DT C OP2   
596 O "O5'" . DT C 13 ? 2.24097 2.51554 2.56461 0.17152  0.55509  0.34062  12 DT C "O5'" 
597 C "C5'" . DT C 13 ? 2.34566 2.61004 2.62838 0.13521  0.59652  0.35037  12 DT C "C5'" 
598 C "C4'" . DT C 13 ? 2.58559 2.93283 2.85534 0.12066  0.60237  0.32147  12 DT C "C4'" 
599 O "O4'" . DT C 13 ? 2.63146 3.04027 2.99628 0.11167  0.59370  0.25929  12 DT C "O4'" 
600 C "C3'" . DT C 13 ? 2.38029 2.76552 2.59625 0.15323  0.56744  0.33942  12 DT C "C3'" 
601 O "O3'" . DT C 13 ? 3.16143 3.57790 3.30483 0.13014  0.58939  0.34323  12 DT C "O3'" 
602 C "C2'" . DT C 13 ? 2.14462 2.59520 2.44051 0.16884  0.53520  0.28911  12 DT C "C2'" 
603 C "C1'" . DT C 13 ? 2.35294 2.82766 2.72144 0.13325  0.56216  0.23865  12 DT C "C1'" 
604 N N1    . DT C 13 ? 2.20700 2.70615 2.66662 0.14336  0.53143  0.19651  12 DT C N1    
605 C C2    . DT C 13 ? 1.97956 2.54608 2.49715 0.13348  0.52566  0.14410  12 DT C C2    
606 O O2    . DT C 13 ? 2.22077 2.83433 2.72432 0.11620  0.54897  0.12408  12 DT C O2    
607 N N3    . DT C 13 ? 1.73755 2.30919 2.32759 0.14322  0.49195  0.11514  12 DT C N3    
608 C C4    . DT C 13 ? 2.08602 2.60558 2.68697 0.15730  0.46793  0.13095  12 DT C C4    
609 O O4    . DT C 13 ? 2.00057 2.52228 2.65346 0.16058  0.43782  0.10532  12 DT C O4    
610 C C5    . DT C 13 ? 2.24107 2.69774 2.78404 0.16646  0.48112  0.17955  12 DT C C5    
611 C C7    . DT C 13 ? 2.05701 2.45435 2.60719 0.17989  0.46371  0.19326  12 DT C C7    
612 C C6    . DT C 13 ? 2.19208 2.64051 2.67192 0.16131  0.50956  0.21075  12 DT C C6    
613 P P     . DA D 1  ? 5.55485 3.50133 6.22549 -1.59869 -0.42196 -0.83457 11 DA D P     
614 O OP1   . DA D 1  ? 5.09704 2.84261 5.63996 -1.57353 -0.46844 -0.86692 11 DA D OP1   
615 O OP2   . DA D 1  ? 5.03098 3.01828 5.79783 -1.61443 -0.34560 -0.80053 11 DA D OP2   
616 O "O5'" . DA D 1  ? 4.26996 2.31609 4.91615 -1.50117 -0.38452 -0.79347 11 DA D "O5'" 
617 C "C5'" . DA D 1  ? 4.09257 2.35963 4.85722 -1.50742 -0.37259 -0.78925 11 DA D "C5'" 
618 C "C4'" . DA D 1  ? 4.02439 2.33628 4.72931 -1.47179 -0.41207 -0.81082 11 DA D "C4'" 
619 O "O4'" . DA D 1  ? 4.04633 2.18861 4.58430 -1.39366 -0.40767 -0.79436 11 DA D "O4'" 
620 C "C3'" . DA D 1  ? 3.76955 2.29844 4.59685 -1.41763 -0.37712 -0.78862 11 DA D "C3'" 
621 O "O3'" . DA D 1  ? 3.84652 2.47333 4.68782 -1.43213 -0.43281 -0.83229 11 DA D "O3'" 
622 C "C2'" . DA D 1  ? 3.66753 2.12862 4.41383 -1.30730 -0.32190 -0.73670 11 DA D "C2'" 
623 C "C1'" . DA D 1  ? 3.82016 2.05710 4.37024 -1.30068 -0.36049 -0.75550 11 DA D "C1'" 
624 N N9    . DA D 1  ? 3.79779 1.90221 4.25585 -1.22181 -0.31646 -0.70455 11 DA D N9    
625 C C8    . DA D 1  ? 3.70023 1.83863 4.22979 -1.19018 -0.24787 -0.65361 11 DA D C8    
626 N N7    . DA D 1  ? 3.73006 1.75121 4.16708 -1.11788 -0.22066 -0.61560 11 DA D N7    
627 C C5    . DA D 1  ? 3.79837 1.69311 4.09188 -1.09276 -0.27966 -0.64169 11 DA D C5    
628 C C6    . DA D 1  ? 3.89469 1.66996 4.06960 -1.00197 -0.28412 -0.62137 11 DA D C6    
629 N N6    . DA D 1  ? 4.14696 1.88776 4.33284 -0.93847 -0.23386 -0.57232 11 DA D N6    
630 N N1    . DA D 1  ? 3.92391 1.62987 3.97733 -0.98026 -0.33800 -0.65554 11 DA D N1    
631 C C2    . DA D 1  ? 3.99259 1.74692 4.03419 -1.05610 -0.37069 -0.70976 11 DA D C2    
632 N N3    . DA D 1  ? 3.96202 1.84679 4.13425 -1.14499 -0.37406 -0.73626 11 DA D N3    
633 C C4    . DA D 1  ? 3.86368 1.81077 4.15880 -1.15531 -0.33067 -0.69735 11 DA D C4    
634 P P     . DC D 2  ? 4.45506 3.29861 5.42311 -1.36059 -0.41888 -0.81942 12 DC D P     
635 O OP1   . DC D 2  ? 4.01394 3.01964 5.08809 -1.42409 -0.48245 -0.86771 12 DC D OP1   
636 O OP2   . DC D 2  ? 3.66128 2.58519 4.73109 -1.30641 -0.34745 -0.76370 12 DC D OP2   
637 O "O5'" . DC D 2  ? 3.68047 2.42998 4.50817 -1.27575 -0.41955 -0.81647 12 DC D "O5'" 
638 C "C5'" . DC D 2  ? 3.65005 2.23133 4.30523 -1.30631 -0.46098 -0.85813 12 DC D "C5'" 
639 C "C4'" . DC D 2  ? 3.57022 2.09667 4.11532 -1.21345 -0.44688 -0.85159 12 DC D "C4'" 
640 O "O4'" . DC D 2  ? 3.91998 2.25365 4.31899 -1.16202 -0.39770 -0.80527 12 DC D "O4'" 
641 C "C3'" . DC D 2  ? 3.74821 2.46513 4.43029 -1.12497 -0.43236 -0.82534 12 DC D "C3'" 
642 O "O3'" . DC D 2  ? 3.79414 2.54451 4.48203 -1.07323 -0.47217 -0.87191 12 DC D "O3'" 
643 C "C2'" . DC D 2  ? 3.51483 2.15765 4.15129 -1.04731 -0.36134 -0.75311 12 DC D "C2'" 
644 C "C1'" . DC D 2  ? 3.81069 2.20648 4.23211 -1.05759 -0.35294 -0.75663 12 DC D "C1'" 
645 N N1    . DC D 2  ? 3.53725 1.82530 3.90275 -1.01729 -0.30027 -0.69181 12 DC D N1    
646 C C2    . DC D 2  ? 3.44527 1.55629 3.62804 -0.95559 -0.28230 -0.66543 12 DC D C2    
647 O O2    . DC D 2  ? 3.50669 1.56388 3.57786 -0.93090 -0.29105 -0.69819 12 DC D O2    
648 N N3    . DC D 2  ? 3.41743 1.46465 3.58084 -0.91009 -0.24841 -0.60383 12 DC D N3    
649 C C4    . DC D 2  ? 3.33529 1.47769 3.64275 -0.93510 -0.21655 -0.57728 12 DC D C4    
650 N N4    . DC D 2  ? 3.29768 1.39865 3.60230 -0.89122 -0.17260 -0.52422 12 DC D N4    
651 C C5    . DC D 2  ? 3.35947 1.67264 3.83590 -0.99744 -0.22008 -0.60516 12 DC D C5    
652 C C6    . DC D 2  ? 3.37380 1.75374 3.87558 -1.03474 -0.26851 -0.65932 12 DC D C6    
653 P P     . DG D 3  ? 3.98464 2.96316 4.87011 -0.99417 -0.50909 -0.87514 13 DG D P     
654 O OP1   . DG D 3  ? 3.14121 2.23522 4.11521 -1.03602 -0.59568 -0.95177 13 DG D OP1   
655 O OP2   . DG D 3  ? 3.29941 2.39030 4.30181 -0.97815 -0.46469 -0.81738 13 DG D OP2   
656 O "O5'" . DG D 3  ? 3.63451 2.53699 4.43153 -0.88141 -0.49645 -0.84982 13 DG D "O5'" 
657 C "C5'" . DG D 3  ? 3.64256 2.48618 4.36376 -0.85964 -0.54909 -0.90359 13 DG D "C5'" 
658 C "C4'" . DG D 3  ? 3.65544 2.32762 4.20217 -0.78823 -0.49821 -0.86656 13 DG D "C4'" 
659 O "O4'" . DG D 3  ? 3.86920 2.40051 4.29166 -0.81723 -0.40723 -0.80901 13 DG D "O4'" 
660 C "C3'" . DG D 3  ? 3.26618 2.01377 3.86546 -0.66627 -0.50652 -0.81685 13 DG D "C3'" 
661 O "O3'" . DG D 3  ? 3.59478 2.22075 4.05172 -0.60193 -0.50832 -0.81782 13 DG D "O3'" 
662 C "C2'" . DG D 3  ? 3.03446 1.76408 3.61835 -0.65595 -0.41772 -0.73538 13 DG D "C2'" 
663 C "C1'" . DG D 3  ? 3.78072 2.31315 4.18026 -0.72621 -0.35634 -0.73372 13 DG D "C1'" 
664 N N9    . DG D 3  ? 3.72865 2.23739 4.10355 -0.75341 -0.29623 -0.66948 13 DG D N9    
665 C C8    . DG D 3  ? 3.43046 2.07957 3.96935 -0.79327 -0.30272 -0.66131 13 DG D C8    
666 N N7    . DG D 3  ? 3.30938 1.92725 3.85333 -0.79386 -0.25294 -0.61171 13 DG D N7    
667 C C5    . DG D 3  ? 3.33007 1.77210 3.69300 -0.75281 -0.22050 -0.58040 13 DG D C5    
668 C C6    . DG D 3  ? 3.03340 1.38658 3.33131 -0.72937 -0.17633 -0.52150 13 DG D C6    
669 O O6    . DG D 3  ? 2.81246 1.23631 3.21453 -0.74209 -0.14607 -0.48986 13 DG D O6    
670 N N1    . DG D 3  ? 2.96912 1.14874 3.07080 -0.68121 -0.16720 -0.50169 13 DG D N1    
671 C C2    . DG D 3  ? 3.28520 1.41163 3.28068 -0.65320 -0.16960 -0.53773 13 DG D C2    
672 N N2    . DG D 3  ? 3.09158 1.10435 2.92494 -0.58866 -0.13591 -0.50571 13 DG D N2    
673 N N3    . DG D 3  ? 3.57405 1.77672 3.64115 -0.68329 -0.20444 -0.60309 13 DG D N3    
674 C C4    . DG D 3  ? 3.55884 1.92580 3.80918 -0.72810 -0.23880 -0.61564 13 DG D C4    
675 P P     . DG D 4  ? 3.90632 2.60338 4.39550 -0.47460 -0.56229 -0.78460 14 DG D P     
676 O OP1   . DG D 4  ? 3.72482 2.51024 4.27824 -0.46181 -0.67999 -0.85304 14 DG D OP1   
677 O OP2   . DG D 4  ? 3.25056 2.05084 3.84178 -0.43198 -0.53035 -0.71530 14 DG D OP2   
678 O "O5'" . DG D 4  ? 3.76058 2.28183 4.05008 -0.42004 -0.50352 -0.75042 14 DG D "O5'" 
679 C "C5'" . DG D 4  ? 3.75270 2.11523 3.90776 -0.47523 -0.39545 -0.73959 14 DG D "C5'" 
680 C "C4'" . DG D 4  ? 3.79625 2.10286 3.86356 -0.40884 -0.29820 -0.65222 14 DG D "C4'" 
681 O "O4'" . DG D 4  ? 3.63456 1.92615 3.68800 -0.46286 -0.21938 -0.60668 14 DG D "O4'" 
682 C "C3'" . DG D 4  ? 3.69448 2.11378 3.81739 -0.30514 -0.33833 -0.59304 14 DG D "C3'" 
683 O "O3'" . DG D 4  ? 3.96494 2.31941 3.97748 -0.24073 -0.25694 -0.52767 14 DG D "O3'" 
684 C "C2'" . DG D 4  ? 3.01277 1.54215 3.25011 -0.33417 -0.31810 -0.55773 14 DG D "C2'" 
685 C "C1'" . DG D 4  ? 3.38275 1.78582 3.49938 -0.40127 -0.21114 -0.53643 14 DG D "C1'" 
686 N N9    . DG D 4  ? 3.18362 1.66111 3.39087 -0.45498 -0.20641 -0.51701 14 DG D N9    
687 C C8    . DG D 4  ? 3.16642 1.80211 3.56033 -0.48587 -0.26591 -0.54751 14 DG D C8    
688 N N7    . DG D 4  ? 3.00888 1.70148 3.47348 -0.52409 -0.23689 -0.51969 14 DG D N7    
689 C C5    . DG D 4  ? 2.84802 1.41790 3.19093 -0.51341 -0.17649 -0.47062 14 DG D C5    
690 C C6    . DG D 4  ? 2.62419 1.21063 3.00761 -0.53262 -0.13727 -0.42779 14 DG D C6    
691 O O6    . DG D 4  ? 2.42846 1.14178 2.96856 -0.56399 -0.13217 -0.42767 14 DG D O6    
692 N N1    . DG D 4  ? 2.73361 1.18223 2.96401 -0.50491 -0.10242 -0.38248 14 DG D N1    
693 C C2    . DG D 4  ? 2.96200 1.25864 3.00273 -0.46423 -0.09632 -0.37799 14 DG D C2    
694 N N2    . DG D 4  ? 2.84405 1.07329 2.78819 -0.42259 -0.08603 -0.32252 14 DG D N2    
695 N N3    . DG D 4  ? 2.87159 1.15568 2.88179 -0.44667 -0.10343 -0.42318 14 DG D N3    
696 C C4    . DG D 4  ? 2.95577 1.38555 3.12896 -0.47216 -0.15611 -0.46711 14 DG D C4    
697 P P     . DA D 5  ? 4.40256 2.70155 4.31959 -0.16037 -0.29777 -0.52813 15 DA D P     
698 O OP1   . DA D 5  ? 3.86293 2.09329 3.75222 -0.20220 -0.36738 -0.61898 15 DA D OP1   
699 O OP2   . DA D 5  ? 3.26314 1.66213 3.19031 -0.06863 -0.36219 -0.47216 15 DA D OP2   
700 O "O5'" . DA D 5  ? 3.68395 1.91168 3.54444 -0.14511 -0.16782 -0.47955 15 DA D "O5'" 
701 C "C5'" . DA D 5  ? 3.26310 1.45014 3.16295 -0.20657 -0.07150 -0.47275 15 DA D "C5'" 
702 C "C4'" . DA D 5  ? 3.65828 1.91970 3.59486 -0.15037 -0.01634 -0.38053 15 DA D "C4'" 
703 O "O4'" . DA D 5  ? 3.75309 2.05140 3.68077 -0.20236 0.02190  -0.35270 15 DA D "O4'" 
704 C "C3'" . DA D 5  ? 3.54646 1.89652 3.45816 -0.06599 -0.07053 -0.32081 15 DA D "C3'" 
705 O "O3'" . DA D 5  ? 3.46969 1.86613 3.39240 -0.01506 -0.03430 -0.24483 15 DA D "O3'" 
706 C "C2'" . DA D 5  ? 3.03925 1.46630 2.99599 -0.09557 -0.08633 -0.31523 15 DA D "C2'" 
707 C "C1'" . DA D 5  ? 3.08938 1.47582 3.03278 -0.15752 -0.00364 -0.30154 15 DA D "C1'" 
708 N N9    . DA D 5  ? 2.90537 1.32496 2.88463 -0.21368 -0.04792 -0.31235 15 DA D N9    
709 C C8    . DA D 5  ? 2.88112 1.40933 2.98345 -0.22479 -0.13065 -0.35243 15 DA D C8    
710 N N7    . DA D 5  ? 2.70016 1.31877 2.91558 -0.26815 -0.14752 -0.35264 15 DA D N7    
711 C C5    . DA D 5  ? 2.77198 1.33784 2.92652 -0.28521 -0.09138 -0.30734 15 DA D C5    
712 C C6    . DA D 5  ? 2.46841 1.11682 2.72900 -0.32151 -0.08036 -0.28649 15 DA D C6    
713 N N6    . DA D 5  ? 2.24031 1.03298 2.68428 -0.34966 -0.10497 -0.31068 15 DA D N6    
714 N N1    . DA D 5  ? 2.30108 0.89756 2.49482 -0.32089 -0.04422 -0.24094 15 DA D N1    
715 C C2    . DA D 5  ? 2.55949 1.01748 2.57023 -0.28450 -0.03910 -0.21333 15 DA D C2    
716 N N3    . DA D 5  ? 2.62165 1.01454 2.50837 -0.24261 -0.02542 -0.22463 15 DA D N3    
717 C C4    . DA D 5  ? 2.85101 1.28110 2.83027 -0.25214 -0.04078 -0.27915 15 DA D C4    
718 P P     . DC D 6  ? 4.08548 2.42602 3.87457 0.04663  -0.07006 -0.21298 16 DC D P     
719 O OP1   . DC D 6  ? 3.49600 1.71102 3.24490 0.01953  -0.08352 -0.28317 16 DC D OP1   
720 O OP2   . DC D 6  ? 3.54525 1.94848 3.22420 0.11467  -0.12353 -0.16548 16 DC D OP2   
721 O "O5'" . DC D 6  ? 3.69893 2.06549 3.50229 0.04980  -0.02713 -0.15094 16 DC D "O5'" 
722 C "C5'" . DC D 6  ? 3.54522 1.96528 3.52735 -0.00154 -0.00038 -0.15464 16 DC D "C5'" 
723 C "C4'" . DC D 6  ? 3.37354 1.93149 3.39200 0.01437  0.00089  -0.09051 16 DC D "C4'" 
724 O "O4'" . DC D 6  ? 3.09482 1.77477 3.28198 -0.02721 0.01702  -0.11656 16 DC D "O4'" 
725 C "C3'" . DC D 6  ? 3.35790 1.96544 3.25897 0.07037  -0.00664 -0.04965 16 DC D "C3'" 
726 O "O3'" . DC D 6  ? 3.60069 2.19671 3.30638 0.10824  0.00907  0.00398  16 DC D "O3'" 
727 C "C2'" . DC D 6  ? 2.67080 1.41432 2.70275 0.05855  0.00580  -0.03124 16 DC D "C2'" 
728 C "C1'" . DC D 6  ? 2.87152 1.66157 3.06252 -0.00344 0.03589  -0.07203 16 DC D "C1'" 
729 N N1    . DC D 6  ? 2.65512 1.31167 2.60768 -0.03404 0.07669  -0.10539 16 DC D N1    
730 C C2    . DC D 6  ? 2.20677 0.83216 2.10514 -0.08341 0.01872  -0.10860 16 DC D C2    
731 O O2    . DC D 6  ? 2.41679 1.04940 2.30391 -0.10104 -0.01778 -0.07822 16 DC D O2    
732 N N3    . DC D 6  ? 2.08689 0.77229 2.13050 -0.10608 -0.02752 -0.14854 16 DC D N3    
733 C C4    . DC D 6  ? 2.58339 1.30102 2.67684 -0.07675 -0.07418 -0.17905 16 DC D C4    
734 N N4    . DC D 6  ? 2.72503 1.54054 2.95565 -0.09271 -0.14282 -0.21480 16 DC D N4    
735 C C5    . DC D 6  ? 2.66943 1.34503 2.69823 -0.02483 -0.07108 -0.17287 16 DC D C5    
736 C C6    . DC D 6  ? 2.76037 1.39789 2.74578 -0.00672 0.00483  -0.13721 16 DC D C6    
737 P P     . DG D 7  ? 3.30257 1.97455 2.96818 0.10130  0.06391  0.05481  17 DG D P     
738 O OP1   . DG D 7  ? 3.06700 1.75231 2.87260 0.04829  0.06865  0.04255  17 DG D OP1   
739 O OP2   . DG D 7  ? 3.38719 2.00335 2.84034 0.13554  0.11758  0.07895  17 DG D OP2   
740 O "O5'" . DG D 7  ? 2.80422 1.60412 2.47532 0.12391  0.05293  0.08177  17 DG D "O5'" 
741 C "C5'" . DG D 7  ? 2.96604 1.85601 2.58034 0.12767  0.11124  0.11426  17 DG D "C5'" 
742 C "C4'" . DG D 7  ? 2.84529 1.79374 2.60035 0.08368  0.12359  0.11439  17 DG D "C4'" 
743 O "O4'" . DG D 7  ? 3.15484 2.08029 3.07314 0.05497  0.04065  0.08255  17 DG D "O4'" 
744 C "C3'" . DG D 7  ? 3.00459 2.08372 2.77137 0.08901  0.15860  0.13387  17 DG D "C3'" 
745 O "O3'" . DG D 7  ? 2.52412 1.64800 2.35620 0.06075  0.21453  0.13423  17 DG D "O3'" 
746 C "C2'" . DG D 7  ? 3.10397 2.20864 2.98031 0.08313  0.07081  0.12379  17 DG D "C2'" 
747 C "C1'" . DG D 7  ? 2.99037 2.00399 2.96680 0.04906  0.01304  0.08964  17 DG D "C1'" 
748 N N9    . DG D 7  ? 2.76820 1.82349 2.86583 0.05127  -0.05793 0.05650  17 DG D N9    
749 C C8    . DG D 7  ? 3.15365 2.18437 3.23920 0.09071  0.00841  0.05561  17 DG D C8    
750 N N7    . DG D 7  ? 2.89934 1.86388 2.92571 0.09545  0.02297  0.02421  17 DG D N7    
751 C C5    . DG D 7  ? 2.60087 1.52347 2.55945 0.05589  0.03623  0.00697  17 DG D C5    
752 C C6    . DG D 7  ? 2.42306 1.36654 2.48653 0.03078  -0.03080 -0.03076 17 DG D C6    
753 O O6    . DG D 7  ? 2.15004 1.13141 2.28664 0.04561  -0.09760 -0.06052 17 DG D O6    
754 N N1    . DG D 7  ? 2.03477 1.03106 2.17973 -0.01499 -0.02841 -0.03255 17 DG D N1    
755 C C2    . DG D 7  ? 2.19014 1.19124 2.30245 -0.03277 0.00285  -0.00335 17 DG D C2    
756 N N2    . DG D 7  ? 1.88393 0.99565 2.16196 -0.07029 0.02591  -0.00866 17 DG D N2    
757 N N3    . DG D 7  ? 2.14689 1.09791 2.13279 -0.01078 -0.00292 0.02696  17 DG D N3    
758 C C4    . DG D 7  ? 2.32927 1.23161 2.17111 0.03357  -0.01320 0.02581  17 DG D C4    
759 P P     . DA D 8  ? 3.11103 2.38132 2.98438 0.06961  0.27888  0.14371  18 DA D P     
760 O OP1   . DA D 8  ? 3.32237 2.61664 3.26528 0.04952  0.34338  0.13673  18 DA D OP1   
761 O OP2   . DA D 8  ? 2.62264 1.93858 2.38622 0.11453  0.31496  0.14904  18 DA D OP2   
762 O "O5'" . DA D 8  ? 2.77591 2.08956 2.74840 0.05289  0.20977  0.13981  18 DA D "O5'" 
763 C "C5'" . DA D 8  ? 2.25000 1.69117 2.27568 0.06199  0.24814  0.14550  18 DA D "C5'" 
764 C "C4'" . DA D 8  ? 2.33503 1.82790 2.50324 0.03396  0.25141  0.13480  18 DA D "C4'" 
765 O "O4'" . DA D 8  ? 2.68625 2.07482 2.87992 0.00500  0.18461  0.11540  18 DA D "O4'" 
766 C "C3'" . DA D 8  ? 1.86563 1.46406 2.10863 0.04072  0.24390  0.13821  18 DA D "C3'" 
767 O "O3'" . DA D 8  ? 1.82114 1.53553 2.13195 0.05945  0.32127  0.13653  18 DA D "O3'" 
768 C "C2'" . DA D 8  ? 2.22440 1.80172 2.57157 0.01349  0.19381  0.12070  18 DA D "C2'" 
769 C "C1'" . DA D 8  ? 2.65233 2.07830 2.92613 -0.00124 0.14413  0.10398  18 DA D "C1'" 
770 N N9    . DA D 8  ? 2.36882 1.69515 2.54003 0.01824  0.06583  0.09597  18 DA D N9    
771 C C8    . DA D 8  ? 2.27049 1.52947 2.30880 0.04803  0.02671  0.10724  18 DA D C8    
772 N N7    . DA D 8  ? 2.00299 1.18616 1.94785 0.07594  -0.02236 0.08813  18 DA D N7    
773 C C5    . DA D 8  ? 2.23649 1.44238 2.31032 0.05878  -0.00691 0.06867  18 DA D C5    
774 C C6    . DA D 8  ? 2.14223 1.36799 2.30515 0.06897  -0.04666 0.04281  18 DA D C6    
775 N N6    . DA D 8  ? 2.16363 1.36637 2.28221 0.10782  -0.07552 0.04107  18 DA D N6    
776 N N1    . DA D 8  ? 1.80758 1.11176 2.14467 0.03724  -0.07302 0.01618  18 DA D N1    
777 C C2    . DA D 8  ? 2.07973 1.44821 2.51023 0.00240  -0.03283 0.02140  18 DA D C2    
778 N N3    . DA D 8  ? 2.26640 1.64645 2.65508 -0.00743 0.02272  0.04798  18 DA D N3    
779 C C4    . DA D 8  ? 2.20691 1.50834 2.42263 0.01859  0.02394  0.06989  18 DA D C4    
780 P P     . DG D 9  ? 1.71696 1.54517 2.06588 0.08405  0.33539  0.13982  19 DG D P     
781 O OP1   . DG D 9  ? 2.26706 2.12215 2.55231 0.08574  0.31355  0.11916  19 DG D OP1   
782 O OP2   . DG D 9  ? 1.87167 1.66436 2.10971 0.08955  0.29412  0.15005  19 DG D OP2   
783 O "O5'" . DG D 9  ? 1.71662 1.58577 2.20033 0.06196  0.29869  0.13711  19 DG D "O5'" 
784 C "C5'" . DG D 9  ? 1.87491 1.76081 2.46421 0.05301  0.31517  0.12071  19 DG D "C5'" 
785 C "C4'" . DG D 9  ? 2.05142 1.95527 2.76633 0.03371  0.27077  0.11260  19 DG D "C4'" 
786 O "O4'" . DG D 9  ? 2.03984 1.84155 2.68554 0.01147  0.19917  0.11013  19 DG D "O4'" 
787 C "C3'" . DG D 9  ? 2.17957 2.13692 2.87806 0.03775  0.23653  0.11564  19 DG D "C3'" 
788 O "O3'" . DG D 9  ? 1.83106 1.80584 2.61534 0.02991  0.21896  0.09789  19 DG D "O3'" 
789 C "C2'" . DG D 9  ? 1.55382 1.49792 2.25159 0.03216  0.19658  0.13147  19 DG D "C2'" 
790 C "C1'" . DG D 9  ? 1.42560 1.25162 2.08451 0.01469  0.14980  0.11497  19 DG D "C1'" 
791 N N9    . DG D 9  ? 1.55497 1.27559 2.05627 0.02397  0.10008  0.12061  19 DG D N9    
792 C C8    . DG D 9  ? 1.94412 1.62356 2.29954 0.04032  0.11729  0.13656  19 DG D C8    
793 N N7    . DG D 9  ? 1.76076 1.33876 1.98895 0.05913  0.05921  0.13360  19 DG D N7    
794 C C5    . DG D 9  ? 2.01157 1.56754 2.30623 0.05895  0.01048  0.11366  19 DG D C5    
795 C C6    . DG D 9  ? 2.00192 1.48558 2.23762 0.08837  -0.04342 0.09925  19 DG D C6    
796 O O6    . DG D 9  ? 1.92027 1.33469 2.01894 0.12595  -0.04642 0.10714  19 DG D O6    
797 N N1    . DG D 9  ? 1.84941 1.37943 2.23977 0.07538  -0.08803 0.07243  19 DG D N1    
798 C C2    . DG D 9  ? 2.34529 1.96318 2.90566 0.04257  -0.07414 0.06260  19 DG D C2    
799 N N2    . DG D 9  ? 2.29544 1.94882 2.98870 0.03826  -0.12600 0.03037  19 DG D N2    
800 N N3    . DG D 9  ? 2.29018 1.97083 2.89790 0.02255  -0.01080 0.07989  19 DG D N3    
801 C C4    . DG D 9  ? 1.81841 1.46820 2.29160 0.03177  0.02925  0.10486  19 DG D C4    
802 P P     . DT D 10 ? 2.30631 2.31194 3.05351 0.03024  0.18538  0.09669  20 DT D P     
803 O OP1   . DT D 10 ? 2.08996 2.09932 2.88555 0.03158  0.19105  0.07832  20 DT D OP1   
804 O OP2   . DT D 10 ? 1.89053 1.90418 2.49537 0.03881  0.18420  0.10544  20 DT D OP2   
805 O "O5'" . DT D 10 ? 1.61495 1.62746 2.46065 0.01862  0.14047  0.10032  20 DT D "O5'" 
806 C "C5'" . DT D 10 ? 1.86043 1.86390 2.85627 0.01010  0.11394  0.07981  20 DT D "C5'" 
807 C "C4'" . DT D 10 ? 2.10277 2.11262 3.16205 0.00326  0.04626  0.06925  20 DT D "C4'" 
808 O "O4'" . DT D 10 ? 1.56614 1.50415 2.53045 0.00346  -0.00017 0.07498  20 DT D "O4'" 
809 C "C3'" . DT D 10 ? 2.16560 2.19373 3.14824 0.00323  0.04511  0.08022  20 DT D "C3'" 
810 O "O3'" . DT D 10 ? 2.13939 2.17197 3.20186 -0.00116 0.00437  0.05648  20 DT D "O3'" 
811 C "C2'" . DT D 10 ? 1.80943 1.82971 2.73326 0.00227  0.02907  0.10629  20 DT D "C2'" 
812 C "C1'" . DT D 10 ? 1.49745 1.44201 2.40491 0.00706  -0.02366 0.09114  20 DT D "C1'" 
813 N N1    . DT D 10 ? 1.62868 1.49105 2.33868 0.02572  -0.02274 0.11013  20 DT D N1    
814 C C2    . DT D 10 ? 1.70450 1.48476 2.31244 0.05146  -0.08262 0.09971  20 DT D C2    
815 O O2    . DT D 10 ? 1.35340 1.12912 2.02789 0.05764  -0.13981 0.07388  20 DT D O2    
816 N N3    . DT D 10 ? 1.30023 1.01472 1.73112 0.07727  -0.07061 0.11609  20 DT D N3    
817 C C4    . DT D 10 ? 1.87131 1.59265 2.22270 0.07365  -0.01459 0.13652  20 DT D C4    
818 O O4    . DT D 10 ? 1.91301 1.57537 2.11264 0.09853  -0.01453 0.14246  20 DT D O4    
819 C C5    . DT D 10 ? 2.06103 1.87990 2.53506 0.04567  0.04534  0.14446  20 DT D C5    
820 C C7    . DT D 10 ? 2.05639 1.91835 2.48167 0.05030  0.11538  0.15854  20 DT D C7    
821 C C6    . DT D 10 ? 1.50775 1.38894 2.14812 0.02710  0.04094  0.13236  20 DT D C6    
822 P P     . DC D 11 ? 2.86496 2.91173 3.88505 -0.00496 0.00755  0.06321  21 DC D P     
823 O OP1   . DC D 11 ? 1.92969 1.98694 3.03290 -0.00485 -0.00397 0.03511  21 DC D OP1   
824 O OP2   . DC D 11 ? 2.58898 2.64785 3.48467 0.00091  0.05631  0.08546  21 DC D OP2   
825 O "O5'" . DC D 11 ? 2.17496 2.19840 3.21510 -0.00986 -0.04750 0.06938  21 DC D "O5'" 
826 C "C5'" . DC D 11 ? 1.63817 1.63637 2.75900 -0.00774 -0.11782 0.04073  21 DC D "C5'" 
827 C "C4'" . DC D 11 ? 1.94103 1.88457 2.98098 0.01137  -0.16908 0.04666  21 DC D "C4'" 
828 O "O4'" . DC D 11 ? 2.35409 2.25413 3.23596 0.02976  -0.14833 0.07167  21 DC D "O4'" 
829 C "C3'" . DC D 11 ? 1.99137 1.93353 2.98942 0.01936  -0.15665 0.06783  21 DC D "C3'" 
830 O "O3'" . DC D 11 ? 2.65868 2.55065 3.60568 0.06434  -0.21820 0.04648  21 DC D "O3'" 
831 C "C2'" . DC D 11 ? 1.68005 1.61642 2.53496 0.02676  -0.10885 0.10756  21 DC D "C2'" 
832 C "C1'" . DC D 11 ? 1.75246 1.63068 2.51022 0.04993  -0.13597 0.09757  21 DC D "C1'" 
833 N N1    . DC D 11 ? 1.79556 1.66407 2.43030 0.05321  -0.08713 0.12494  21 DC D N1    
834 C C2    . DC D 11 ? 1.48751 1.28360 1.95617 0.09187  -0.10525 0.12817  21 DC D C2    
835 O O2    . DC D 11 ? 1.47529 1.23303 1.91286 0.12397  -0.15695 0.11259  21 DC D O2    
836 N N3    . DC D 11 ? 1.21733 1.00067 1.57506 0.09594  -0.06266 0.14521  21 DC D N3    
837 C C4    . DC D 11 ? 1.78102 1.63382 2.19750 0.06544  -0.00353 0.15870  21 DC D C4    
838 N N4    . DC D 11 ? 1.82499 1.67919 2.14699 0.07253  0.03632  0.16794  21 DC D N4    
839 C C5    . DC D 11 ? 1.97709 1.91757 2.56647 0.03387  0.02265  0.15878  21 DC D C5    
840 C C6    . DC D 11 ? 1.58610 1.52685 2.27819 0.02593  -0.02163 0.14208  21 DC D C6    
841 P P     . DA D 12 ? 4.00367 3.88830 4.89454 0.09915  -0.21983 0.06248  22 DA D P     
842 O OP1   . DA D 12 ? 3.22943 3.13404 4.24263 0.10869  -0.25159 0.03172  22 DA D OP1   
843 O OP2   . DA D 12 ? 3.21407 3.11747 4.05195 0.07938  -0.15650 0.10340  22 DA D OP2   
844 O "O5'" . DA D 12 ? 3.38658 3.22573 4.13438 0.15559  -0.26137 0.06092  22 DA D "O5'" 
845 C "C5'" . DA D 12 ? 2.65211 2.45796 3.30171 0.15707  -0.25840 0.06697  22 DA D "C5'" 
846 C "C4'" . DA D 12 ? 3.00210 2.78199 3.49434 0.19179  -0.24072 0.09496  22 DA D "C4'" 
847 O "O4'" . DA D 12 ? 2.86741 2.63368 3.27403 0.17419  -0.19269 0.11656  22 DA D "O4'" 
848 C "C3'" . DA D 12 ? 2.81954 2.61728 3.29360 0.20294  -0.21368 0.11724  22 DA D "C3'" 
849 O "O3'" . DA D 12 ? 2.92268 2.70586 3.30650 0.25321  -0.23267 0.12499  22 DA D "O3'" 
850 C "C2'" . DA D 12 ? 1.70466 1.51159 2.12821 0.16945  -0.15004 0.14345  22 DA D "C2'" 
851 C "C1'" . DA D 12 ? 2.31177 2.08663 2.64276 0.17743  -0.14797 0.14257  22 DA D "C1'" 
852 N N9    . DA D 12 ? 1.74875 1.54201 2.06013 0.14241  -0.09657 0.15558  22 DA D N9    
853 C C8    . DA D 12 ? 1.77317 1.63253 2.20062 0.09364  -0.05565 0.16437  22 DA D C8    
854 N N7    . DA D 12 ? 1.64172 1.53451 2.03865 0.07693  -0.00535 0.17625  22 DA D N7    
855 C C5    . DA D 12 ? 1.59410 1.42074 1.83940 0.11093  -0.02365 0.17086  22 DA D C5    
856 C C6    . DA D 12 ? 1.94662 1.77561 2.10988 0.11200  0.00646  0.17274  22 DA D C6    
857 N N6    . DA D 12 ? 2.03776 1.95034 2.25402 0.09027  0.07556  0.18135  22 DA D N6    
858 N N1    . DA D 12 ? 2.10161 1.86043 2.14697 0.14159  -0.03457 0.16116  22 DA D N1    
859 C C2    . DA D 12 ? 1.69859 1.39882 1.68245 0.18264  -0.08147 0.14584  22 DA D C2    
860 N N3    . DA D 12 ? 1.71447 1.43040 1.77663 0.20229  -0.08584 0.15947  22 DA D N3    
861 C C4    . DA D 12 ? 1.63962 1.40535 1.82793 0.15417  -0.07516 0.16016  22 DA D C4    
# 
